data_9BI5
#
_entry.id   9BI5
#
_cell.length_a   1.00
_cell.length_b   1.00
_cell.length_c   1.00
_cell.angle_alpha   90.00
_cell.angle_beta   90.00
_cell.angle_gamma   90.00
#
_symmetry.space_group_name_H-M   'P 1'
#
loop_
_entity.id
_entity.type
_entity.pdbx_description
1 polymer 'DNA repair protein RAD50'
2 polymer 'Double-strand break repair protein MRE11'
3 non-polymer "ADENOSINE-5'-TRIPHOSPHATE"
4 non-polymer 'MANGANESE (II) ION'
#
loop_
_entity_poly.entity_id
_entity_poly.type
_entity_poly.pdbx_seq_one_letter_code
_entity_poly.pdbx_strand_id
1 'polypeptide(L)'
;MSAIYKLSIQGIRSFDSNDRETIEFGKPLTLIVGMNGSGKTTIIECLKYATTGDLPPNSKGGVFIHDPKITGEKDIRAQV
KLAFTSANGLNMIVTRNIQLLMKKTTTTFKTLEGQLVAINNSGDRSTLSTRSLELDAQVPLYLGVPKAILEYVIFCHQED
SLWPLSEPSNLKKKFDEIFQAMKFTKALDNLKSIKKDMSVDIKLLKQSVEHLKLDKDRSKAMKLNIHQLQTKIDQYNEEV
SEIESQLNEITEKSDKLFKSNQDFQKILSKVENLKNTKLSISDQVKRLSNSIDILDLSKPDLQNLLANFSKVLMDKNNQL
RDLETDISSLKDRQSSLQSLSNSLIRRQGELEAGKETYEKNRNHLSSLKEAFQHKFQGLSNIENSDMAQVNHEMSQFKAF
ISQDLTDTIDQFAKDIQLKETNLSDLIKSITVDSQNLEYNKKDRSKLIHDSEELAEKLKSFKSLSTQDSLNHELENLKTY
KEKLQSWESENIIPKLNQKIEEKNNEMIILENQIEKFQDRIMKTNQQADLYAKLGLIKKSINTKLDELQKITEKLQNDSR
IRQVFPLTQEFQRADLEMDFQKLFINMQKNIAINNKKMHELDRRYTNALYNLNTIEKDLQDNQKSKEKVIQLLSENLPED
CTIDEYNDVLEETELSYKTALENLKMHQTTLEFNRKALEIAERDSCCYLCSRKFENESFKSKLLQELKTKTDANFEKTLK
DTVQNEKEYLHSLRLLEKHIITLNSINEKIDNSQKCLEKAKEETKTSKSKLDELEVDSTKLKDEKELAESEIRPLIEKFT
YLEKELKDLENSSKTISEELSIYNTSEDGIQTVDELRDQQRKMNDSLRELRKTISDLQMEKDEKVRENSRMINLIKEKEL
TVSEIESSLTQKQNIDDSIRSKRENINDIDSRVKELEARIISLKNKKDEAQSVLDKVKNERDIQVRNKQKTVADINRLID
RFQTIYNEVVDFEAKGFDELQTTIKELELNKAQMLELKEQLDLKSNEVNEEKRKLADSNNEEKNLKQNLELIELKSQLQH
IESEISRLDVQNAEAERDKYQEESLRLRTRFEKLSSENAGKLGEMKQLQNQIDSLTHQLRTDYKDIEKNYHKEWVELQTR
SFVTDDIDVYSKALDSAIMKYHGLKMQDINRIIDELWKRTYSGTDIDTIKIRSDEVSSTVKGKSYNYRVVMYKQDVELDM
RGRCSAGQKVLASIIIRLALSETFGANCGVIALDQPTTNLDEENIESLAKSLHNIINMRRHQKNFQLIVITHDEKFLGHM
NAAAFTDHFFKVKRDDRQKSQIEWVDINRVTY
;
D,C
2 'polypeptide(L)'
;MDYPDPDTIRILITTDNHVGYNENDPITGDDSWKTFHEVMMLAKNNNVDMVVQSGDLFHVNKPSKKSLYQVLKTLRLCCM
GDKPCELELLSDPSQVFHYDEFTNVNYEDPNFNISIPVFGISGNHDDASGDSLLCPMDILHATGLINHFGKVIESDKIKV
VPLLFQKGSTKLALYGLAAVRDERLFRTFKDGGVTFEVPTMREGEWFNLMCVHQNHTGHTNTAFLPEQFLPDFLDMVIWG
HEHECIPNLVHNPIKNFDVLQPGSSVATSLCEAEAQPKYVFILDIKYGEAPKMTPIPLETIRTFKMKSISLQDVPHLRPH
DKDATSKYLIEQVEEMIRDANEETKQKLADDGEGDMVAELPKPLIRLRVDYSAPSNTQSPIDYQVENPRRFSNRFVGRVA
NGNNVVQFYKKRSPVTRSKKSGINGTSISDRDVEKLFSESGGELEVQTLVNDLLNKMQLSLLPEVGLNEAVKKFVDKDEK
TALKEFISHEISNEVGILSTNEEFLRTDDAEEMKALIKQVKRANSVRPTPPKENDETNFAFNGNGLDSFRSSNREVRTGS
PDITQSHVDNESRITHISQAESSKPTSKPKRVRTATKKKIPAFSDSTVISDAENELGDNNDAQDDVDIDENDIIMVSTDE
EDASYGLLNGRKTKTKTRPAASTKTASRRGKGRASRTPKTDILGSLLAKKRKYDYKDDDDKHHHHH
;
A,B
#
# COMPACT_ATOMS: atom_id res chain seq x y z
N ALA A 3 2.54 32.60 6.44
CA ALA A 3 1.62 31.68 5.76
C ALA A 3 1.82 31.74 4.25
N ILE A 4 1.25 30.76 3.54
CA ILE A 4 1.28 30.71 2.09
C ILE A 4 -0.15 30.53 1.60
N TYR A 5 -0.51 31.25 0.54
CA TYR A 5 -1.90 31.30 0.09
C TYR A 5 -2.12 30.78 -1.32
N LYS A 6 -1.26 31.12 -2.27
CA LYS A 6 -1.51 30.78 -3.67
C LYS A 6 -0.17 30.80 -4.42
N LEU A 7 -0.17 30.16 -5.59
CA LEU A 7 1.00 30.12 -6.46
C LEU A 7 0.48 30.06 -7.90
N SER A 8 1.33 30.47 -8.85
CA SER A 8 0.97 30.38 -10.26
C SER A 8 2.24 30.19 -11.07
N ILE A 9 2.50 28.95 -11.49
CA ILE A 9 3.65 28.63 -12.33
C ILE A 9 3.26 28.80 -13.79
N GLN A 10 4.09 29.53 -14.54
CA GLN A 10 3.80 29.84 -15.92
C GLN A 10 5.00 29.50 -16.80
N GLY A 11 5.56 28.32 -16.60
CA GLY A 11 6.68 27.91 -17.43
C GLY A 11 7.77 27.15 -16.70
N ILE A 12 7.91 27.34 -15.40
CA ILE A 12 8.95 26.61 -14.67
C ILE A 12 8.62 25.13 -14.71
N ARG A 13 9.62 24.31 -15.09
CA ARG A 13 9.54 22.86 -15.20
C ARG A 13 8.62 22.42 -16.34
N SER A 14 7.84 21.37 -16.11
CA SER A 14 7.02 20.79 -17.17
C SER A 14 5.92 21.73 -17.63
N PHE A 15 5.46 22.62 -16.75
CA PHE A 15 4.36 23.51 -17.08
C PHE A 15 4.75 24.45 -18.24
N ASP A 16 3.76 24.86 -19.02
CA ASP A 16 4.01 25.63 -20.22
C ASP A 16 4.00 27.14 -19.95
N SER A 17 4.63 27.88 -20.86
CA SER A 17 4.73 29.33 -20.71
C SER A 17 3.48 30.06 -21.19
N ASN A 18 2.71 29.47 -22.10
CA ASN A 18 1.60 30.18 -22.69
C ASN A 18 0.39 30.28 -21.78
N ASP A 19 0.37 29.54 -20.67
CA ASP A 19 -0.76 29.62 -19.74
C ASP A 19 -0.26 29.40 -18.32
N ARG A 20 -0.86 30.12 -17.39
CA ARG A 20 -0.53 30.00 -15.98
C ARG A 20 -1.52 29.06 -15.30
N GLU A 21 -1.05 28.32 -14.31
CA GLU A 21 -1.87 27.41 -13.54
C GLU A 21 -1.75 27.75 -12.06
N THR A 22 -2.89 28.02 -11.42
CA THR A 22 -2.89 28.45 -10.04
C THR A 22 -3.20 27.28 -9.13
N ILE A 23 -2.53 27.25 -7.97
CA ILE A 23 -2.76 26.25 -6.94
C ILE A 23 -3.04 26.99 -5.64
N GLU A 24 -4.22 26.74 -5.06
CA GLU A 24 -4.67 27.49 -3.90
C GLU A 24 -4.44 26.64 -2.65
N PHE A 25 -3.39 26.96 -1.91
CA PHE A 25 -3.09 26.26 -0.68
C PHE A 25 -4.15 26.56 0.38
N GLY A 26 -4.42 25.56 1.22
CA GLY A 26 -5.37 25.72 2.30
C GLY A 26 -4.76 25.22 3.60
N LYS A 27 -5.52 25.39 4.67
CA LYS A 27 -5.03 25.01 5.99
C LYS A 27 -5.80 23.80 6.48
N PRO A 28 -5.16 22.87 7.22
CA PRO A 28 -3.73 22.78 7.56
C PRO A 28 -2.88 21.91 6.63
N LEU A 29 -3.41 21.32 5.56
CA LEU A 29 -2.56 20.55 4.66
C LEU A 29 -3.19 20.48 3.29
N THR A 30 -2.33 20.49 2.26
CA THR A 30 -2.75 20.39 0.85
C THR A 30 -1.88 19.32 0.17
N LEU A 31 -2.48 18.18 -0.13
CA LEU A 31 -1.74 17.07 -0.71
C LEU A 31 -1.71 17.15 -2.23
N ILE A 32 -0.57 16.80 -2.81
CA ILE A 32 -0.37 16.88 -4.25
C ILE A 32 0.12 15.51 -4.72
N VAL A 33 -0.83 14.64 -5.07
CA VAL A 33 -0.52 13.33 -5.62
C VAL A 33 -0.38 13.47 -7.13
N GLY A 34 0.16 12.44 -7.78
CA GLY A 34 0.27 12.50 -9.22
C GLY A 34 0.83 11.23 -9.84
N MET A 35 1.69 11.41 -10.84
CA MET A 35 2.36 10.29 -11.48
C MET A 35 3.75 10.75 -11.87
N ASN A 36 4.65 9.78 -12.06
CA ASN A 36 6.08 10.06 -12.11
C ASN A 36 6.48 10.77 -13.39
N GLY A 37 6.35 12.09 -13.39
CA GLY A 37 6.63 12.89 -14.56
C GLY A 37 5.65 14.04 -14.69
N SER A 38 4.61 14.04 -13.84
CA SER A 38 3.60 15.08 -13.94
C SER A 38 4.08 16.39 -13.35
N GLY A 39 4.86 16.35 -12.27
CA GLY A 39 5.33 17.58 -11.67
C GLY A 39 4.71 17.91 -10.33
N LYS A 40 4.55 16.92 -9.46
CA LYS A 40 3.91 17.14 -8.18
C LYS A 40 4.83 17.83 -7.18
N THR A 41 6.14 17.67 -7.31
CA THR A 41 7.10 18.39 -6.48
C THR A 41 7.50 19.73 -7.06
N THR A 42 7.10 20.01 -8.31
CA THR A 42 7.43 21.29 -8.92
C THR A 42 6.71 22.43 -8.21
N ILE A 43 5.50 22.19 -7.71
CA ILE A 43 4.79 23.19 -6.93
C ILE A 43 5.60 23.67 -5.74
N ILE A 44 6.21 22.75 -4.99
CA ILE A 44 7.01 23.11 -3.83
C ILE A 44 8.38 23.64 -4.24
N GLU A 45 8.97 23.07 -5.28
CA GLU A 45 10.23 23.58 -5.79
C GLU A 45 10.13 25.02 -6.27
N CYS A 46 8.97 25.43 -6.78
CA CYS A 46 8.74 26.82 -7.13
C CYS A 46 8.19 27.66 -5.98
N LEU A 47 7.55 27.03 -5.00
CA LEU A 47 7.17 27.74 -3.79
C LEU A 47 8.40 28.19 -3.01
N LYS A 48 9.49 27.44 -3.10
CA LYS A 48 10.75 27.86 -2.48
C LYS A 48 11.59 28.74 -3.38
N TYR A 49 11.16 28.95 -4.63
CA TYR A 49 11.75 29.99 -5.46
C TYR A 49 11.06 31.33 -5.23
N ALA A 50 9.73 31.32 -5.25
CA ALA A 50 8.99 32.58 -5.15
C ALA A 50 9.06 33.21 -3.77
N THR A 51 9.58 32.49 -2.77
CA THR A 51 9.88 33.09 -1.48
C THR A 51 11.35 33.46 -1.34
N THR A 52 12.25 32.60 -1.82
CA THR A 52 13.67 32.78 -1.59
C THR A 52 14.46 33.20 -2.83
N GLY A 53 13.92 33.01 -4.03
CA GLY A 53 14.61 33.47 -5.22
C GLY A 53 15.87 32.68 -5.57
N ASP A 54 15.93 31.41 -5.19
CA ASP A 54 17.05 30.55 -5.51
C ASP A 54 16.60 29.46 -6.46
N LEU A 55 17.45 29.14 -7.41
CA LEU A 55 17.19 28.01 -8.28
C LEU A 55 17.26 26.73 -7.44
N PRO A 56 16.24 25.88 -7.50
CA PRO A 56 16.26 24.62 -6.76
C PRO A 56 17.41 23.73 -7.18
N PRO A 57 17.81 22.76 -6.35
CA PRO A 57 19.10 22.10 -6.54
C PRO A 57 19.25 21.39 -7.87
N ASN A 58 20.48 21.44 -8.39
CA ASN A 58 20.86 20.83 -9.66
C ASN A 58 19.98 21.32 -10.80
N SER A 59 19.79 22.64 -10.83
CA SER A 59 19.11 23.32 -11.93
C SER A 59 20.12 24.33 -12.47
N LYS A 60 20.98 23.85 -13.37
CA LYS A 60 22.05 24.65 -13.94
C LYS A 60 22.14 24.39 -15.43
N GLY A 61 22.66 25.38 -16.15
CA GLY A 61 22.48 25.46 -17.58
C GLY A 61 21.32 26.32 -18.00
N GLY A 62 20.59 26.89 -17.04
CA GLY A 62 19.50 27.80 -17.30
C GLY A 62 18.13 27.14 -17.39
N VAL A 63 18.06 25.82 -17.51
CA VAL A 63 16.77 25.20 -17.82
C VAL A 63 15.98 24.87 -16.55
N PHE A 64 15.19 25.83 -16.13
CA PHE A 64 14.20 25.64 -15.08
C PHE A 64 12.85 25.89 -15.75
N ILE A 65 12.87 26.74 -16.78
CA ILE A 65 11.68 27.16 -17.49
C ILE A 65 11.27 26.07 -18.48
N HIS A 66 10.04 26.16 -19.00
CA HIS A 66 9.54 25.31 -20.08
C HIS A 66 10.48 25.39 -21.26
N ASP A 67 11.08 24.27 -21.64
CA ASP A 67 12.15 24.30 -22.62
C ASP A 67 11.61 24.77 -23.97
N PRO A 68 12.33 25.65 -24.68
CA PRO A 68 11.82 26.14 -25.96
C PRO A 68 11.60 25.05 -26.98
N LYS A 69 12.50 24.07 -27.09
CA LYS A 69 12.44 23.10 -28.17
C LYS A 69 11.28 22.13 -28.05
N ILE A 70 10.60 22.07 -26.89
CA ILE A 70 9.35 21.34 -26.79
C ILE A 70 8.15 22.22 -27.13
N THR A 71 8.38 23.51 -27.37
CA THR A 71 7.34 24.41 -27.87
C THR A 71 7.74 25.04 -29.20
N GLY A 72 8.97 25.55 -29.30
CA GLY A 72 9.46 26.18 -30.52
C GLY A 72 9.76 27.66 -30.39
N GLU A 73 9.26 28.32 -29.35
CA GLU A 73 9.38 29.77 -29.23
C GLU A 73 10.82 30.18 -28.98
N LYS A 74 11.29 31.18 -29.74
CA LYS A 74 12.68 31.61 -29.65
C LYS A 74 12.98 32.26 -28.30
N ASP A 75 12.06 33.09 -27.81
CA ASP A 75 12.22 33.78 -26.53
C ASP A 75 11.11 33.29 -25.61
N ILE A 76 11.49 32.48 -24.64
CA ILE A 76 10.55 31.89 -23.70
C ILE A 76 10.64 32.65 -22.38
N ARG A 77 9.50 32.77 -21.70
CA ARG A 77 9.40 33.59 -20.50
C ARG A 77 8.41 32.95 -19.54
N ALA A 78 8.65 33.13 -18.24
CA ALA A 78 7.78 32.58 -17.20
C ALA A 78 7.52 33.65 -16.15
N GLN A 79 6.46 33.40 -15.37
CA GLN A 79 6.03 34.32 -14.32
C GLN A 79 5.55 33.50 -13.14
N VAL A 80 6.29 33.58 -12.03
CA VAL A 80 5.94 32.89 -10.80
C VAL A 80 5.32 33.90 -9.84
N LYS A 81 4.14 33.58 -9.32
CA LYS A 81 3.33 34.54 -8.57
C LYS A 81 2.84 33.89 -7.28
N LEU A 82 3.54 34.13 -6.19
CA LEU A 82 3.19 33.59 -4.88
C LEU A 82 2.33 34.61 -4.13
N ALA A 83 1.23 34.14 -3.57
CA ALA A 83 0.42 34.92 -2.65
C ALA A 83 0.67 34.43 -1.24
N PHE A 84 1.09 35.33 -0.36
CA PHE A 84 1.34 34.97 1.03
C PHE A 84 0.95 36.12 1.95
N THR A 85 0.37 35.77 3.09
CA THR A 85 0.06 36.73 4.14
C THR A 85 1.29 36.85 5.04
N SER A 86 1.96 38.00 4.99
CA SER A 86 3.19 38.18 5.75
C SER A 86 2.90 38.14 7.25
N ALA A 87 3.92 37.77 8.02
CA ALA A 87 3.77 37.68 9.47
C ALA A 87 3.37 39.02 10.06
N ASN A 88 3.80 40.13 9.44
CA ASN A 88 3.32 41.44 9.86
C ASN A 88 1.82 41.58 9.63
N GLY A 89 1.33 41.06 8.50
CA GLY A 89 -0.08 41.11 8.19
C GLY A 89 -0.39 41.79 6.88
N LEU A 90 0.61 41.84 5.99
CA LEU A 90 0.48 42.47 4.68
C LEU A 90 0.44 41.39 3.61
N ASN A 91 -0.67 41.31 2.89
CA ASN A 91 -0.84 40.36 1.80
C ASN A 91 0.03 40.80 0.65
N MET A 92 1.16 40.11 0.47
CA MET A 92 2.20 40.54 -0.46
C MET A 92 2.22 39.57 -1.64
N ILE A 93 1.51 39.92 -2.71
CA ILE A 93 1.48 39.09 -3.90
C ILE A 93 2.83 39.25 -4.60
N VAL A 94 3.75 38.32 -4.34
CA VAL A 94 5.13 38.46 -4.81
C VAL A 94 5.20 37.81 -6.19
N THR A 95 4.84 38.59 -7.20
CA THR A 95 5.04 38.16 -8.58
C THR A 95 6.53 38.20 -8.89
N ARG A 96 7.02 37.15 -9.54
CA ARG A 96 8.39 37.10 -10.01
C ARG A 96 8.38 36.82 -11.50
N ASN A 97 9.42 37.26 -12.19
CA ASN A 97 9.54 37.07 -13.63
C ASN A 97 10.85 36.36 -13.96
N ILE A 98 10.76 35.40 -14.87
CA ILE A 98 11.92 34.65 -15.35
C ILE A 98 11.84 34.60 -16.87
N GLN A 99 12.97 34.84 -17.54
CA GLN A 99 13.01 34.77 -18.98
C GLN A 99 14.26 34.03 -19.43
N LEU A 100 14.18 33.46 -20.63
CA LEU A 100 15.31 32.76 -21.25
C LEU A 100 15.39 33.24 -22.68
N LEU A 101 16.49 33.88 -23.04
CA LEU A 101 16.69 34.41 -24.39
C LEU A 101 17.60 33.45 -25.14
N MET A 102 16.98 32.54 -25.91
CA MET A 102 17.74 31.56 -26.67
C MET A 102 18.13 32.14 -28.02
N LYS A 103 19.43 32.13 -28.30
CA LYS A 103 19.99 32.55 -29.59
C LYS A 103 19.94 31.37 -30.56
N LYS A 104 20.67 31.49 -31.68
CA LYS A 104 20.77 30.38 -32.61
C LYS A 104 21.37 29.14 -31.94
N THR A 105 22.40 29.32 -31.13
CA THR A 105 23.04 28.17 -30.50
C THR A 105 23.12 28.25 -28.98
N THR A 106 23.40 29.42 -28.41
CA THR A 106 23.64 29.55 -26.98
C THR A 106 22.68 30.55 -26.36
N THR A 107 22.01 30.14 -25.29
CA THR A 107 21.07 31.01 -24.61
C THR A 107 21.78 31.85 -23.55
N THR A 108 21.07 32.87 -23.06
CA THR A 108 21.53 33.74 -21.99
C THR A 108 20.40 33.83 -20.96
N PHE A 109 20.43 32.93 -19.97
CA PHE A 109 19.43 32.91 -18.92
C PHE A 109 19.50 34.21 -18.12
N LYS A 110 18.49 35.05 -18.26
CA LYS A 110 18.43 36.35 -17.61
C LYS A 110 17.15 36.45 -16.79
N THR A 111 17.29 36.82 -15.52
CA THR A 111 16.13 36.97 -14.66
C THR A 111 15.71 38.43 -14.61
N LEU A 112 14.42 38.67 -14.82
CA LEU A 112 13.85 40.01 -14.76
C LEU A 112 13.25 40.27 -13.39
N GLU A 113 12.97 41.54 -13.12
CA GLU A 113 12.39 41.92 -11.84
C GLU A 113 10.94 41.48 -11.75
N GLY A 114 10.47 41.35 -10.52
CA GLY A 114 9.07 41.12 -10.25
C GLY A 114 8.34 42.39 -9.88
N GLN A 115 7.35 42.26 -8.99
CA GLN A 115 6.75 43.44 -8.38
C GLN A 115 6.29 43.01 -6.98
N LEU A 116 7.16 43.25 -5.99
CA LEU A 116 6.84 42.97 -4.60
C LEU A 116 5.91 44.07 -4.10
N VAL A 117 4.65 43.73 -3.87
CA VAL A 117 3.63 44.71 -3.52
C VAL A 117 2.86 44.22 -2.30
N ALA A 118 2.74 45.09 -1.29
CA ALA A 118 1.97 44.79 -0.10
C ALA A 118 0.54 45.25 -0.31
N ILE A 119 -0.35 44.32 -0.66
CA ILE A 119 -1.76 44.64 -0.83
C ILE A 119 -2.40 44.75 0.55
N ASN A 120 -3.02 45.89 0.82
CA ASN A 120 -3.73 46.14 2.06
C ASN A 120 -5.21 45.79 1.87
N ASN A 121 -6.05 46.17 2.84
CA ASN A 121 -7.49 45.93 2.76
C ASN A 121 -8.23 46.99 1.96
N SER A 122 -7.51 47.75 1.13
CA SER A 122 -8.13 48.58 0.10
C SER A 122 -7.56 48.27 -1.28
N GLY A 123 -6.62 47.33 -1.37
CA GLY A 123 -6.09 46.92 -2.66
C GLY A 123 -5.13 47.89 -3.31
N ASP A 124 -4.54 48.80 -2.54
CA ASP A 124 -3.61 49.78 -3.10
C ASP A 124 -2.32 49.07 -3.49
N ARG A 125 -2.15 48.83 -4.80
CA ARG A 125 -0.98 48.13 -5.29
C ARG A 125 0.24 49.02 -5.26
N SER A 126 0.99 48.95 -4.16
CA SER A 126 2.20 49.75 -3.98
C SER A 126 3.41 48.84 -4.08
N THR A 127 4.23 49.04 -5.10
CA THR A 127 5.43 48.22 -5.29
C THR A 127 6.40 48.49 -4.15
N LEU A 128 6.49 47.54 -3.21
CA LEU A 128 7.37 47.73 -2.06
C LEU A 128 8.84 47.79 -2.49
N SER A 129 9.22 46.93 -3.43
CA SER A 129 10.59 46.94 -3.94
C SER A 129 10.59 46.28 -5.30
N THR A 130 11.67 46.54 -6.05
CA THR A 130 11.79 46.06 -7.43
C THR A 130 13.14 45.45 -7.77
N ARG A 131 14.19 45.75 -6.99
CA ARG A 131 15.54 45.25 -7.27
C ARG A 131 15.55 43.74 -7.52
N SER A 132 16.22 43.30 -8.59
CA SER A 132 16.17 41.87 -8.89
C SER A 132 16.94 41.04 -7.86
N LEU A 133 18.12 41.52 -7.47
CA LEU A 133 18.98 40.80 -6.53
C LEU A 133 18.71 41.20 -5.08
N GLU A 134 17.50 41.64 -4.77
CA GLU A 134 17.19 42.16 -3.44
C GLU A 134 15.94 41.51 -2.88
N LEU A 135 15.03 41.09 -3.76
CA LEU A 135 13.84 40.39 -3.31
C LEU A 135 14.20 39.09 -2.59
N ASP A 136 15.26 38.42 -3.05
CA ASP A 136 15.70 37.18 -2.43
C ASP A 136 16.09 37.39 -0.98
N ALA A 137 16.74 38.51 -0.68
CA ALA A 137 17.13 38.86 0.69
C ALA A 137 16.05 39.63 1.43
N GLN A 138 14.96 39.98 0.76
CA GLN A 138 13.92 40.78 1.40
C GLN A 138 12.68 39.99 1.82
N VAL A 139 12.18 39.10 0.96
CA VAL A 139 10.96 38.34 1.30
C VAL A 139 11.12 37.50 2.55
N PRO A 140 12.27 36.87 2.84
CA PRO A 140 12.41 36.20 4.15
C PRO A 140 12.17 37.13 5.34
N LEU A 141 12.51 38.41 5.23
CA LEU A 141 12.22 39.35 6.30
C LEU A 141 10.71 39.51 6.49
N TYR A 142 9.97 39.60 5.38
CA TYR A 142 8.51 39.74 5.48
C TYR A 142 7.87 38.49 6.05
N LEU A 143 8.36 37.31 5.64
CA LEU A 143 7.77 36.07 6.12
C LEU A 143 8.01 35.89 7.61
N GLY A 144 9.19 36.27 8.10
CA GLY A 144 9.51 36.14 9.50
C GLY A 144 10.50 35.04 9.84
N VAL A 145 11.19 34.47 8.86
CA VAL A 145 12.13 33.38 9.11
C VAL A 145 13.41 33.67 8.35
N PRO A 146 14.52 33.09 8.78
CA PRO A 146 15.79 33.29 8.07
C PRO A 146 15.75 32.74 6.65
N LYS A 147 16.81 33.03 5.90
CA LYS A 147 16.91 32.59 4.52
C LYS A 147 17.46 31.18 4.38
N ALA A 148 18.01 30.61 5.45
CA ALA A 148 18.54 29.26 5.40
C ALA A 148 17.60 28.22 6.00
N ILE A 149 16.58 28.65 6.74
CA ILE A 149 15.53 27.72 7.12
C ILE A 149 14.60 27.42 5.95
N LEU A 150 14.42 28.37 5.03
CA LEU A 150 13.54 28.16 3.89
C LEU A 150 14.17 27.24 2.87
N GLU A 151 15.44 27.45 2.54
CA GLU A 151 16.10 26.67 1.50
C GLU A 151 16.62 25.34 2.01
N TYR A 152 16.44 25.03 3.29
CA TYR A 152 16.94 23.77 3.83
C TYR A 152 15.89 23.02 4.64
N VAL A 153 14.94 23.73 5.26
CA VAL A 153 13.96 23.06 6.11
C VAL A 153 12.54 23.35 5.66
N ILE A 154 12.20 24.64 5.50
CA ILE A 154 10.81 25.02 5.24
C ILE A 154 10.30 24.39 3.96
N PHE A 155 11.08 24.49 2.87
CA PHE A 155 10.82 23.74 1.66
C PHE A 155 12.12 23.09 1.21
N CYS A 156 12.13 21.77 1.15
CA CYS A 156 13.33 21.04 0.80
C CYS A 156 13.04 20.13 -0.38
N HIS A 157 14.02 19.99 -1.27
CA HIS A 157 13.84 19.24 -2.49
C HIS A 157 14.38 17.82 -2.33
N GLN A 158 13.67 16.86 -2.93
CA GLN A 158 13.99 15.45 -2.72
C GLN A 158 15.40 15.11 -3.16
N GLU A 159 15.90 15.79 -4.19
CA GLU A 159 17.25 15.53 -4.68
C GLU A 159 18.31 15.83 -3.62
N ASP A 160 18.03 16.77 -2.72
CA ASP A 160 18.93 17.12 -1.63
C ASP A 160 18.19 17.11 -0.30
N SER A 161 17.28 16.15 -0.12
CA SER A 161 16.48 16.06 1.08
C SER A 161 17.08 15.15 2.14
N LEU A 162 18.36 14.81 2.03
CA LEU A 162 19.03 14.00 3.04
C LEU A 162 20.30 14.73 3.51
N TRP A 163 20.10 15.79 4.30
CA TRP A 163 21.08 16.31 5.25
C TRP A 163 20.94 15.68 6.66
N PRO A 164 19.70 15.60 7.27
CA PRO A 164 19.61 15.44 8.73
C PRO A 164 20.39 14.27 9.30
N LEU A 165 20.12 13.07 8.82
CA LEU A 165 20.81 11.87 9.27
C LEU A 165 22.05 11.58 8.45
N SER A 166 22.54 12.58 7.72
CA SER A 166 23.71 12.41 6.89
C SER A 166 24.80 13.40 7.28
N GLU A 167 25.63 13.78 6.31
CA GLU A 167 26.96 14.30 6.61
C GLU A 167 26.91 15.32 7.72
N PRO A 168 27.68 15.08 8.79
CA PRO A 168 27.67 15.99 9.95
C PRO A 168 28.65 17.14 9.82
N SER A 169 29.73 17.10 10.60
CA SER A 169 30.68 18.20 10.60
C SER A 169 30.88 18.84 9.23
N ASN A 170 31.17 18.03 8.23
CA ASN A 170 31.46 18.57 6.92
C ASN A 170 30.29 19.36 6.33
N LEU A 171 29.07 18.90 6.58
CA LEU A 171 27.92 19.55 5.97
C LEU A 171 26.80 19.93 6.93
N LYS A 172 26.50 19.08 7.91
CA LYS A 172 25.39 19.37 8.80
C LYS A 172 25.63 20.72 9.46
N LYS A 173 26.84 20.94 9.95
CA LYS A 173 27.17 22.21 10.57
C LYS A 173 26.99 23.33 9.58
N LYS A 174 27.44 23.12 8.35
CA LYS A 174 27.31 24.14 7.32
C LYS A 174 25.93 24.76 7.40
N PHE A 175 24.93 23.96 7.73
CA PHE A 175 23.60 24.53 7.90
C PHE A 175 23.58 25.50 9.08
N ASP A 176 24.05 25.07 10.25
CA ASP A 176 23.86 25.84 11.46
C ASP A 176 24.79 27.04 11.57
N GLU A 177 25.97 26.97 10.96
CA GLU A 177 27.00 27.98 11.14
C GLU A 177 26.83 29.20 10.25
N ILE A 178 26.04 29.10 9.17
CA ILE A 178 25.91 30.24 8.26
C ILE A 178 25.05 31.36 8.82
N PHE A 179 24.30 31.11 9.88
CA PHE A 179 23.49 32.13 10.55
C PHE A 179 23.72 31.98 12.05
N GLN A 180 22.90 32.70 12.84
CA GLN A 180 22.91 32.61 14.29
C GLN A 180 24.29 32.84 14.88
N ALA A 181 25.23 31.93 14.60
CA ALA A 181 26.62 32.15 14.96
C ALA A 181 27.17 33.39 14.25
N MET A 182 26.73 33.64 13.03
CA MET A 182 27.10 34.85 12.31
C MET A 182 26.00 35.91 12.35
N LYS A 183 24.91 35.66 13.09
CA LYS A 183 23.86 36.66 13.29
C LYS A 183 23.94 37.32 14.67
N PHE A 184 24.03 36.52 15.74
CA PHE A 184 24.17 37.11 17.06
C PHE A 184 25.56 37.66 17.30
N THR A 185 26.57 37.22 16.54
CA THR A 185 27.88 37.85 16.62
C THR A 185 27.87 39.23 16.00
N LYS A 186 26.90 39.53 15.12
CA LYS A 186 26.75 40.89 14.61
C LYS A 186 26.33 41.83 15.74
N ALA A 187 25.39 41.39 16.57
CA ALA A 187 25.07 42.13 17.78
C ALA A 187 26.25 42.14 18.74
N LEU A 188 26.93 40.99 18.87
CA LEU A 188 28.07 40.90 19.78
C LEU A 188 29.19 41.82 19.35
N ASP A 189 29.58 41.78 18.07
CA ASP A 189 30.63 42.66 17.58
C ASP A 189 30.19 44.12 17.67
N ASN A 190 28.91 44.41 17.40
CA ASN A 190 28.39 45.75 17.61
C ASN A 190 28.42 46.11 19.09
N LEU A 191 28.03 45.18 19.96
CA LEU A 191 28.04 45.47 21.39
C LEU A 191 29.46 45.47 21.96
N LYS A 192 30.38 44.74 21.33
CA LYS A 192 31.78 44.83 21.75
C LYS A 192 32.31 46.24 21.57
N SER A 193 32.04 46.86 20.42
CA SER A 193 32.48 48.22 20.19
C SER A 193 31.68 49.25 20.97
N ILE A 194 30.39 48.98 21.23
CA ILE A 194 29.59 49.92 22.02
C ILE A 194 30.10 49.97 23.45
N LYS A 195 30.67 48.87 23.95
CA LYS A 195 31.40 48.91 25.19
C LYS A 195 32.71 49.66 25.03
N LYS A 196 33.39 49.46 23.90
CA LYS A 196 34.73 50.01 23.73
C LYS A 196 34.71 51.52 23.62
N ASP A 197 33.69 52.10 22.97
CA ASP A 197 33.59 53.55 22.97
C ASP A 197 33.21 54.08 24.35
N MET A 198 32.57 53.25 25.16
CA MET A 198 32.28 53.61 26.54
C MET A 198 33.40 53.21 27.51
N SER A 199 34.21 52.22 27.14
CA SER A 199 35.33 51.84 28.00
C SER A 199 36.45 52.86 27.96
N VAL A 200 36.69 53.47 26.79
CA VAL A 200 37.62 54.58 26.70
C VAL A 200 37.00 55.89 27.17
N ASP A 201 35.69 55.88 27.46
CA ASP A 201 35.05 57.09 28.00
C ASP A 201 35.55 57.39 29.40
N ILE A 202 35.83 56.36 30.21
CA ILE A 202 36.32 56.56 31.56
C ILE A 202 37.68 57.27 31.55
N LYS A 203 38.45 57.10 30.47
CA LYS A 203 39.71 57.83 30.34
C LYS A 203 39.45 59.34 30.29
N LEU A 204 38.45 59.76 29.52
CA LEU A 204 38.07 61.17 29.48
C LEU A 204 37.71 61.68 30.86
N LEU A 205 37.09 60.84 31.68
CA LEU A 205 36.76 61.25 33.04
C LEU A 205 38.00 61.27 33.92
N LYS A 206 38.85 60.24 33.80
CA LYS A 206 39.99 60.14 34.71
C LYS A 206 41.04 61.21 34.44
N GLN A 207 41.09 61.75 33.22
CA GLN A 207 42.06 62.80 32.92
C GLN A 207 41.63 64.14 33.51
N SER A 208 40.32 64.37 33.65
CA SER A 208 39.84 65.66 34.12
C SER A 208 40.24 65.93 35.57
N VAL A 209 40.28 64.88 36.39
CA VAL A 209 40.63 65.05 37.80
C VAL A 209 42.13 65.23 37.98
N GLU A 210 42.93 64.90 36.97
CA GLU A 210 44.38 65.07 37.08
C GLU A 210 44.77 66.54 37.20
N HIS A 211 43.98 67.43 36.62
CA HIS A 211 44.22 68.86 36.74
C HIS A 211 43.70 69.40 38.07
N LYS A 1112 34.09 72.93 34.12
CA LYS A 1112 33.43 72.08 33.12
C LYS A 1112 33.83 70.62 33.28
N GLU A 1113 35.14 70.35 33.29
CA GLU A 1113 35.62 68.98 33.40
C GLU A 1113 35.43 68.41 34.80
N TRP A 1114 35.21 69.25 35.81
CA TRP A 1114 34.96 68.76 37.15
C TRP A 1114 33.47 68.60 37.46
N VAL A 1115 32.60 69.37 36.81
CA VAL A 1115 31.16 69.22 37.04
C VAL A 1115 30.58 68.08 36.21
N GLU A 1116 31.06 67.89 34.98
CA GLU A 1116 30.69 66.76 34.14
C GLU A 1116 31.71 65.64 34.25
N LEU A 1117 32.24 65.45 35.46
CA LEU A 1117 33.38 64.54 35.66
C LEU A 1117 32.92 63.09 35.80
N GLN A 1118 32.28 62.77 36.92
CA GLN A 1118 31.78 61.42 37.15
C GLN A 1118 30.29 61.31 36.84
N THR A 1119 29.90 61.68 35.62
CA THR A 1119 28.51 61.54 35.20
C THR A 1119 28.25 60.21 34.51
N ARG A 1120 29.26 59.65 33.86
CA ARG A 1120 29.16 58.34 33.23
C ARG A 1120 30.23 57.38 33.73
N SER A 1121 30.75 57.58 34.93
CA SER A 1121 31.72 56.65 35.47
C SER A 1121 31.10 55.28 35.72
N PHE A 1122 29.82 55.24 36.07
CA PHE A 1122 29.11 53.97 36.16
C PHE A 1122 28.54 53.54 34.81
N VAL A 1123 28.32 54.48 33.88
CA VAL A 1123 27.93 54.11 32.52
C VAL A 1123 29.07 53.40 31.82
N THR A 1124 30.32 53.67 32.24
CA THR A 1124 31.46 52.91 31.77
C THR A 1124 31.25 51.41 31.98
N ASP A 1125 30.73 51.03 33.14
CA ASP A 1125 30.39 49.65 33.45
C ASP A 1125 28.88 49.41 33.54
N ASP A 1126 28.07 50.32 32.99
CA ASP A 1126 26.67 49.99 32.73
C ASP A 1126 26.58 48.94 31.64
N ILE A 1127 27.50 48.98 30.67
CA ILE A 1127 27.53 48.03 29.57
C ILE A 1127 28.52 46.89 29.81
N ASP A 1128 29.53 47.10 30.64
CA ASP A 1128 30.49 46.03 30.96
C ASP A 1128 29.77 44.82 31.55
N VAL A 1129 28.79 45.06 32.43
CA VAL A 1129 27.99 43.96 32.96
C VAL A 1129 27.11 43.37 31.87
N TYR A 1130 26.75 44.16 30.85
CA TYR A 1130 25.75 43.75 29.88
C TYR A 1130 26.34 43.01 28.68
N SER A 1131 27.64 42.78 28.64
CA SER A 1131 28.20 41.98 27.56
C SER A 1131 27.84 40.51 27.73
N LYS A 1132 27.92 40.01 28.96
CA LYS A 1132 27.51 38.65 29.25
C LYS A 1132 26.02 38.54 29.52
N ALA A 1133 25.32 39.66 29.69
CA ALA A 1133 23.88 39.66 29.60
C ALA A 1133 23.41 39.39 28.17
N LEU A 1134 24.29 39.59 27.19
CA LEU A 1134 24.07 39.14 25.82
C LEU A 1134 24.70 37.78 25.55
N ASP A 1135 25.86 37.51 26.15
CA ASP A 1135 26.50 36.21 25.95
C ASP A 1135 25.71 35.11 26.65
N SER A 1136 25.11 35.42 27.79
CA SER A 1136 24.13 34.52 28.38
C SER A 1136 22.73 34.77 27.85
N ALA A 1137 22.58 35.66 26.87
CA ALA A 1137 21.46 35.63 25.94
C ALA A 1137 21.82 34.85 24.68
N ILE A 1138 23.01 34.25 24.66
CA ILE A 1138 23.43 33.32 23.62
C ILE A 1138 23.55 31.90 24.15
N MET A 1139 24.24 31.74 25.28
CA MET A 1139 24.38 30.41 25.88
C MET A 1139 23.04 29.89 26.39
N LYS A 1140 22.27 30.73 27.08
CA LYS A 1140 20.91 30.37 27.43
C LYS A 1140 20.02 30.23 26.19
N TYR A 1141 20.37 30.88 25.08
CA TYR A 1141 19.57 30.76 23.85
C TYR A 1141 19.73 29.36 23.25
N HIS A 1142 20.94 29.00 22.84
CA HIS A 1142 21.16 27.67 22.26
C HIS A 1142 21.38 26.61 23.31
N GLY A 1143 21.04 26.89 24.55
CA GLY A 1143 21.03 25.90 25.60
C GLY A 1143 19.61 25.50 25.92
N LEU A 1144 18.68 26.23 25.37
CA LEU A 1144 17.26 25.91 25.45
C LEU A 1144 16.62 25.72 24.08
N LYS A 1145 16.93 26.60 23.12
CA LYS A 1145 16.40 26.42 21.78
C LYS A 1145 16.93 25.13 21.15
N MET A 1146 18.25 24.95 21.16
CA MET A 1146 18.81 23.71 20.63
C MET A 1146 18.41 22.51 21.46
N GLN A 1147 18.31 22.68 22.77
CA GLN A 1147 17.95 21.57 23.64
C GLN A 1147 16.45 21.35 23.71
N ASP A 1148 15.66 22.13 22.99
CA ASP A 1148 14.27 21.78 22.76
C ASP A 1148 14.04 21.16 21.39
N ILE A 1149 15.10 20.98 20.59
CA ILE A 1149 15.00 20.15 19.40
C ILE A 1149 15.38 18.70 19.73
N ASN A 1150 16.28 18.49 20.69
CA ASN A 1150 16.55 17.16 21.19
C ASN A 1150 15.57 16.73 22.25
N ARG A 1151 14.70 17.63 22.69
CA ARG A 1151 13.54 17.26 23.49
C ARG A 1151 12.34 16.89 22.63
N ILE A 1152 12.42 17.13 21.32
CA ILE A 1152 11.39 16.71 20.38
C ILE A 1152 11.83 15.51 19.56
N ILE A 1153 13.08 15.52 19.08
CA ILE A 1153 13.61 14.40 18.28
C ILE A 1153 13.45 13.09 19.05
N ASP A 1154 13.77 13.10 20.34
CA ASP A 1154 13.47 11.94 21.17
C ASP A 1154 11.98 11.71 21.26
N GLU A 1155 11.20 12.77 21.50
CA GLU A 1155 9.76 12.59 21.65
C GLU A 1155 9.12 12.21 20.33
N LEU A 1156 9.64 12.74 19.22
CA LEU A 1156 9.13 12.35 17.92
C LEU A 1156 9.44 10.88 17.62
N TRP A 1157 10.70 10.47 17.82
CA TRP A 1157 11.09 9.10 17.49
C TRP A 1157 10.39 8.10 18.39
N LYS A 1158 10.17 8.43 19.66
CA LYS A 1158 9.65 7.44 20.61
C LYS A 1158 8.23 7.03 20.31
N ARG A 1159 7.59 7.49 19.22
CA ARG A 1159 6.26 7.02 18.86
C ARG A 1159 6.13 6.73 17.36
N THR A 1160 7.19 6.32 16.66
CA THR A 1160 7.12 6.11 15.22
C THR A 1160 7.32 4.66 14.81
N TYR A 1161 8.46 4.04 15.15
CA TYR A 1161 8.82 2.76 14.54
C TYR A 1161 8.18 1.60 15.31
N SER A 1162 6.85 1.52 15.22
CA SER A 1162 6.04 0.54 15.96
C SER A 1162 6.37 0.60 17.45
N GLY A 1163 6.33 1.82 17.98
CA GLY A 1163 7.06 2.12 19.19
C GLY A 1163 8.26 2.96 18.82
N THR A 1164 9.44 2.36 18.75
CA THR A 1164 10.65 3.10 18.43
C THR A 1164 11.60 2.23 17.60
N ASP A 1165 12.83 2.72 17.48
CA ASP A 1165 13.93 2.19 16.68
C ASP A 1165 15.18 2.48 17.51
N ILE A 1166 16.36 2.60 16.87
CA ILE A 1166 17.66 2.43 17.53
C ILE A 1166 17.72 3.17 18.87
N ASP A 1167 17.81 2.37 19.95
CA ASP A 1167 17.80 2.77 21.36
C ASP A 1167 17.34 4.20 21.59
N THR A 1168 18.27 5.13 21.50
CA THR A 1168 18.00 6.55 21.48
C THR A 1168 18.89 7.19 20.41
N ILE A 1169 18.49 8.36 19.94
CA ILE A 1169 19.33 9.14 19.04
C ILE A 1169 19.05 10.62 19.28
N LYS A 1170 20.12 11.41 19.33
CA LYS A 1170 20.03 12.87 19.47
C LYS A 1170 21.09 13.47 18.55
N ILE A 1171 21.34 14.77 18.74
CA ILE A 1171 22.40 15.49 18.02
C ILE A 1171 23.43 15.95 19.03
N ARG A 1172 24.71 15.68 18.74
CA ARG A 1172 25.80 15.91 19.69
C ARG A 1172 26.13 17.39 19.75
N SER A 1173 25.68 18.05 20.82
CA SER A 1173 25.98 19.45 21.06
C SER A 1173 27.13 19.57 22.06
N ASP A 1174 28.33 19.42 21.53
CA ASP A 1174 29.56 19.60 22.30
C ASP A 1174 30.29 20.81 21.75
N GLU A 1175 30.25 21.91 22.49
CA GLU A 1175 30.84 23.16 22.02
C GLU A 1175 32.36 23.03 21.99
N VAL A 1176 32.90 22.80 20.81
CA VAL A 1176 34.35 22.64 20.64
C VAL A 1176 34.91 24.04 20.46
N SER A 1177 35.25 24.67 21.59
CA SER A 1177 35.73 26.05 21.58
C SER A 1177 37.16 26.07 21.04
N SER A 1178 37.30 26.22 19.73
CA SER A 1178 38.60 26.32 19.12
C SER A 1178 39.14 27.75 19.28
N THR A 1179 40.44 27.90 19.08
CA THR A 1179 41.09 29.20 19.25
C THR A 1179 41.10 30.01 17.96
N VAL A 1180 39.93 30.13 17.31
CA VAL A 1180 39.78 31.01 16.16
C VAL A 1180 38.57 31.91 16.41
N LYS A 1181 37.64 31.44 17.24
CA LYS A 1181 36.39 32.17 17.44
C LYS A 1181 35.89 32.13 18.88
N GLY A 1182 36.65 31.54 19.81
CA GLY A 1182 36.18 31.41 21.17
C GLY A 1182 34.97 30.51 21.28
N LYS A 1183 33.80 31.10 21.54
CA LYS A 1183 32.57 30.33 21.58
C LYS A 1183 32.25 29.75 20.21
N SER A 1184 31.91 28.47 20.17
CA SER A 1184 31.77 27.76 18.90
C SER A 1184 30.72 26.66 19.04
N TYR A 1185 30.71 25.75 18.08
CA TYR A 1185 29.83 24.59 18.06
C TYR A 1185 30.42 23.55 17.13
N ASN A 1186 29.93 22.32 17.27
CA ASN A 1186 30.28 21.25 16.33
C ASN A 1186 29.21 20.17 16.46
N TYR A 1187 28.46 19.95 15.40
CA TYR A 1187 27.32 19.03 15.45
C TYR A 1187 27.70 17.65 14.96
N ARG A 1188 26.91 16.67 15.39
CA ARG A 1188 27.09 15.26 15.07
C ARG A 1188 25.86 14.50 15.56
N VAL A 1189 25.49 13.45 14.83
CA VAL A 1189 24.36 12.60 15.19
C VAL A 1189 24.87 11.17 15.32
N VAL A 1190 24.60 10.54 16.47
CA VAL A 1190 25.14 9.23 16.79
C VAL A 1190 24.04 8.36 17.39
N MET A 1191 24.26 7.05 17.33
CA MET A 1191 23.34 6.08 17.90
C MET A 1191 23.77 5.71 19.32
N TYR A 1192 22.87 5.87 20.28
CA TYR A 1192 23.17 5.59 21.67
C TYR A 1192 22.65 4.20 22.06
N LYS A 1193 23.20 3.19 21.40
CA LYS A 1193 22.91 1.80 21.77
C LYS A 1193 23.53 1.53 23.14
N GLN A 1194 22.67 1.32 24.14
CA GLN A 1194 23.03 0.88 25.49
C GLN A 1194 24.21 1.64 26.12
N ASP A 1195 23.94 2.88 26.52
CA ASP A 1195 24.68 3.67 27.50
C ASP A 1195 25.93 4.40 27.02
N VAL A 1196 26.37 4.20 25.79
CA VAL A 1196 27.42 5.05 25.22
C VAL A 1196 27.07 5.29 23.75
N GLU A 1197 27.60 6.37 23.20
CA GLU A 1197 27.29 6.74 21.82
C GLU A 1197 28.03 5.81 20.85
N LEU A 1198 27.63 5.89 19.59
CA LEU A 1198 28.27 5.15 18.51
C LEU A 1198 28.02 5.88 17.20
N ASP A 1199 29.05 5.96 16.37
CA ASP A 1199 28.99 6.75 15.15
C ASP A 1199 27.91 6.24 14.20
N MET A 1200 26.97 7.14 13.85
CA MET A 1200 25.82 6.76 13.05
C MET A 1200 26.13 6.68 11.55
N ARG A 1201 27.07 7.50 11.08
CA ARG A 1201 27.38 7.55 9.66
C ARG A 1201 27.96 6.21 9.19
N GLY A 1202 27.44 5.71 8.07
CA GLY A 1202 27.93 4.46 7.52
C GLY A 1202 27.56 3.26 8.36
N ARG A 1203 26.79 3.49 9.42
CA ARG A 1203 26.32 2.44 10.31
C ARG A 1203 24.81 2.41 10.34
N CYS A 1204 24.13 2.83 9.28
CA CYS A 1204 22.65 2.91 9.36
C CYS A 1204 21.80 2.52 8.13
N SER A 1205 20.47 2.54 8.28
CA SER A 1205 19.56 2.11 7.21
C SER A 1205 18.32 2.96 6.97
N ALA A 1206 17.99 3.21 5.71
CA ALA A 1206 16.82 4.02 5.38
C ALA A 1206 15.65 3.73 6.33
N GLN A 1208 18.37 2.81 10.53
CA GLN A 1208 17.40 3.79 10.98
C GLN A 1208 17.72 5.19 10.45
N LYS A 1209 17.67 5.35 9.14
CA LYS A 1209 18.00 6.64 8.53
C LYS A 1209 16.76 7.42 8.14
N VAL A 1210 16.60 7.69 6.85
CA VAL A 1210 15.46 8.47 6.37
C VAL A 1210 14.34 8.67 7.38
N LEU A 1211 13.85 7.58 7.95
CA LEU A 1211 12.73 7.68 8.87
C LEU A 1211 12.92 8.76 9.91
N ALA A 1212 14.17 9.03 10.27
CA ALA A 1212 14.45 10.07 11.27
C ALA A 1212 14.96 11.36 10.65
N SER A 1213 15.40 11.32 9.40
CA SER A 1213 15.81 12.55 8.75
C SER A 1213 14.64 13.49 8.84
N ILE A 1214 13.46 12.96 8.54
CA ILE A 1214 12.27 13.76 8.67
C ILE A 1214 12.11 14.13 10.11
N ILE A 1215 12.32 13.18 11.02
CA ILE A 1215 12.09 13.49 12.43
C ILE A 1215 13.04 14.58 12.85
N ILE A 1216 14.18 14.73 12.17
CA ILE A 1216 15.02 15.87 12.51
C ILE A 1216 14.48 17.14 11.88
N ARG A 1217 14.16 17.10 10.58
CA ARG A 1217 13.64 18.27 9.89
C ARG A 1217 12.31 18.71 10.46
N LEU A 1218 11.42 17.77 10.76
CA LEU A 1218 10.14 18.13 11.35
C LEU A 1218 10.31 18.69 12.76
N ALA A 1219 11.36 18.30 13.47
CA ALA A 1219 11.55 18.75 14.84
C ALA A 1219 12.06 20.18 14.93
N LEU A 1220 13.19 20.46 14.26
CA LEU A 1220 13.89 21.72 14.50
C LEU A 1220 13.04 22.91 14.11
N SER A 1221 12.29 22.81 13.01
CA SER A 1221 11.45 23.92 12.62
C SER A 1221 10.07 23.81 13.25
N GLU A 1222 10.03 23.57 14.56
CA GLU A 1222 8.82 23.77 15.35
C GLU A 1222 9.08 24.59 16.59
N THR A 1223 10.34 24.92 16.89
CA THR A 1223 10.71 25.88 17.91
C THR A 1223 11.67 26.89 17.32
N PHE A 1224 12.47 26.44 16.35
CA PHE A 1224 13.42 27.29 15.65
C PHE A 1224 12.82 27.64 14.29
N GLY A 1225 12.05 28.71 14.27
CA GLY A 1225 11.40 29.15 13.06
C GLY A 1225 9.90 28.95 13.10
N ALA A 1226 9.31 29.07 14.29
CA ALA A 1226 7.92 28.68 14.52
C ALA A 1226 6.95 29.86 14.53
N ASN A 1227 7.19 30.90 13.73
CA ASN A 1227 6.18 31.92 13.52
C ASN A 1227 5.29 31.64 12.31
N CYS A 1228 5.82 31.01 11.28
CA CYS A 1228 5.02 30.49 10.16
C CYS A 1228 5.22 28.98 10.11
N GLY A 1229 4.14 28.24 10.36
CA GLY A 1229 4.23 26.80 10.36
C GLY A 1229 4.18 26.23 8.96
N VAL A 1230 5.26 26.35 8.21
CA VAL A 1230 5.28 25.90 6.82
C VAL A 1230 6.39 24.88 6.66
N ILE A 1231 6.03 23.66 6.26
CA ILE A 1231 6.99 22.60 6.03
C ILE A 1231 6.59 21.85 4.77
N ALA A 1232 7.57 21.66 3.88
CA ALA A 1232 7.35 20.87 2.67
C ALA A 1232 7.87 19.45 2.88
N LEU A 1233 7.17 18.75 3.76
CA LEU A 1233 7.47 17.34 4.05
C LEU A 1233 6.81 16.61 2.90
N ASP A 1234 7.60 16.31 1.87
CA ASP A 1234 7.11 15.69 0.65
C ASP A 1234 7.76 14.34 0.45
N GLN A 1235 6.93 13.34 0.14
CA GLN A 1235 7.31 11.94 -0.04
C GLN A 1235 7.99 11.39 1.20
N PRO A 1236 7.28 11.31 2.33
CA PRO A 1236 7.93 10.73 3.51
C PRO A 1236 8.08 9.22 3.38
N THR A 1237 7.11 8.57 2.77
CA THR A 1237 7.07 7.11 2.67
C THR A 1237 7.93 6.68 1.50
N THR A 1238 9.18 6.34 1.78
CA THR A 1238 10.09 5.81 0.79
C THR A 1238 11.06 4.89 1.52
N ASN A 1239 11.02 3.60 1.18
CA ASN A 1239 11.74 2.56 1.90
C ASN A 1239 11.38 2.59 3.39
N LEU A 1240 10.09 2.34 3.64
CA LEU A 1240 9.59 2.13 5.00
C LEU A 1240 8.68 0.90 5.00
N ASP A 1241 8.64 0.20 6.14
CA ASP A 1241 8.23 -1.20 6.08
C ASP A 1241 6.73 -1.47 6.12
N GLU A 1242 6.12 -1.47 7.32
CA GLU A 1242 4.68 -1.69 7.42
C GLU A 1242 4.05 -0.89 8.56
N GLU A 1243 4.84 -0.66 9.60
CA GLU A 1243 4.37 0.05 10.78
C GLU A 1243 5.16 1.32 11.04
N ASN A 1244 6.33 1.45 10.40
CA ASN A 1244 6.95 2.75 10.20
C ASN A 1244 6.22 3.55 9.14
N ILE A 1245 5.21 2.97 8.50
CA ILE A 1245 4.28 3.72 7.69
C ILE A 1245 2.93 3.88 8.38
N GLU A 1246 2.60 3.04 9.36
CA GLU A 1246 1.34 3.19 10.07
C GLU A 1246 1.46 4.18 11.22
N SER A 1247 2.50 4.04 12.04
CA SER A 1247 2.68 4.93 13.17
C SER A 1247 3.47 6.18 12.81
N LEU A 1248 4.05 6.26 11.61
CA LEU A 1248 4.50 7.55 11.09
C LEU A 1248 3.31 8.46 10.85
N ALA A 1249 2.26 7.93 10.22
CA ALA A 1249 1.06 8.71 10.00
C ALA A 1249 0.34 8.99 11.31
N LYS A 1250 0.38 8.05 12.25
CA LYS A 1250 -0.16 8.32 13.58
C LYS A 1250 0.61 9.44 14.26
N SER A 1251 1.93 9.45 14.11
CA SER A 1251 2.72 10.59 14.57
C SER A 1251 2.43 11.83 13.73
N LEU A 1252 2.39 11.66 12.40
CA LEU A 1252 2.10 12.78 11.51
C LEU A 1252 0.72 13.35 11.79
N HIS A 1253 -0.25 12.49 12.12
CA HIS A 1253 -1.53 12.98 12.58
C HIS A 1253 -1.36 13.76 13.89
N ASN A 1254 -0.53 13.25 14.80
CA ASN A 1254 -0.34 13.91 16.08
C ASN A 1254 0.37 15.25 15.93
N ILE A 1255 1.27 15.37 14.95
CA ILE A 1255 1.95 16.63 14.70
C ILE A 1255 0.95 17.70 14.33
N ILE A 1256 0.02 17.37 13.43
CA ILE A 1256 -1.05 18.31 13.08
C ILE A 1256 -2.16 18.33 14.10
N ASN A 1257 -2.22 17.34 14.99
CA ASN A 1257 -3.26 17.32 16.01
C ASN A 1257 -2.99 18.29 17.15
N MET A 1258 -1.74 18.77 17.30
CA MET A 1258 -1.41 19.71 18.35
C MET A 1258 -0.93 21.06 17.84
N ARG A 1259 -0.58 21.17 16.56
CA ARG A 1259 -0.28 22.45 15.94
C ARG A 1259 -1.54 23.16 15.44
N ARG A 1260 -2.71 22.75 15.92
CA ARG A 1260 -3.95 23.45 15.61
C ARG A 1260 -4.25 24.56 16.60
N HIS A 1261 -3.53 24.63 17.71
CA HIS A 1261 -3.62 25.76 18.62
C HIS A 1261 -2.80 26.95 18.15
N GLN A 1262 -1.87 26.74 17.22
CA GLN A 1262 -0.99 27.80 16.74
C GLN A 1262 -1.71 28.65 15.69
N LYS A 1263 -0.96 29.56 15.08
CA LYS A 1263 -1.53 30.38 14.01
C LYS A 1263 -1.88 29.53 12.80
N ASN A 1264 -0.94 28.69 12.36
CA ASN A 1264 -1.18 27.77 11.26
C ASN A 1264 -0.06 26.75 11.20
N PHE A 1265 -0.38 25.60 10.61
CA PHE A 1265 0.63 24.65 10.15
C PHE A 1265 0.34 24.37 8.69
N GLN A 1266 1.38 24.43 7.86
CA GLN A 1266 1.27 24.11 6.45
C GLN A 1266 2.06 22.83 6.17
N LEU A 1267 1.41 21.87 5.54
CA LEU A 1267 2.03 20.60 5.20
C LEU A 1267 1.60 20.21 3.79
N ILE A 1268 2.58 19.94 2.94
CA ILE A 1268 2.33 19.50 1.57
C ILE A 1268 2.92 18.10 1.46
N VAL A 1269 2.08 17.09 1.63
CA VAL A 1269 2.51 15.71 1.45
C VAL A 1269 2.41 15.37 -0.03
N ILE A 1270 3.53 15.01 -0.62
CA ILE A 1270 3.61 14.73 -2.05
C ILE A 1270 3.97 13.26 -2.20
N THR A 1271 2.97 12.40 -2.28
CA THR A 1271 3.21 10.97 -2.39
C THR A 1271 2.03 10.31 -3.07
N HIS A 1272 2.26 9.10 -3.57
CA HIS A 1272 1.24 8.36 -4.29
C HIS A 1272 1.30 6.89 -3.92
N ASP A 1273 1.52 6.62 -2.64
CA ASP A 1273 1.49 5.27 -2.08
C ASP A 1273 0.18 5.11 -1.33
N GLU A 1274 -0.73 4.32 -1.90
CA GLU A 1274 -2.10 4.25 -1.39
C GLU A 1274 -2.15 3.74 0.05
N LYS A 1275 -1.10 3.07 0.51
CA LYS A 1275 -1.02 2.71 1.91
C LYS A 1275 -1.03 3.97 2.78
N PHE A 1276 -0.14 4.92 2.45
CA PHE A 1276 -0.04 6.13 3.26
C PHE A 1276 -1.18 7.09 2.98
N LEU A 1277 -1.71 7.08 1.75
CA LEU A 1277 -2.82 7.94 1.40
C LEU A 1277 -4.05 7.62 2.26
N GLY A 1278 -4.23 6.37 2.64
CA GLY A 1278 -5.25 6.02 3.60
C GLY A 1278 -4.77 6.13 5.03
N HIS A 1279 -3.46 6.07 5.24
CA HIS A 1279 -2.91 6.13 6.59
C HIS A 1279 -3.10 7.51 7.21
N MET A 1280 -2.84 8.57 6.43
CA MET A 1280 -2.92 9.92 6.97
C MET A 1280 -4.36 10.39 7.18
N ASN A 1281 -5.34 9.69 6.61
CA ASN A 1281 -6.77 9.91 6.85
C ASN A 1281 -7.18 11.34 6.49
N ALA A 1282 -7.10 11.63 5.19
CA ALA A 1282 -7.56 12.91 4.67
C ALA A 1282 -9.08 13.04 4.70
N ALA A 1283 -9.79 12.05 5.24
CA ALA A 1283 -11.23 12.10 5.41
C ALA A 1283 -11.62 12.66 6.77
N ALA A 1284 -10.77 13.49 7.37
CA ALA A 1284 -11.16 14.22 8.57
C ALA A 1284 -10.67 15.66 8.53
N PHE A 1285 -9.72 15.96 7.65
CA PHE A 1285 -9.03 17.24 7.68
C PHE A 1285 -9.17 18.08 6.41
N THR A 1286 -9.40 17.47 5.26
CA THR A 1286 -9.45 18.24 4.02
C THR A 1286 -10.52 17.66 3.12
N ASP A 1287 -11.20 18.55 2.40
CA ASP A 1287 -12.32 18.19 1.55
C ASP A 1287 -11.91 17.89 0.12
N HIS A 1288 -10.63 17.98 -0.22
CA HIS A 1288 -10.19 17.81 -1.59
C HIS A 1288 -8.71 17.45 -1.60
N PHE A 1289 -8.25 16.99 -2.76
CA PHE A 1289 -6.85 16.72 -2.98
C PHE A 1289 -6.51 17.11 -4.41
N PHE A 1290 -5.26 17.52 -4.63
CA PHE A 1290 -4.83 17.95 -5.95
C PHE A 1290 -4.03 16.87 -6.64
N LYS A 1291 -4.27 16.70 -7.93
CA LYS A 1291 -3.48 15.81 -8.77
C LYS A 1291 -2.92 16.61 -9.93
N VAL A 1292 -1.62 16.49 -10.15
CA VAL A 1292 -1.00 16.99 -11.36
C VAL A 1292 -0.93 15.83 -12.35
N LYS A 1293 -1.26 16.12 -13.60
CA LYS A 1293 -1.27 15.12 -14.67
C LYS A 1293 -0.93 15.82 -15.97
N ARG A 1294 -0.37 15.08 -16.90
CA ARG A 1294 -0.08 15.65 -18.21
C ARG A 1294 -1.35 15.66 -19.04
N ASP A 1295 -1.22 15.97 -20.32
CA ASP A 1295 -2.37 16.03 -21.22
C ASP A 1295 -1.92 15.53 -22.58
N ASP A 1296 -2.76 15.76 -23.59
CA ASP A 1296 -2.48 15.27 -24.93
C ASP A 1296 -1.21 15.89 -25.50
N ARG A 1297 -0.90 17.12 -25.11
CA ARG A 1297 0.31 17.79 -25.58
C ARG A 1297 1.37 17.92 -24.49
N GLN A 1298 1.31 17.08 -23.45
CA GLN A 1298 2.33 17.02 -22.39
C GLN A 1298 2.47 18.35 -21.66
N LYS A 1299 1.33 19.01 -21.42
CA LYS A 1299 1.25 20.22 -20.61
C LYS A 1299 0.60 19.81 -19.30
N SER A 1300 1.35 19.90 -18.21
CA SER A 1300 0.88 19.37 -16.94
C SER A 1300 -0.06 20.36 -16.26
N GLN A 1301 -1.25 19.91 -15.90
CA GLN A 1301 -2.23 20.76 -15.26
C GLN A 1301 -2.38 20.38 -13.80
N ILE A 1302 -3.29 21.06 -13.12
CA ILE A 1302 -3.57 20.85 -11.71
C ILE A 1302 -5.08 20.68 -11.55
N GLU A 1303 -5.49 19.61 -10.87
CA GLU A 1303 -6.88 19.25 -10.78
C GLU A 1303 -7.50 19.77 -9.49
N TRP A 1304 -8.71 19.32 -9.21
CA TRP A 1304 -9.43 19.58 -7.97
C TRP A 1304 -10.21 18.33 -7.61
N VAL A 1305 -9.56 17.18 -7.72
CA VAL A 1305 -10.26 15.91 -7.60
C VAL A 1305 -10.59 15.66 -6.13
N ASP A 1306 -11.87 15.51 -5.82
CA ASP A 1306 -12.34 15.56 -4.45
C ASP A 1306 -11.98 14.28 -3.69
N ILE A 1307 -11.95 14.40 -2.36
CA ILE A 1307 -11.65 13.26 -1.49
C ILE A 1307 -12.68 12.15 -1.60
N ASN A 1308 -13.91 12.48 -2.01
CA ASN A 1308 -14.95 11.47 -2.18
C ASN A 1308 -14.50 10.36 -3.14
N ARG A 1309 -13.67 10.70 -4.13
CA ARG A 1309 -13.15 9.69 -5.05
C ARG A 1309 -12.14 8.77 -4.38
N VAL A 1310 -11.41 9.28 -3.37
CA VAL A 1310 -10.30 8.51 -2.82
C VAL A 1310 -10.81 7.28 -2.09
N THR A 1311 -10.20 6.13 -2.38
CA THR A 1311 -10.60 4.85 -1.82
C THR A 1311 -10.06 4.65 -0.41
N ASP B 2 -35.88 -17.34 26.30
CA ASP B 2 -37.27 -17.54 25.97
C ASP B 2 -37.67 -16.68 24.77
N TYR B 3 -38.71 -17.10 24.07
CA TYR B 3 -39.19 -16.35 22.92
C TYR B 3 -39.79 -15.01 23.36
N PRO B 4 -39.50 -13.92 22.65
CA PRO B 4 -40.18 -12.66 22.95
C PRO B 4 -41.68 -12.79 22.74
N ASP B 5 -42.44 -12.17 23.63
CA ASP B 5 -43.89 -12.31 23.64
C ASP B 5 -44.47 -11.76 22.34
N PRO B 6 -45.66 -12.24 21.92
CA PRO B 6 -46.11 -12.01 20.53
C PRO B 6 -46.18 -10.56 20.08
N ASP B 7 -45.92 -9.58 20.96
CA ASP B 7 -45.83 -8.19 20.55
C ASP B 7 -44.43 -7.61 20.72
N THR B 8 -43.44 -8.45 21.01
CA THR B 8 -42.11 -7.98 21.41
C THR B 8 -41.12 -8.14 20.27
N ILE B 9 -40.44 -7.08 19.95
CA ILE B 9 -39.30 -7.13 19.04
C ILE B 9 -38.04 -7.27 19.88
N ARG B 10 -37.02 -7.85 19.28
CA ARG B 10 -35.72 -7.93 19.92
C ARG B 10 -34.67 -7.53 18.91
N ILE B 11 -33.65 -6.80 19.36
CA ILE B 11 -32.67 -6.25 18.45
C ILE B 11 -31.32 -6.22 19.15
N LEU B 12 -30.35 -6.93 18.59
CA LEU B 12 -29.01 -6.95 19.12
C LEU B 12 -28.24 -5.78 18.51
N ILE B 13 -27.85 -4.84 19.34
CA ILE B 13 -27.12 -3.66 18.89
C ILE B 13 -25.63 -3.95 19.04
N THR B 14 -24.89 -3.82 17.95
CA THR B 14 -23.45 -3.92 17.98
C THR B 14 -22.88 -2.71 17.27
N THR B 15 -21.55 -2.67 17.21
CA THR B 15 -20.81 -1.60 16.58
C THR B 15 -19.33 -1.88 16.56
N ASP B 16 -18.66 -1.39 15.54
CA ASP B 16 -17.20 -1.41 15.48
C ASP B 16 -16.61 -2.80 15.68
N ASN B 17 -17.33 -3.83 15.24
CA ASN B 17 -16.85 -5.19 15.44
C ASN B 17 -15.50 -5.42 14.77
N HIS B 18 -15.16 -4.62 13.77
CA HIS B 18 -13.79 -4.46 13.29
C HIS B 18 -13.14 -5.78 12.92
N VAL B 19 -13.90 -6.62 12.20
CA VAL B 19 -13.32 -7.80 11.59
C VAL B 19 -12.27 -7.36 10.59
N GLY B 20 -11.09 -7.97 10.67
CA GLY B 20 -9.97 -7.56 9.86
C GLY B 20 -8.89 -6.79 10.59
N TYR B 21 -8.96 -6.72 11.92
CA TYR B 21 -7.97 -6.01 12.72
C TYR B 21 -6.94 -7.00 13.24
N ASN B 22 -5.66 -6.67 13.02
CA ASN B 22 -4.53 -7.54 13.40
C ASN B 22 -4.68 -8.92 12.75
N GLU B 23 -4.62 -8.92 11.42
CA GLU B 23 -4.80 -10.16 10.67
C GLU B 23 -3.59 -11.08 10.73
N ASN B 24 -2.39 -10.55 10.91
CA ASN B 24 -1.18 -11.34 10.74
C ASN B 24 -0.43 -11.63 12.03
N ASP B 25 -0.84 -11.07 13.16
CA ASP B 25 -0.13 -11.34 14.40
C ASP B 25 -0.40 -12.76 14.86
N PRO B 26 0.64 -13.59 15.07
CA PRO B 26 0.39 -15.01 15.36
C PRO B 26 -0.38 -15.23 16.66
N ILE B 27 0.08 -14.64 17.76
CA ILE B 27 -0.57 -14.90 19.05
C ILE B 27 -1.96 -14.29 19.09
N THR B 28 -2.19 -13.18 18.40
CA THR B 28 -3.50 -12.53 18.35
C THR B 28 -3.75 -12.10 16.90
N GLY B 29 -4.33 -13.00 16.12
CA GLY B 29 -4.66 -12.69 14.75
C GLY B 29 -6.10 -13.03 14.42
N ASP B 30 -6.76 -13.71 15.35
CA ASP B 30 -8.12 -14.19 15.14
C ASP B 30 -9.10 -13.68 16.18
N ASP B 31 -8.75 -12.66 16.95
CA ASP B 31 -9.63 -12.24 18.03
C ASP B 31 -10.88 -11.54 17.49
N SER B 32 -10.73 -10.77 16.41
CA SER B 32 -11.81 -9.92 15.92
C SER B 32 -12.95 -10.75 15.35
N TRP B 33 -12.66 -11.61 14.38
CA TRP B 33 -13.71 -12.42 13.78
C TRP B 33 -14.23 -13.48 14.74
N LYS B 34 -13.38 -13.96 15.66
CA LYS B 34 -13.89 -14.87 16.68
C LYS B 34 -14.89 -14.17 17.59
N THR B 35 -14.63 -12.91 17.93
CA THR B 35 -15.59 -12.19 18.75
C THR B 35 -16.87 -11.88 17.97
N PHE B 36 -16.74 -11.58 16.69
CA PHE B 36 -17.94 -11.41 15.85
C PHE B 36 -18.73 -12.72 15.78
N HIS B 37 -18.02 -13.84 15.66
CA HIS B 37 -18.67 -15.14 15.68
C HIS B 37 -19.39 -15.38 16.99
N GLU B 38 -18.75 -15.00 18.10
CA GLU B 38 -19.38 -15.21 19.41
C GLU B 38 -20.62 -14.35 19.57
N VAL B 39 -20.60 -13.10 19.10
CA VAL B 39 -21.77 -12.27 19.25
C VAL B 39 -22.90 -12.76 18.33
N MET B 40 -22.55 -13.25 17.13
CA MET B 40 -23.60 -13.79 16.27
C MET B 40 -24.19 -15.08 16.83
N MET B 41 -23.34 -15.93 17.42
CA MET B 41 -23.86 -17.12 18.09
C MET B 41 -24.76 -16.73 19.24
N LEU B 42 -24.39 -15.69 19.98
CA LEU B 42 -25.25 -15.16 21.03
C LEU B 42 -26.53 -14.59 20.46
N ALA B 43 -26.52 -14.16 19.20
CA ALA B 43 -27.75 -13.73 18.55
C ALA B 43 -28.64 -14.93 18.24
N LYS B 44 -28.05 -16.01 17.71
CA LYS B 44 -28.84 -17.16 17.30
C LYS B 44 -29.58 -17.79 18.48
N ASN B 45 -28.88 -17.99 19.60
CA ASN B 45 -29.48 -18.62 20.77
C ASN B 45 -30.00 -17.61 21.79
N ASN B 46 -30.45 -16.45 21.33
CA ASN B 46 -31.19 -15.51 22.17
C ASN B 46 -32.53 -15.12 21.57
N ASN B 47 -32.92 -15.69 20.42
CA ASN B 47 -34.20 -15.44 19.78
C ASN B 47 -34.37 -13.96 19.39
N VAL B 48 -33.28 -13.36 18.93
CA VAL B 48 -33.32 -11.96 18.50
C VAL B 48 -34.03 -11.89 17.16
N ASP B 49 -35.00 -10.99 17.05
CA ASP B 49 -35.65 -10.79 15.75
C ASP B 49 -34.67 -10.22 14.74
N MET B 50 -33.86 -9.25 15.14
CA MET B 50 -33.06 -8.52 14.17
C MET B 50 -31.74 -8.10 14.78
N VAL B 51 -30.78 -7.84 13.91
CA VAL B 51 -29.45 -7.39 14.29
C VAL B 51 -29.18 -6.06 13.62
N VAL B 52 -28.86 -5.04 14.42
CA VAL B 52 -28.54 -3.73 13.89
C VAL B 52 -27.05 -3.51 14.04
N GLN B 53 -26.48 -2.63 13.22
CA GLN B 53 -25.06 -2.32 13.28
C GLN B 53 -24.84 -0.84 13.09
N SER B 54 -24.04 -0.24 13.95
CA SER B 54 -23.61 1.14 13.75
C SER B 54 -22.23 1.21 13.13
N GLY B 55 -22.09 0.56 11.99
CA GLY B 55 -20.97 0.81 11.12
C GLY B 55 -19.65 0.29 11.63
N ASP B 56 -18.63 0.53 10.80
CA ASP B 56 -17.24 0.19 11.06
C ASP B 56 -17.05 -1.31 11.27
N LEU B 57 -18.00 -2.10 10.77
CA LEU B 57 -17.97 -3.55 10.98
C LEU B 57 -16.69 -4.17 10.48
N PHE B 58 -16.08 -3.61 9.44
CA PHE B 58 -14.85 -4.12 8.89
C PHE B 58 -13.75 -3.09 9.12
N HIS B 59 -12.55 -3.56 9.47
CA HIS B 59 -11.50 -2.64 9.89
C HIS B 59 -10.89 -1.90 8.71
N VAL B 60 -10.90 -2.48 7.52
CA VAL B 60 -10.31 -1.83 6.36
C VAL B 60 -11.41 -1.50 5.36
N ASN B 61 -11.07 -0.60 4.43
CA ASN B 61 -12.00 -0.24 3.37
C ASN B 61 -12.23 -1.41 2.43
N LYS B 62 -11.16 -2.07 2.01
CA LYS B 62 -11.23 -3.27 1.19
C LYS B 62 -10.84 -4.45 2.06
N PRO B 63 -11.77 -5.32 2.42
CA PRO B 63 -11.52 -6.30 3.49
C PRO B 63 -10.56 -7.39 3.04
N SER B 64 -10.40 -8.39 3.91
CA SER B 64 -9.58 -9.55 3.60
C SER B 64 -10.45 -10.77 3.38
N LYS B 65 -9.88 -11.76 2.69
CA LYS B 65 -10.62 -12.98 2.39
C LYS B 65 -11.01 -13.72 3.66
N LYS B 66 -10.08 -13.81 4.63
CA LYS B 66 -10.41 -14.46 5.89
C LYS B 66 -11.52 -13.72 6.62
N SER B 67 -11.45 -12.38 6.63
CA SER B 67 -12.49 -11.58 7.27
C SER B 67 -13.84 -11.83 6.60
N LEU B 68 -13.87 -11.79 5.27
CA LEU B 68 -15.13 -11.94 4.56
C LEU B 68 -15.71 -13.34 4.76
N TYR B 69 -14.88 -14.37 4.66
CA TYR B 69 -15.38 -15.73 4.83
C TYR B 69 -15.84 -15.97 6.24
N GLN B 70 -15.11 -15.47 7.24
CA GLN B 70 -15.53 -15.64 8.62
C GLN B 70 -16.87 -14.97 8.85
N VAL B 71 -17.07 -13.77 8.30
CA VAL B 71 -18.34 -13.07 8.50
C VAL B 71 -19.48 -13.78 7.78
N LEU B 72 -19.26 -14.22 6.55
CA LEU B 72 -20.34 -14.86 5.79
C LEU B 72 -20.69 -16.22 6.36
N LYS B 73 -19.68 -17.02 6.70
CA LYS B 73 -19.92 -18.30 7.35
C LYS B 73 -20.60 -18.11 8.69
N THR B 74 -20.26 -17.04 9.41
CA THR B 74 -20.95 -16.73 10.65
C THR B 74 -22.41 -16.41 10.42
N LEU B 75 -22.70 -15.62 9.38
CA LEU B 75 -24.07 -15.17 9.13
C LEU B 75 -24.94 -16.30 8.60
N ARG B 76 -24.37 -17.19 7.79
CA ARG B 76 -25.14 -18.31 7.27
C ARG B 76 -25.56 -19.25 8.38
N LEU B 77 -24.70 -19.44 9.40
CA LEU B 77 -25.04 -20.32 10.51
C LEU B 77 -26.07 -19.72 11.45
N CYS B 78 -26.12 -18.39 11.57
CA CYS B 78 -26.97 -17.75 12.58
C CYS B 78 -28.17 -17.00 12.01
N CYS B 79 -28.14 -16.59 10.74
CA CYS B 79 -29.29 -15.89 10.16
C CYS B 79 -30.20 -16.79 9.36
N MET B 80 -29.64 -17.78 8.67
CA MET B 80 -30.42 -18.72 7.90
C MET B 80 -31.09 -19.73 8.83
N GLY B 81 -32.38 -19.92 8.65
CA GLY B 81 -33.11 -20.84 9.49
C GLY B 81 -34.43 -21.21 8.84
N ASP B 82 -35.34 -21.70 9.67
CA ASP B 82 -36.69 -22.04 9.24
C ASP B 82 -37.76 -21.40 10.12
N LYS B 83 -37.40 -20.63 11.12
CA LYS B 83 -38.40 -19.91 11.89
C LYS B 83 -38.93 -18.75 11.05
N PRO B 84 -40.25 -18.57 10.96
CA PRO B 84 -40.78 -17.41 10.22
C PRO B 84 -40.51 -16.12 10.98
N CYS B 85 -39.69 -15.26 10.39
CA CYS B 85 -39.42 -13.96 10.99
C CYS B 85 -40.71 -13.16 11.06
N GLU B 86 -41.09 -12.75 12.26
CA GLU B 86 -42.36 -12.07 12.45
C GLU B 86 -42.45 -10.61 12.00
N LEU B 87 -41.36 -10.08 11.47
CA LEU B 87 -41.35 -8.68 11.05
C LEU B 87 -42.20 -8.49 9.81
N GLU B 88 -43.33 -7.79 9.96
CA GLU B 88 -44.07 -7.31 8.81
C GLU B 88 -43.47 -5.97 8.39
N LEU B 89 -43.31 -5.78 7.09
CA LEU B 89 -42.68 -4.57 6.56
C LEU B 89 -43.74 -3.62 6.04
N LEU B 90 -43.67 -2.36 6.46
CA LEU B 90 -44.62 -1.32 6.08
C LEU B 90 -44.15 -0.46 4.92
N SER B 91 -42.85 -0.19 4.84
CA SER B 91 -42.34 0.71 3.83
C SER B 91 -42.20 0.00 2.49
N ASP B 92 -41.80 0.78 1.50
CA ASP B 92 -41.37 0.21 0.23
C ASP B 92 -39.85 0.23 0.23
N PRO B 93 -39.18 -0.92 0.36
CA PRO B 93 -37.73 -0.90 0.49
C PRO B 93 -37.01 -0.53 -0.79
N SER B 94 -37.73 -0.17 -1.86
CA SER B 94 -37.03 0.35 -3.04
C SER B 94 -36.49 1.75 -2.78
N GLN B 95 -37.19 2.55 -1.98
CA GLN B 95 -36.73 3.89 -1.64
C GLN B 95 -35.51 3.88 -0.74
N VAL B 96 -35.29 2.81 0.03
CA VAL B 96 -34.22 2.78 1.03
C VAL B 96 -33.01 2.04 0.50
N PHE B 97 -33.23 0.87 -0.09
CA PHE B 97 -32.15 0.16 -0.81
C PHE B 97 -32.19 0.59 -2.27
N HIS B 98 -32.07 1.89 -2.47
CA HIS B 98 -32.23 2.51 -3.78
C HIS B 98 -30.97 2.47 -4.60
N TYR B 99 -29.98 1.66 -4.21
CA TYR B 99 -28.77 1.56 -5.00
C TYR B 99 -29.01 0.76 -6.27
N ASP B 100 -29.70 -0.36 -6.17
CA ASP B 100 -29.89 -1.24 -7.32
C ASP B 100 -31.22 -1.98 -7.15
N GLU B 101 -31.40 -3.05 -7.93
CA GLU B 101 -32.69 -3.74 -8.01
C GLU B 101 -32.99 -4.60 -6.79
N PHE B 102 -32.06 -4.74 -5.85
CA PHE B 102 -32.35 -5.51 -4.64
C PHE B 102 -33.25 -4.68 -3.73
N THR B 103 -34.48 -4.45 -4.18
CA THR B 103 -35.39 -3.50 -3.57
C THR B 103 -36.26 -4.12 -2.50
N ASN B 104 -36.02 -5.38 -2.15
CA ASN B 104 -36.71 -6.03 -1.05
C ASN B 104 -35.68 -6.55 -0.06
N VAL B 105 -36.05 -6.51 1.21
CA VAL B 105 -35.19 -7.08 2.23
C VAL B 105 -35.11 -8.59 2.04
N ASN B 106 -33.97 -9.15 2.44
CA ASN B 106 -33.70 -10.56 2.16
C ASN B 106 -34.62 -11.49 2.94
N TYR B 107 -35.07 -11.08 4.12
CA TYR B 107 -36.07 -11.88 4.81
C TYR B 107 -37.43 -11.83 4.11
N GLU B 108 -37.64 -10.89 3.19
CA GLU B 108 -38.81 -10.87 2.33
C GLU B 108 -38.59 -11.59 1.02
N ASP B 109 -37.39 -12.08 0.76
CA ASP B 109 -37.09 -12.77 -0.48
C ASP B 109 -37.88 -14.08 -0.54
N PRO B 110 -38.57 -14.37 -1.64
CA PRO B 110 -39.28 -15.64 -1.76
C PRO B 110 -38.36 -16.85 -1.88
N ASN B 111 -37.07 -16.66 -2.13
CA ASN B 111 -36.14 -17.76 -2.23
C ASN B 111 -35.18 -17.89 -1.05
N PHE B 112 -35.17 -16.94 -0.11
CA PHE B 112 -34.46 -17.06 1.16
C PHE B 112 -35.50 -17.09 2.27
N ASN B 113 -35.43 -18.11 3.12
CA ASN B 113 -36.22 -18.15 4.35
C ASN B 113 -35.36 -17.70 5.53
N ILE B 114 -34.95 -16.43 5.47
CA ILE B 114 -34.05 -15.90 6.49
C ILE B 114 -34.78 -15.78 7.80
N SER B 115 -34.14 -16.25 8.88
CA SER B 115 -34.72 -16.22 10.20
C SER B 115 -34.45 -14.91 10.94
N ILE B 116 -33.23 -14.39 10.90
CA ILE B 116 -32.93 -13.10 11.50
C ILE B 116 -32.24 -12.20 10.48
N PRO B 117 -32.72 -10.98 10.26
CA PRO B 117 -32.00 -10.04 9.40
C PRO B 117 -30.99 -9.21 10.19
N VAL B 118 -29.88 -8.88 9.52
CA VAL B 118 -28.87 -8.00 10.09
C VAL B 118 -28.68 -6.83 9.13
N PHE B 119 -28.97 -5.62 9.62
CA PHE B 119 -28.86 -4.40 8.81
C PHE B 119 -27.97 -3.41 9.52
N GLY B 120 -27.10 -2.77 8.76
CA GLY B 120 -26.16 -1.83 9.35
C GLY B 120 -25.79 -0.70 8.41
N ILE B 121 -25.48 0.46 9.00
CA ILE B 121 -24.96 1.61 8.29
C ILE B 121 -23.49 1.35 7.97
N SER B 122 -22.92 2.14 7.08
CA SER B 122 -21.51 1.97 6.80
C SER B 122 -20.68 2.62 7.90
N GLY B 123 -19.35 2.55 7.76
CA GLY B 123 -18.46 3.03 8.79
C GLY B 123 -17.32 3.85 8.21
N ASN B 124 -16.53 4.44 9.11
CA ASN B 124 -15.46 5.33 8.70
C ASN B 124 -14.30 4.59 8.07
N HIS B 125 -14.01 3.38 8.53
CA HIS B 125 -12.90 2.63 7.96
C HIS B 125 -13.30 1.93 6.66
N ASP B 126 -14.56 1.55 6.50
CA ASP B 126 -15.02 0.82 5.32
C ASP B 126 -16.07 1.63 4.58
N ASP B 127 -15.81 2.92 4.41
CA ASP B 127 -16.79 3.84 3.82
C ASP B 127 -16.97 3.56 2.33
N ALA B 128 -17.94 4.25 1.74
CA ALA B 128 -18.18 4.13 0.30
C ALA B 128 -16.94 4.59 -0.45
N SER B 129 -16.24 3.65 -1.07
CA SER B 129 -14.91 3.92 -1.61
C SER B 129 -14.71 3.14 -2.88
N GLY B 130 -14.25 3.82 -3.92
CA GLY B 130 -13.99 3.17 -5.19
C GLY B 130 -14.58 3.95 -6.35
N ASP B 131 -14.42 3.41 -7.57
CA ASP B 131 -14.97 4.09 -8.74
C ASP B 131 -16.49 4.03 -8.76
N SER B 132 -17.10 3.14 -7.99
CA SER B 132 -18.54 2.96 -7.97
C SER B 132 -19.20 3.41 -6.68
N LEU B 133 -18.42 3.96 -5.74
CA LEU B 133 -18.90 4.33 -4.40
C LEU B 133 -19.57 3.14 -3.71
N LEU B 134 -18.76 2.11 -3.49
CA LEU B 134 -19.25 0.82 -3.02
C LEU B 134 -18.71 0.54 -1.61
N CYS B 135 -19.50 -0.18 -0.82
CA CYS B 135 -19.12 -0.50 0.54
C CYS B 135 -19.05 -2.01 0.73
N PRO B 136 -18.27 -2.48 1.71
CA PRO B 136 -18.32 -3.92 2.05
C PRO B 136 -19.69 -4.38 2.53
N MET B 137 -20.41 -3.55 3.27
CA MET B 137 -21.77 -3.91 3.64
C MET B 137 -22.69 -3.95 2.42
N ASP B 138 -22.32 -3.28 1.34
CA ASP B 138 -23.09 -3.40 0.10
C ASP B 138 -22.85 -4.77 -0.55
N ILE B 139 -21.63 -5.30 -0.44
CA ILE B 139 -21.38 -6.67 -0.87
C ILE B 139 -22.20 -7.64 -0.03
N LEU B 140 -22.21 -7.43 1.28
CA LEU B 140 -23.01 -8.30 2.13
C LEU B 140 -24.51 -8.07 1.95
N HIS B 141 -24.90 -7.01 1.25
CA HIS B 141 -26.30 -6.86 0.84
C HIS B 141 -26.63 -7.70 -0.38
N ALA B 142 -25.66 -7.93 -1.27
CA ALA B 142 -25.93 -8.73 -2.45
C ALA B 142 -26.08 -10.20 -2.10
N THR B 143 -25.42 -10.66 -1.04
CA THR B 143 -25.51 -12.06 -0.62
C THR B 143 -26.87 -12.42 -0.09
N GLY B 144 -27.70 -11.45 0.22
CA GLY B 144 -28.97 -11.77 0.81
C GLY B 144 -28.92 -12.09 2.29
N LEU B 145 -27.89 -11.63 2.98
CA LEU B 145 -27.78 -11.83 4.42
C LEU B 145 -27.80 -10.53 5.20
N ILE B 146 -27.30 -9.45 4.62
CA ILE B 146 -27.24 -8.15 5.26
C ILE B 146 -28.09 -7.16 4.48
N ASN B 147 -28.65 -6.18 5.19
CA ASN B 147 -29.42 -5.09 4.57
C ASN B 147 -28.64 -3.80 4.73
N HIS B 148 -27.72 -3.52 3.81
CA HIS B 148 -27.00 -2.26 3.88
C HIS B 148 -27.98 -1.11 3.64
N PHE B 149 -28.19 -0.30 4.67
CA PHE B 149 -29.10 0.83 4.59
C PHE B 149 -28.37 2.10 4.99
N GLY B 150 -29.04 3.22 4.79
CA GLY B 150 -28.50 4.50 5.21
C GLY B 150 -27.37 5.04 4.38
N LYS B 151 -27.25 4.62 3.13
CA LYS B 151 -26.22 5.15 2.25
C LYS B 151 -26.50 6.62 1.93
N VAL B 152 -25.43 7.38 1.73
CA VAL B 152 -25.52 8.79 1.39
C VAL B 152 -24.74 9.03 0.11
N ILE B 153 -25.34 9.79 -0.82
CA ILE B 153 -24.81 9.85 -2.18
C ILE B 153 -24.32 11.25 -2.51
N GLU B 154 -24.83 12.27 -1.81
CA GLU B 154 -24.39 13.64 -2.00
C GLU B 154 -24.19 14.31 -0.65
N SER B 155 -23.01 14.90 -0.45
CA SER B 155 -22.63 15.47 0.84
C SER B 155 -23.34 16.78 1.14
N ASP B 156 -23.95 17.42 0.14
CA ASP B 156 -24.56 18.72 0.34
C ASP B 156 -26.01 18.64 0.77
N LYS B 157 -26.77 17.70 0.23
CA LYS B 157 -28.14 17.45 0.64
C LYS B 157 -28.24 16.02 1.12
N ILE B 158 -28.61 15.85 2.38
CA ILE B 158 -28.68 14.52 2.99
C ILE B 158 -30.15 14.20 3.22
N LYS B 159 -30.64 13.21 2.50
CA LYS B 159 -31.98 12.68 2.69
C LYS B 159 -31.86 11.30 3.31
N VAL B 160 -32.49 11.12 4.47
CA VAL B 160 -32.45 9.85 5.19
C VAL B 160 -33.80 9.17 5.00
N VAL B 161 -33.75 7.91 4.59
CA VAL B 161 -34.95 7.15 4.27
C VAL B 161 -35.05 5.99 5.26
N PRO B 162 -36.11 5.92 6.04
CA PRO B 162 -36.21 4.88 7.07
C PRO B 162 -36.92 3.64 6.58
N LEU B 163 -36.34 2.49 6.91
CA LEU B 163 -37.07 1.24 6.85
C LEU B 163 -38.12 1.25 7.95
N LEU B 164 -39.29 0.69 7.67
CA LEU B 164 -40.39 0.70 8.61
C LEU B 164 -40.94 -0.72 8.73
N PHE B 165 -40.62 -1.40 9.84
CA PHE B 165 -41.12 -2.73 10.11
C PHE B 165 -42.29 -2.65 11.08
N GLN B 166 -43.25 -3.56 10.92
CA GLN B 166 -44.37 -3.69 11.83
C GLN B 166 -44.38 -5.09 12.40
N LYS B 167 -44.83 -5.21 13.65
CA LYS B 167 -44.90 -6.49 14.35
C LYS B 167 -45.99 -6.38 15.39
N GLY B 168 -47.03 -7.21 15.30
CA GLY B 168 -48.08 -7.14 16.29
C GLY B 168 -48.73 -5.77 16.34
N SER B 169 -48.43 -5.01 17.40
CA SER B 169 -48.93 -3.65 17.55
C SER B 169 -47.81 -2.63 17.66
N THR B 170 -46.61 -2.98 17.22
CA THR B 170 -45.45 -2.11 17.34
C THR B 170 -44.92 -1.75 15.95
N LYS B 171 -44.22 -0.62 15.89
CA LYS B 171 -43.59 -0.13 14.66
C LYS B 171 -42.14 0.20 14.92
N LEU B 172 -41.32 0.11 13.88
CA LEU B 172 -39.90 0.45 13.94
C LEU B 172 -39.57 1.43 12.82
N ALA B 173 -38.59 2.29 13.06
CA ALA B 173 -38.04 3.18 12.06
C ALA B 173 -36.53 3.21 12.21
N LEU B 174 -35.82 3.02 11.10
CA LEU B 174 -34.38 2.75 11.15
C LEU B 174 -33.64 3.73 10.23
N TYR B 175 -33.39 4.94 10.72
CA TYR B 175 -32.70 5.94 9.92
C TYR B 175 -31.21 5.67 9.96
N GLY B 176 -30.60 5.51 8.79
CA GLY B 176 -29.18 5.24 8.69
C GLY B 176 -28.42 6.54 8.52
N LEU B 177 -27.12 6.48 8.83
CA LEU B 177 -26.25 7.64 8.67
C LEU B 177 -24.84 7.10 8.41
N ALA B 178 -24.43 7.11 7.16
CA ALA B 178 -23.15 6.54 6.78
C ALA B 178 -22.02 7.45 7.27
N ALA B 179 -20.80 7.14 6.87
CA ALA B 179 -19.62 7.85 7.35
C ALA B 179 -19.28 8.97 6.38
N VAL B 180 -19.63 10.20 6.78
CA VAL B 180 -19.29 11.41 6.04
C VAL B 180 -18.41 12.26 6.93
N ARG B 181 -17.39 12.86 6.31
CA ARG B 181 -16.41 13.67 7.03
C ARG B 181 -17.10 14.72 7.89
N ASP B 182 -16.58 14.92 9.10
CA ASP B 182 -17.36 15.52 10.18
C ASP B 182 -17.76 16.96 9.91
N GLU B 183 -16.91 17.76 9.27
CA GLU B 183 -17.33 19.13 8.95
C GLU B 183 -18.35 19.14 7.83
N ARG B 184 -18.28 18.19 6.91
CA ARG B 184 -19.25 18.12 5.82
C ARG B 184 -20.65 17.92 6.36
N LEU B 185 -20.82 17.00 7.31
CA LEU B 185 -22.09 16.88 7.99
C LEU B 185 -22.35 18.09 8.86
N PHE B 186 -21.30 18.69 9.41
CA PHE B 186 -21.47 19.91 10.19
C PHE B 186 -21.99 21.05 9.32
N ARG B 187 -21.35 21.28 8.18
CA ARG B 187 -21.80 22.33 7.26
C ARG B 187 -23.21 22.03 6.76
N THR B 188 -23.50 20.77 6.42
CA THR B 188 -24.82 20.42 5.95
C THR B 188 -25.88 20.61 7.05
N PHE B 189 -25.51 20.39 8.30
CA PHE B 189 -26.42 20.69 9.40
C PHE B 189 -26.54 22.18 9.66
N LYS B 190 -25.56 22.98 9.23
CA LYS B 190 -25.59 24.41 9.49
C LYS B 190 -26.75 25.09 8.75
N ASP B 191 -26.91 24.78 7.47
CA ASP B 191 -27.88 25.47 6.62
C ASP B 191 -29.16 24.67 6.43
N GLY B 192 -29.42 23.69 7.29
CA GLY B 192 -30.63 22.89 7.16
C GLY B 192 -30.69 22.06 5.91
N GLY B 193 -29.57 21.48 5.50
CA GLY B 193 -29.50 20.63 4.33
C GLY B 193 -29.93 19.21 4.55
N VAL B 194 -30.62 18.92 5.66
CA VAL B 194 -31.04 17.57 6.02
C VAL B 194 -32.54 17.57 6.28
N THR B 195 -33.22 16.55 5.74
CA THR B 195 -34.64 16.36 5.96
C THR B 195 -34.87 14.96 6.50
N PHE B 196 -35.75 14.86 7.48
CA PHE B 196 -36.04 13.59 8.16
C PHE B 196 -37.47 13.19 7.83
N GLU B 197 -37.63 12.18 6.99
CA GLU B 197 -38.95 11.67 6.68
C GLU B 197 -39.60 11.14 7.95
N VAL B 198 -40.83 11.58 8.21
CA VAL B 198 -41.62 11.02 9.30
C VAL B 198 -42.91 10.50 8.70
N PRO B 199 -43.29 9.25 8.96
CA PRO B 199 -44.61 8.77 8.51
C PRO B 199 -45.72 9.61 9.11
N THR B 200 -46.71 9.95 8.28
CA THR B 200 -47.70 10.95 8.63
C THR B 200 -48.94 10.38 9.30
N MET B 201 -49.00 9.07 9.51
CA MET B 201 -50.19 8.43 10.08
C MET B 201 -49.90 7.94 11.49
N ARG B 202 -50.92 8.02 12.35
CA ARG B 202 -50.92 7.44 13.69
C ARG B 202 -49.77 8.01 14.54
N GLU B 203 -49.92 9.30 14.86
CA GLU B 203 -48.96 10.00 15.71
C GLU B 203 -48.77 9.28 17.05
N GLY B 204 -47.52 9.17 17.48
CA GLY B 204 -47.19 8.63 18.77
C GLY B 204 -47.08 7.12 18.84
N GLU B 205 -47.48 6.42 17.76
CA GLU B 205 -47.46 4.97 17.69
C GLU B 205 -46.08 4.42 17.35
N TRP B 206 -45.11 5.30 17.10
CA TRP B 206 -43.88 4.94 16.41
C TRP B 206 -42.67 4.97 17.33
N PHE B 207 -41.72 4.06 17.06
CA PHE B 207 -40.40 4.08 17.66
C PHE B 207 -39.39 4.43 16.58
N ASN B 208 -38.60 5.47 16.84
CA ASN B 208 -37.68 6.02 15.87
C ASN B 208 -36.26 5.71 16.30
N LEU B 209 -35.59 4.82 15.58
CA LEU B 209 -34.23 4.42 15.90
C LEU B 209 -33.28 4.99 14.86
N MET B 210 -32.10 5.37 15.29
CA MET B 210 -31.11 5.99 14.45
C MET B 210 -29.78 5.30 14.70
N CYS B 211 -28.91 5.31 13.70
CA CYS B 211 -27.55 4.85 13.87
C CYS B 211 -26.61 5.89 13.28
N VAL B 212 -25.72 6.44 14.12
CA VAL B 212 -24.82 7.51 13.70
C VAL B 212 -23.39 7.07 13.95
N HIS B 213 -22.48 7.53 13.09
CA HIS B 213 -21.11 7.05 13.10
C HIS B 213 -20.10 8.20 13.01
N GLN B 214 -20.24 9.20 13.86
CA GLN B 214 -19.25 10.29 13.93
C GLN B 214 -18.78 10.45 15.37
N ASN B 215 -17.85 11.39 15.59
CA ASN B 215 -17.32 11.62 16.92
C ASN B 215 -18.36 12.28 17.82
N HIS B 216 -18.28 12.01 19.12
CA HIS B 216 -19.25 12.62 20.03
C HIS B 216 -18.72 13.92 20.61
N THR B 217 -17.49 13.93 21.11
CA THR B 217 -16.83 15.14 21.56
C THR B 217 -15.42 15.12 21.00
N GLY B 218 -15.23 15.80 19.87
CA GLY B 218 -14.00 15.70 19.10
C GLY B 218 -12.97 16.71 19.56
N HIS B 219 -11.69 16.31 19.46
CA HIS B 219 -10.60 17.19 19.84
C HIS B 219 -10.53 18.43 18.97
N THR B 220 -10.92 18.34 17.71
CA THR B 220 -10.88 19.50 16.83
C THR B 220 -12.05 20.44 17.15
N ASN B 221 -11.96 21.66 16.61
CA ASN B 221 -12.93 22.70 16.92
C ASN B 221 -14.30 22.40 16.33
N THR B 222 -14.37 22.28 15.00
CA THR B 222 -15.62 22.06 14.28
C THR B 222 -15.67 20.69 13.62
N ALA B 223 -15.17 19.67 14.31
CA ALA B 223 -15.17 18.31 13.75
C ALA B 223 -15.82 17.32 14.71
N PHE B 224 -16.94 17.71 15.31
CA PHE B 224 -17.70 16.81 16.15
C PHE B 224 -19.18 17.08 15.96
N LEU B 225 -19.97 16.02 15.94
CA LEU B 225 -21.41 16.19 15.76
C LEU B 225 -22.05 16.54 17.09
N PRO B 226 -22.63 17.74 17.22
CA PRO B 226 -23.29 18.09 18.48
C PRO B 226 -24.57 17.30 18.65
N GLU B 227 -24.74 16.75 19.86
CA GLU B 227 -25.88 15.90 20.15
C GLU B 227 -27.21 16.65 20.01
N GLN B 228 -27.17 17.98 20.19
CA GLN B 228 -28.40 18.76 20.12
C GLN B 228 -28.96 18.85 18.71
N PHE B 229 -28.08 18.76 17.69
CA PHE B 229 -28.51 18.95 16.31
C PHE B 229 -29.51 17.89 15.85
N LEU B 230 -29.41 16.67 16.36
CA LEU B 230 -30.37 15.64 15.99
C LEU B 230 -31.76 16.07 16.47
N PRO B 231 -32.80 15.72 15.72
CA PRO B 231 -34.12 16.29 15.96
C PRO B 231 -34.79 15.71 17.19
N ASP B 232 -35.88 16.37 17.59
CA ASP B 232 -36.61 16.07 18.82
C ASP B 232 -37.47 14.82 18.71
N PHE B 233 -37.83 14.39 17.51
CA PHE B 233 -38.74 13.26 17.34
C PHE B 233 -38.04 11.91 17.46
N LEU B 234 -36.72 11.90 17.57
CA LEU B 234 -36.01 10.65 17.80
C LEU B 234 -36.34 10.07 19.17
N ASP B 235 -36.36 8.75 19.25
CA ASP B 235 -36.51 8.07 20.53
C ASP B 235 -35.24 7.38 21.00
N MET B 236 -34.23 7.23 20.13
CA MET B 236 -32.98 6.58 20.50
C MET B 236 -31.96 6.82 19.40
N VAL B 237 -30.72 6.45 19.69
CA VAL B 237 -29.63 6.58 18.72
C VAL B 237 -28.47 5.73 19.21
N ILE B 238 -27.66 5.24 18.28
CA ILE B 238 -26.51 4.40 18.60
C ILE B 238 -25.28 5.05 17.99
N TRP B 239 -24.28 5.31 18.83
CA TRP B 239 -23.12 6.09 18.41
C TRP B 239 -21.93 5.17 18.20
N GLY B 240 -21.46 5.11 16.96
CA GLY B 240 -20.25 4.38 16.64
C GLY B 240 -19.02 5.26 16.73
N HIS B 241 -17.95 4.79 16.08
CA HIS B 241 -16.70 5.52 15.89
C HIS B 241 -15.90 5.70 17.18
N GLU B 242 -16.44 5.29 18.31
CA GLU B 242 -15.74 5.41 19.58
C GLU B 242 -15.48 4.01 20.13
N HIS B 243 -14.24 3.76 20.55
CA HIS B 243 -13.82 2.46 21.07
C HIS B 243 -14.05 2.33 22.56
N GLU B 244 -14.74 3.27 23.19
CA GLU B 244 -15.06 3.19 24.61
C GLU B 244 -16.47 2.62 24.74
N CYS B 245 -16.63 1.64 25.63
CA CYS B 245 -17.94 1.09 25.89
C CYS B 245 -18.45 1.58 27.23
N ILE B 246 -19.66 2.14 27.23
CA ILE B 246 -20.35 2.49 28.47
C ILE B 246 -21.67 1.73 28.49
N PRO B 247 -21.88 0.81 29.45
CA PRO B 247 -23.13 0.05 29.50
C PRO B 247 -24.37 0.90 29.69
N ASN B 248 -24.24 2.06 30.32
CA ASN B 248 -25.41 2.86 30.63
C ASN B 248 -25.76 3.77 29.45
N LEU B 249 -26.87 4.48 29.58
CA LEU B 249 -27.39 5.36 28.54
C LEU B 249 -27.14 6.82 28.89
N VAL B 250 -27.35 7.68 27.92
CA VAL B 250 -27.12 9.12 28.06
C VAL B 250 -28.44 9.82 27.79
N HIS B 251 -29.22 10.06 28.83
CA HIS B 251 -30.56 10.62 28.70
C HIS B 251 -30.48 12.13 28.61
N ASN B 252 -31.11 12.70 27.59
CA ASN B 252 -31.15 14.16 27.54
C ASN B 252 -32.48 14.68 28.08
N PRO B 253 -32.47 15.84 28.75
CA PRO B 253 -33.71 16.37 29.32
C PRO B 253 -34.47 17.34 28.43
N ILE B 254 -33.85 17.88 27.37
CA ILE B 254 -34.50 18.89 26.55
C ILE B 254 -34.71 18.37 25.13
N LYS B 255 -33.97 17.33 24.75
CA LYS B 255 -34.12 16.72 23.45
C LYS B 255 -34.92 15.42 23.49
N ASN B 256 -35.11 14.84 24.67
CA ASN B 256 -35.99 13.70 24.89
C ASN B 256 -35.62 12.51 24.00
N PHE B 257 -34.35 12.15 24.03
CA PHE B 257 -33.92 10.92 23.36
C PHE B 257 -32.65 10.41 24.01
N ASP B 258 -32.59 9.10 24.21
CA ASP B 258 -31.44 8.45 24.80
C ASP B 258 -30.33 8.32 23.77
N VAL B 259 -29.11 8.08 24.26
CA VAL B 259 -28.00 7.70 23.42
C VAL B 259 -27.46 6.38 23.97
N LEU B 260 -26.73 5.67 23.14
CA LEU B 260 -25.94 4.55 23.60
C LEU B 260 -24.60 4.58 22.91
N GLN B 261 -23.60 4.07 23.59
CA GLN B 261 -22.23 4.00 23.08
C GLN B 261 -21.80 2.56 23.31
N PRO B 262 -22.15 1.65 22.40
CA PRO B 262 -21.86 0.23 22.64
C PRO B 262 -20.41 -0.16 22.38
N GLY B 263 -19.53 0.81 22.14
CA GLY B 263 -18.11 0.55 22.18
C GLY B 263 -17.55 -0.11 20.94
N SER B 264 -17.13 -1.35 21.08
CA SER B 264 -16.46 -2.10 20.02
C SER B 264 -16.51 -3.57 20.40
N SER B 265 -15.82 -4.40 19.63
CA SER B 265 -15.56 -5.78 20.01
C SER B 265 -14.07 -6.04 20.19
N VAL B 266 -13.26 -5.68 19.22
CA VAL B 266 -11.83 -5.83 19.32
C VAL B 266 -11.25 -4.56 19.94
N ALA B 267 -10.05 -4.69 20.50
CA ALA B 267 -9.32 -3.57 21.11
C ALA B 267 -8.33 -3.05 20.08
N THR B 268 -8.67 -1.91 19.45
CA THR B 268 -7.94 -1.46 18.28
C THR B 268 -6.61 -0.80 18.65
N SER B 269 -6.67 0.31 19.37
CA SER B 269 -5.47 1.04 19.76
C SER B 269 -5.31 0.96 21.27
N LEU B 270 -4.13 0.53 21.71
CA LEU B 270 -3.87 0.38 23.14
C LEU B 270 -3.84 1.75 23.79
N CYS B 271 -4.92 2.08 24.50
CA CYS B 271 -4.99 3.33 25.25
C CYS B 271 -5.97 3.12 26.39
N GLU B 272 -6.32 4.20 27.07
CA GLU B 272 -7.25 4.09 28.19
C GLU B 272 -8.65 3.67 27.74
N ALA B 273 -8.99 3.96 26.48
CA ALA B 273 -10.34 3.70 25.98
C ALA B 273 -10.66 2.21 25.91
N GLU B 274 -9.66 1.34 25.82
CA GLU B 274 -9.87 -0.09 25.73
C GLU B 274 -9.72 -0.81 27.06
N ALA B 275 -9.48 -0.08 28.15
CA ALA B 275 -9.32 -0.68 29.46
C ALA B 275 -10.64 -0.81 30.21
N GLN B 276 -11.77 -0.87 29.51
CA GLN B 276 -13.08 -0.94 30.12
C GLN B 276 -13.76 -2.24 29.74
N PRO B 277 -14.76 -2.68 30.51
CA PRO B 277 -15.52 -3.87 30.10
C PRO B 277 -16.25 -3.63 28.79
N LYS B 278 -16.09 -4.56 27.86
CA LYS B 278 -16.71 -4.48 26.54
C LYS B 278 -17.94 -5.34 26.54
N TYR B 279 -19.09 -4.76 26.25
CA TYR B 279 -20.33 -5.51 26.22
C TYR B 279 -20.88 -5.52 24.79
N VAL B 280 -22.05 -6.16 24.64
CA VAL B 280 -22.90 -6.01 23.47
C VAL B 280 -24.33 -6.08 23.98
N PHE B 281 -25.21 -5.30 23.36
CA PHE B 281 -26.43 -4.88 24.01
C PHE B 281 -27.67 -5.46 23.33
N ILE B 282 -28.71 -5.67 24.13
CA ILE B 282 -29.97 -6.25 23.70
C ILE B 282 -31.09 -5.31 24.09
N LEU B 283 -31.93 -4.95 23.13
CA LEU B 283 -33.07 -4.08 23.36
C LEU B 283 -34.35 -4.82 23.02
N ASP B 284 -35.30 -4.81 23.96
CA ASP B 284 -36.63 -5.35 23.72
C ASP B 284 -37.57 -4.16 23.60
N ILE B 285 -38.06 -3.94 22.39
CA ILE B 285 -38.86 -2.75 22.09
C ILE B 285 -40.33 -3.10 22.24
N LYS B 286 -41.00 -2.40 23.14
CA LYS B 286 -42.43 -2.60 23.39
C LYS B 286 -43.13 -1.25 23.31
N TYR B 287 -44.26 -1.22 22.61
CA TYR B 287 -45.06 0.00 22.58
C TYR B 287 -45.90 0.12 23.83
N GLY B 288 -46.04 1.36 24.33
CA GLY B 288 -46.79 1.63 25.53
C GLY B 288 -46.01 1.44 26.81
N GLU B 289 -44.85 0.80 26.75
CA GLU B 289 -44.02 0.54 27.91
C GLU B 289 -42.59 0.93 27.58
N ALA B 290 -41.84 1.25 28.62
CA ALA B 290 -40.47 1.74 28.46
C ALA B 290 -39.59 0.64 27.87
N PRO B 291 -38.56 1.01 27.10
CA PRO B 291 -37.61 -0.01 26.62
C PRO B 291 -36.76 -0.54 27.76
N LYS B 292 -36.38 -1.81 27.63
CA LYS B 292 -35.47 -2.43 28.59
C LYS B 292 -34.18 -2.81 27.88
N MET B 293 -33.09 -2.76 28.63
CA MET B 293 -31.76 -3.00 28.10
C MET B 293 -31.04 -4.00 29.00
N THR B 294 -30.54 -5.08 28.40
CA THR B 294 -29.86 -6.13 29.15
C THR B 294 -28.52 -6.41 28.50
N PRO B 295 -27.50 -5.60 28.78
CA PRO B 295 -26.19 -5.82 28.16
C PRO B 295 -25.57 -7.13 28.60
N ILE B 296 -24.88 -7.78 27.67
CA ILE B 296 -24.21 -9.04 27.97
C ILE B 296 -22.72 -8.87 27.70
N PRO B 297 -21.85 -9.45 28.52
CA PRO B 297 -20.41 -9.28 28.31
C PRO B 297 -19.90 -10.13 27.17
N LEU B 298 -18.73 -9.77 26.68
CA LEU B 298 -18.02 -10.55 25.68
C LEU B 298 -16.95 -11.37 26.37
N GLU B 299 -16.90 -12.66 26.03
CA GLU B 299 -16.10 -13.63 26.79
C GLU B 299 -14.91 -14.16 26.01
N THR B 300 -14.61 -13.64 24.84
CA THR B 300 -13.48 -14.09 24.05
C THR B 300 -12.46 -12.98 23.82
N ILE B 301 -12.35 -12.06 24.78
CA ILE B 301 -11.48 -10.90 24.67
C ILE B 301 -10.30 -11.08 25.61
N ARG B 302 -9.09 -10.94 25.07
CA ARG B 302 -7.88 -11.01 25.88
C ARG B 302 -7.90 -9.92 26.94
N THR B 303 -7.38 -10.26 28.12
CA THR B 303 -7.45 -9.34 29.26
C THR B 303 -6.64 -8.07 28.98
N PHE B 304 -7.23 -6.95 29.37
CA PHE B 304 -6.65 -5.64 29.09
C PHE B 304 -6.92 -4.75 30.29
N LYS B 305 -5.87 -4.45 31.05
CA LYS B 305 -5.92 -3.40 32.04
C LYS B 305 -4.69 -2.53 31.84
N MET B 306 -4.81 -1.26 32.22
CA MET B 306 -3.80 -0.27 31.92
C MET B 306 -3.35 0.41 33.20
N LYS B 307 -2.23 1.10 33.10
CA LYS B 307 -1.73 1.92 34.21
C LYS B 307 -0.89 3.04 33.61
N SER B 308 -1.19 4.27 34.01
CA SER B 308 -0.46 5.45 33.54
C SER B 308 0.15 6.14 34.76
N ILE B 309 1.48 6.06 34.88
CA ILE B 309 2.19 6.61 36.03
C ILE B 309 3.33 7.47 35.52
N SER B 310 3.79 8.38 36.37
CA SER B 310 4.84 9.33 36.02
C SER B 310 6.20 8.78 36.43
N LEU B 311 7.15 8.83 35.49
CA LEU B 311 8.48 8.28 35.73
C LEU B 311 9.32 9.21 36.60
N GLN B 312 9.43 10.49 36.21
CA GLN B 312 10.29 11.42 36.91
C GLN B 312 9.75 11.79 38.29
N ASP B 313 8.51 11.44 38.60
CA ASP B 313 7.95 11.72 39.92
C ASP B 313 8.65 10.93 41.01
N VAL B 314 8.87 9.64 40.76
CA VAL B 314 9.42 8.74 41.79
C VAL B 314 10.88 9.08 42.03
N PRO B 315 11.34 9.16 43.29
CA PRO B 315 12.75 9.48 43.55
C PRO B 315 13.68 8.39 43.05
N HIS B 316 14.98 8.68 43.16
CA HIS B 316 16.10 7.79 42.82
C HIS B 316 16.25 7.67 41.30
N LEU B 317 15.32 8.26 40.55
CA LEU B 317 15.38 8.20 39.09
C LEU B 317 16.42 9.20 38.61
N ARG B 318 17.68 8.76 38.54
CA ARG B 318 18.75 9.57 37.98
C ARG B 318 18.73 9.46 36.46
N PRO B 319 18.54 10.56 35.73
CA PRO B 319 18.33 10.49 34.27
C PRO B 319 19.58 10.30 33.44
N HIS B 320 20.49 9.43 33.90
CA HIS B 320 21.62 9.06 33.06
C HIS B 320 22.03 7.59 33.19
N ASP B 321 21.14 6.71 33.63
CA ASP B 321 21.47 5.31 33.86
C ASP B 321 20.49 4.41 33.12
N LYS B 322 21.01 3.36 32.48
CA LYS B 322 20.15 2.34 31.90
C LYS B 322 20.01 1.10 32.78
N ASP B 323 20.77 1.00 33.87
CA ASP B 323 20.67 -0.12 34.78
C ASP B 323 20.09 0.28 36.13
N ALA B 324 19.40 1.41 36.18
CA ALA B 324 18.73 1.87 37.39
C ALA B 324 17.26 2.18 37.21
N THR B 325 16.80 2.41 35.98
CA THR B 325 15.38 2.64 35.70
C THR B 325 14.72 1.46 35.00
N SER B 326 15.49 0.61 34.33
CA SER B 326 14.92 -0.57 33.70
C SER B 326 14.31 -1.50 34.75
N LYS B 327 14.98 -1.65 35.89
CA LYS B 327 14.43 -2.47 36.96
C LYS B 327 13.13 -1.89 37.49
N TYR B 328 13.05 -0.57 37.64
CA TYR B 328 11.83 0.05 38.15
C TYR B 328 10.68 -0.11 37.17
N LEU B 329 10.97 -0.02 35.87
CA LEU B 329 9.90 -0.26 34.89
C LEU B 329 9.47 -1.73 34.88
N ILE B 330 10.45 -2.63 34.94
CA ILE B 330 10.18 -4.07 34.87
C ILE B 330 9.35 -4.53 36.06
N GLU B 331 9.66 -4.03 37.25
CA GLU B 331 8.91 -4.46 38.42
C GLU B 331 7.46 -3.99 38.40
N GLN B 332 7.11 -3.07 37.49
CA GLN B 332 5.72 -2.71 37.26
C GLN B 332 5.10 -3.56 36.15
N VAL B 333 5.83 -3.75 35.05
CA VAL B 333 5.30 -4.51 33.93
C VAL B 333 5.06 -5.96 34.32
N GLU B 334 6.05 -6.58 34.94
CA GLU B 334 5.97 -7.97 35.40
C GLU B 334 5.14 -8.11 36.66
N GLU B 335 4.55 -7.03 37.16
CA GLU B 335 3.52 -7.09 38.18
C GLU B 335 2.13 -7.04 37.57
N MET B 336 1.93 -6.14 36.61
CA MET B 336 0.69 -6.12 35.86
C MET B 336 0.47 -7.42 35.11
N ILE B 337 1.56 -8.03 34.61
CA ILE B 337 1.43 -9.32 33.92
C ILE B 337 0.93 -10.39 34.89
N ARG B 338 1.47 -10.42 36.10
CA ARG B 338 1.00 -11.40 37.08
C ARG B 338 -0.48 -11.18 37.40
N ASP B 339 -0.88 -9.92 37.59
CA ASP B 339 -2.28 -9.65 37.88
C ASP B 339 -3.17 -10.05 36.72
N ALA B 340 -2.72 -9.79 35.50
CA ALA B 340 -3.50 -10.11 34.31
C ALA B 340 -3.66 -11.61 34.14
N ASN B 341 -2.59 -12.38 34.34
CA ASN B 341 -2.69 -13.82 34.26
C ASN B 341 -3.54 -14.40 35.37
N GLU B 342 -3.49 -13.82 36.57
CA GLU B 342 -4.38 -14.26 37.64
C GLU B 342 -5.85 -14.02 37.28
N GLU B 343 -6.17 -12.84 36.73
CA GLU B 343 -7.54 -12.55 36.36
C GLU B 343 -8.00 -13.47 35.22
N THR B 344 -7.13 -13.72 34.25
CA THR B 344 -7.45 -14.66 33.19
C THR B 344 -7.73 -16.05 33.73
N LYS B 345 -6.89 -16.52 34.67
CA LYS B 345 -7.11 -17.80 35.32
C LYS B 345 -8.49 -17.84 35.99
N GLN B 346 -8.81 -16.82 36.77
CA GLN B 346 -10.08 -16.81 37.50
C GLN B 346 -11.25 -16.85 36.53
N LYS B 347 -11.26 -15.96 35.53
CA LYS B 347 -12.37 -15.87 34.60
C LYS B 347 -12.53 -17.16 33.80
N LEU B 348 -11.41 -17.75 33.36
CA LEU B 348 -11.49 -18.95 32.54
C LEU B 348 -11.85 -20.20 33.33
N ALA B 349 -11.40 -20.32 34.57
CA ALA B 349 -11.49 -21.60 35.27
C ALA B 349 -12.31 -21.56 36.55
N ASP B 350 -13.09 -20.50 36.79
CA ASP B 350 -13.97 -20.50 37.95
C ASP B 350 -15.33 -21.13 37.67
N ASP B 351 -15.60 -21.52 36.42
CA ASP B 351 -16.88 -22.09 36.03
C ASP B 351 -16.87 -23.62 36.02
N GLY B 352 -16.44 -24.24 37.12
CA GLY B 352 -16.50 -25.69 37.25
C GLY B 352 -15.73 -26.46 36.21
N GLU B 353 -14.61 -25.91 35.72
CA GLU B 353 -13.76 -26.54 34.72
C GLU B 353 -12.30 -26.44 35.14
N GLY B 354 -12.02 -26.81 36.38
CA GLY B 354 -10.70 -26.60 36.93
C GLY B 354 -10.12 -27.77 37.72
N ASP B 355 -10.43 -29.00 37.33
CA ASP B 355 -9.77 -30.15 37.94
C ASP B 355 -8.27 -30.13 37.65
N MET B 356 -7.89 -29.82 36.42
CA MET B 356 -6.52 -29.58 36.03
C MET B 356 -6.33 -28.10 35.74
N VAL B 357 -5.07 -27.67 35.70
CA VAL B 357 -4.75 -26.27 35.46
C VAL B 357 -5.00 -25.98 33.98
N ALA B 358 -6.10 -25.31 33.68
CA ALA B 358 -6.52 -25.13 32.30
C ALA B 358 -5.67 -24.06 31.60
N GLU B 359 -5.64 -24.15 30.26
CA GLU B 359 -4.81 -23.26 29.46
C GLU B 359 -5.30 -21.82 29.57
N LEU B 360 -4.37 -20.87 29.46
CA LEU B 360 -4.67 -19.46 29.55
C LEU B 360 -4.48 -18.76 28.21
N PRO B 361 -5.29 -17.76 27.90
CA PRO B 361 -4.90 -16.78 26.89
C PRO B 361 -4.03 -15.69 27.48
N LYS B 362 -2.97 -15.36 26.75
CA LYS B 362 -2.04 -14.33 27.20
C LYS B 362 -2.71 -12.96 27.19
N PRO B 363 -2.31 -12.05 28.08
CA PRO B 363 -3.06 -10.79 28.22
C PRO B 363 -2.50 -9.63 27.41
N LEU B 364 -3.26 -8.54 27.32
CA LEU B 364 -2.79 -7.30 26.73
C LEU B 364 -2.51 -6.30 27.85
N ILE B 365 -1.29 -5.78 27.90
CA ILE B 365 -0.82 -4.96 29.00
C ILE B 365 -0.22 -3.68 28.45
N ARG B 366 -0.71 -2.53 28.92
CA ARG B 366 -0.20 -1.23 28.51
C ARG B 366 0.18 -0.43 29.76
N LEU B 367 1.40 0.11 29.75
CA LEU B 367 1.89 0.95 30.84
C LEU B 367 2.36 2.28 30.24
N ARG B 368 1.85 3.38 30.77
CA ARG B 368 2.16 4.72 30.25
C ARG B 368 3.05 5.44 31.25
N VAL B 369 4.30 5.70 30.86
CA VAL B 369 5.25 6.44 31.67
C VAL B 369 5.84 7.57 30.84
N ASP B 370 5.98 8.74 31.44
CA ASP B 370 6.54 9.89 30.74
C ASP B 370 8.00 10.07 31.14
N TYR B 371 8.88 10.11 30.13
CA TYR B 371 10.31 10.21 30.34
C TYR B 371 10.83 11.64 30.18
N SER B 372 9.97 12.63 30.40
CA SER B 372 10.31 14.02 30.13
C SER B 372 11.46 14.49 31.01
N ALA B 373 11.92 15.71 30.73
CA ALA B 373 13.00 16.28 31.51
C ALA B 373 12.54 16.50 32.95
N PRO B 374 13.47 16.47 33.91
CA PRO B 374 13.12 16.85 35.27
C PRO B 374 12.60 18.29 35.30
N SER B 375 11.64 18.53 36.19
CA SER B 375 10.87 19.77 36.12
C SER B 375 11.72 20.99 36.49
N ASN B 376 12.78 20.81 37.27
CA ASN B 376 13.55 21.94 37.75
C ASN B 376 14.64 22.36 36.77
N THR B 377 15.25 21.42 36.07
CA THR B 377 16.49 21.67 35.34
C THR B 377 16.27 21.60 33.83
N GLN B 378 17.34 21.87 33.09
CA GLN B 378 17.40 21.87 31.64
C GLN B 378 18.60 21.03 31.19
N SER B 379 18.71 19.84 31.73
CA SER B 379 19.84 18.97 31.44
C SER B 379 19.81 18.56 29.97
N PRO B 380 20.97 18.53 29.31
CA PRO B 380 20.99 18.19 27.88
C PRO B 380 20.70 16.73 27.59
N ILE B 381 20.74 15.85 28.59
CA ILE B 381 20.52 14.42 28.40
C ILE B 381 19.30 14.03 29.23
N ASP B 382 18.32 13.41 28.56
CA ASP B 382 17.13 12.91 29.23
C ASP B 382 17.37 11.48 29.71
N TYR B 383 16.30 10.81 30.15
CA TYR B 383 16.41 9.41 30.53
C TYR B 383 16.74 8.55 29.32
N GLN B 384 17.58 7.54 29.50
CA GLN B 384 17.94 6.62 28.42
C GLN B 384 17.03 5.39 28.53
N VAL B 385 15.83 5.52 27.99
CA VAL B 385 14.81 4.49 28.12
C VAL B 385 14.82 3.61 26.88
N GLU B 386 14.28 2.41 27.01
CA GLU B 386 14.39 1.42 25.95
C GLU B 386 13.19 1.48 25.01
N ASN B 387 13.10 0.50 24.11
CA ASN B 387 12.20 0.50 22.97
C ASN B 387 11.47 -0.83 22.86
N PRO B 388 10.54 -1.00 21.90
CA PRO B 388 9.94 -2.33 21.71
C PRO B 388 10.94 -3.42 21.41
N ARG B 389 12.04 -3.12 20.74
CA ARG B 389 13.03 -4.14 20.41
C ARG B 389 13.78 -4.66 21.63
N ARG B 390 13.70 -3.96 22.76
CA ARG B 390 14.40 -4.37 23.97
C ARG B 390 13.59 -4.19 25.25
N PHE B 391 12.35 -3.73 25.18
CA PHE B 391 11.48 -3.74 26.34
C PHE B 391 10.15 -4.43 26.11
N SER B 392 9.81 -4.74 24.86
CA SER B 392 8.67 -5.59 24.56
C SER B 392 9.07 -6.85 23.80
N ASN B 393 10.20 -6.85 23.10
CA ASN B 393 10.70 -8.07 22.47
C ASN B 393 11.31 -9.01 23.49
N ARG B 394 11.75 -8.50 24.65
CA ARG B 394 12.28 -9.34 25.71
C ARG B 394 11.19 -10.02 26.52
N PHE B 395 9.94 -9.94 26.08
CA PHE B 395 8.80 -10.51 26.78
C PHE B 395 8.08 -11.55 25.93
N VAL B 396 8.80 -12.26 25.06
CA VAL B 396 8.15 -13.22 24.19
C VAL B 396 7.65 -14.41 25.00
N GLY B 397 6.46 -14.90 24.65
CA GLY B 397 5.87 -16.03 25.32
C GLY B 397 5.27 -15.75 26.67
N ARG B 398 5.17 -14.48 27.08
CA ARG B 398 4.64 -14.18 28.40
C ARG B 398 3.53 -13.13 28.34
N VAL B 399 3.55 -12.28 27.31
CA VAL B 399 2.52 -11.27 27.13
C VAL B 399 2.02 -11.34 25.68
N ALA B 400 0.77 -10.92 25.48
CA ALA B 400 0.14 -11.02 24.16
C ALA B 400 0.24 -9.76 23.32
N ASN B 401 0.77 -8.67 23.87
CA ASN B 401 1.00 -7.44 23.11
C ASN B 401 2.48 -7.12 23.04
N GLY B 402 3.31 -8.13 22.76
CA GLY B 402 4.73 -8.01 22.98
C GLY B 402 5.48 -7.18 21.96
N ASN B 403 4.88 -6.04 21.57
CA ASN B 403 5.58 -4.99 20.85
C ASN B 403 5.29 -3.60 21.40
N ASN B 404 4.25 -3.42 22.22
CA ASN B 404 3.87 -2.12 22.75
C ASN B 404 3.45 -2.22 24.21
N VAL B 405 4.21 -2.95 25.02
CA VAL B 405 3.79 -3.20 26.39
C VAL B 405 3.85 -1.92 27.23
N VAL B 406 4.80 -1.05 26.96
CA VAL B 406 4.99 0.17 27.75
C VAL B 406 5.02 1.37 26.82
N GLN B 407 4.60 2.51 27.37
CA GLN B 407 4.40 3.74 26.61
C GLN B 407 5.41 4.79 27.05
N PHE B 408 6.09 5.39 26.08
CA PHE B 408 7.16 6.37 26.31
C PHE B 408 6.84 7.66 25.56
N TYR B 409 6.16 8.59 26.23
CA TYR B 409 5.98 9.94 25.71
C TYR B 409 6.55 10.93 26.71
N LYS B 410 6.52 12.21 26.34
CA LYS B 410 6.79 13.30 27.27
C LYS B 410 5.69 14.34 27.14
N LYS B 411 5.21 14.85 28.27
CA LYS B 411 4.06 15.75 28.28
C LYS B 411 4.51 17.14 27.85
N ARG B 412 4.07 17.59 26.69
CA ARG B 412 4.51 18.90 26.28
C ARG B 412 4.00 19.94 27.24
N MET C 1 24.57 -18.22 -16.44
CA MET C 1 25.26 -17.90 -15.20
C MET C 1 25.39 -19.13 -14.31
N SER C 2 26.04 -18.98 -13.17
CA SER C 2 26.17 -20.04 -12.18
C SER C 2 25.55 -19.57 -10.87
N ALA C 3 24.85 -20.48 -10.20
CA ALA C 3 24.13 -20.12 -9.00
C ALA C 3 25.09 -19.84 -7.84
N ILE C 4 24.53 -19.28 -6.78
CA ILE C 4 25.20 -19.16 -5.49
C ILE C 4 24.46 -20.06 -4.51
N TYR C 5 25.18 -20.99 -3.89
CA TYR C 5 24.51 -21.84 -2.92
C TYR C 5 24.30 -21.11 -1.61
N LYS C 6 25.39 -20.81 -0.90
CA LYS C 6 25.30 -20.21 0.42
C LYS C 6 26.39 -19.18 0.61
N LEU C 7 26.19 -18.35 1.62
CA LEU C 7 27.18 -17.43 2.16
C LEU C 7 27.31 -17.77 3.64
N SER C 8 27.93 -16.89 4.42
CA SER C 8 28.02 -17.15 5.86
C SER C 8 28.11 -15.82 6.59
N ILE C 9 26.96 -15.28 7.01
CA ILE C 9 26.94 -13.98 7.70
C ILE C 9 27.04 -14.29 9.18
N GLN C 10 28.28 -14.49 9.64
CA GLN C 10 28.56 -14.81 11.03
C GLN C 10 29.10 -13.55 11.70
N GLY C 11 28.32 -13.01 12.64
CA GLY C 11 28.74 -11.85 13.40
C GLY C 11 28.90 -10.57 12.63
N ILE C 12 28.01 -10.30 11.68
CA ILE C 12 28.03 -9.08 10.89
C ILE C 12 26.67 -8.40 11.02
N ARG C 13 26.68 -7.07 11.00
CA ARG C 13 25.46 -6.27 11.01
C ARG C 13 24.58 -6.58 12.22
N SER C 14 23.45 -7.26 12.01
CA SER C 14 22.53 -7.50 13.10
C SER C 14 22.49 -8.97 13.49
N PHE C 15 23.09 -9.85 12.70
CA PHE C 15 23.21 -11.24 13.11
C PHE C 15 24.28 -11.36 14.19
N ASP C 16 24.04 -12.24 15.16
CA ASP C 16 24.89 -12.31 16.33
C ASP C 16 26.29 -12.81 15.95
N SER C 17 27.26 -12.47 16.80
CA SER C 17 28.60 -13.03 16.68
C SER C 17 28.71 -14.44 17.24
N ASN C 18 27.68 -14.93 17.92
CA ASN C 18 27.73 -16.26 18.50
C ASN C 18 27.41 -17.34 17.47
N ASP C 19 26.21 -17.31 16.89
CA ASP C 19 25.74 -18.37 16.02
C ASP C 19 25.83 -17.97 14.56
N ARG C 20 26.23 -18.92 13.72
CA ARG C 20 26.26 -18.75 12.28
C ARG C 20 24.84 -18.95 11.76
N GLU C 21 24.32 -17.94 11.07
CA GLU C 21 23.00 -18.02 10.47
C GLU C 21 23.06 -17.48 9.05
N THR C 22 22.97 -18.39 8.08
CA THR C 22 22.82 -18.05 6.68
C THR C 22 21.46 -18.55 6.19
N ILE C 23 20.92 -17.86 5.20
CA ILE C 23 19.71 -18.28 4.53
C ILE C 23 20.09 -18.75 3.13
N GLU C 24 19.28 -19.63 2.57
CA GLU C 24 19.54 -20.17 1.25
C GLU C 24 18.69 -19.44 0.21
N PHE C 25 18.74 -19.94 -1.02
CA PHE C 25 18.24 -19.23 -2.18
C PHE C 25 17.18 -20.07 -2.87
N GLY C 26 16.60 -19.52 -3.94
CA GLY C 26 15.62 -20.23 -4.72
C GLY C 26 15.80 -19.94 -6.21
N LYS C 27 15.12 -20.76 -7.02
CA LYS C 27 15.17 -20.64 -8.46
C LYS C 27 13.76 -20.78 -9.03
N PRO C 28 13.37 -19.94 -10.01
CA PRO C 28 14.13 -18.85 -10.64
C PRO C 28 13.80 -17.51 -9.98
N LEU C 29 13.83 -17.49 -8.65
CA LEU C 29 13.46 -16.31 -7.88
C LEU C 29 13.90 -16.55 -6.44
N THR C 30 14.39 -15.51 -5.78
CA THR C 30 14.76 -15.58 -4.36
C THR C 30 14.13 -14.39 -3.66
N LEU C 31 12.88 -14.58 -3.22
CA LEU C 31 12.12 -13.51 -2.61
C LEU C 31 12.52 -13.33 -1.16
N ILE C 32 12.63 -12.07 -0.73
CA ILE C 32 12.90 -11.73 0.66
C ILE C 32 11.84 -10.74 1.12
N VAL C 33 11.40 -10.89 2.37
CA VAL C 33 10.35 -10.07 2.94
C VAL C 33 10.80 -9.59 4.32
N GLY C 34 9.98 -8.75 4.93
CA GLY C 34 10.17 -8.37 6.31
C GLY C 34 10.26 -6.86 6.50
N MET C 35 10.41 -6.48 7.76
CA MET C 35 10.47 -5.08 8.14
C MET C 35 11.88 -4.53 7.98
N ASN C 36 11.96 -3.19 7.86
CA ASN C 36 13.24 -2.55 7.61
C ASN C 36 14.09 -2.49 8.88
N SER C 38 16.30 -4.89 9.65
CA SER C 38 16.54 -6.25 10.11
C SER C 38 17.18 -7.03 8.95
N GLY C 39 18.50 -7.01 8.89
CA GLY C 39 19.22 -7.96 8.08
C GLY C 39 19.15 -7.77 6.58
N LYS C 40 17.92 -7.69 6.06
CA LYS C 40 17.65 -7.85 4.63
C LYS C 40 18.54 -6.96 3.75
N THR C 41 18.61 -5.68 4.07
CA THR C 41 19.28 -4.74 3.18
C THR C 41 20.78 -4.93 3.22
N THR C 42 21.29 -5.61 4.24
CA THR C 42 22.70 -5.94 4.36
C THR C 42 23.00 -7.37 4.00
N ILE C 43 21.98 -8.20 3.80
CA ILE C 43 22.19 -9.52 3.20
C ILE C 43 22.86 -9.36 1.85
N ILE C 44 22.47 -8.31 1.11
CA ILE C 44 23.12 -7.96 -0.14
C ILE C 44 24.57 -7.53 0.07
N GLU C 45 24.94 -7.13 1.28
CA GLU C 45 26.27 -6.58 1.50
C GLU C 45 27.33 -7.66 1.66
N CYS C 46 26.94 -8.90 1.94
CA CYS C 46 27.89 -9.93 2.34
C CYS C 46 28.39 -10.78 1.19
N LEU C 47 27.88 -10.58 -0.02
CA LEU C 47 28.32 -11.37 -1.17
C LEU C 47 29.57 -10.80 -1.81
N LYS C 48 29.58 -9.49 -2.09
CA LYS C 48 30.77 -8.81 -2.58
C LYS C 48 31.79 -8.55 -1.48
N TYR C 49 31.33 -8.52 -0.22
CA TYR C 49 32.18 -8.19 0.93
C TYR C 49 33.41 -9.10 0.99
N ALA C 50 33.19 -10.40 0.91
CA ALA C 50 34.29 -11.35 0.93
C ALA C 50 34.75 -11.74 -0.46
N THR C 51 34.08 -11.26 -1.51
CA THR C 51 34.51 -11.56 -2.87
C THR C 51 35.61 -10.60 -3.32
N THR C 52 35.41 -9.30 -3.11
CA THR C 52 36.36 -8.29 -3.56
C THR C 52 36.84 -7.36 -2.46
N GLY C 53 36.38 -7.54 -1.22
CA GLY C 53 36.73 -6.62 -0.17
C GLY C 53 36.02 -5.29 -0.33
N ASP C 54 34.72 -5.34 -0.61
CA ASP C 54 33.91 -4.14 -0.80
C ASP C 54 33.27 -3.76 0.52
N LEU C 55 34.02 -3.02 1.33
CA LEU C 55 33.44 -2.36 2.49
C LEU C 55 32.46 -1.29 1.99
N PRO C 56 31.41 -1.00 2.76
CA PRO C 56 30.48 0.06 2.37
C PRO C 56 31.20 1.39 2.29
N PRO C 57 30.78 2.25 1.37
CA PRO C 57 31.29 3.63 1.38
C PRO C 57 30.89 4.32 2.67
N ASN C 58 31.65 5.37 3.01
CA ASN C 58 31.52 6.05 4.30
C ASN C 58 31.68 5.08 5.47
N SER C 59 32.71 4.25 5.39
CA SER C 59 32.99 3.28 6.44
C SER C 59 34.48 2.95 6.43
N LYS C 60 35.17 3.29 7.51
CA LYS C 60 36.59 2.95 7.64
C LYS C 60 36.92 2.22 8.93
N GLY C 61 36.12 2.36 9.98
CA GLY C 61 36.48 1.80 11.27
C GLY C 61 35.83 0.46 11.53
N GLY C 62 35.44 -0.23 10.46
CA GLY C 62 34.81 -1.53 10.59
C GLY C 62 33.46 -1.44 11.30
N VAL C 63 32.65 -0.47 10.89
CA VAL C 63 31.35 -0.22 11.50
C VAL C 63 30.44 -1.42 11.29
N PHE C 64 30.68 -2.17 10.21
CA PHE C 64 29.73 -3.20 9.77
C PHE C 64 29.66 -4.35 10.75
N ILE C 65 30.78 -4.66 11.42
CA ILE C 65 30.80 -5.75 12.38
C ILE C 65 29.98 -5.33 13.60
N HIS C 66 29.34 -6.29 14.24
CA HIS C 66 28.58 -6.01 15.43
C HIS C 66 29.49 -5.41 16.49
N ASP C 67 29.06 -4.29 17.06
CA ASP C 67 29.95 -3.54 17.95
C ASP C 67 30.09 -4.24 19.29
N PRO C 68 31.31 -4.32 19.82
CA PRO C 68 31.50 -5.05 21.09
C PRO C 68 30.74 -4.44 22.25
N LYS C 69 30.55 -3.12 22.26
CA LYS C 69 29.89 -2.47 23.38
C LYS C 69 28.44 -2.93 23.53
N ILE C 70 27.76 -3.19 22.42
CA ILE C 70 26.38 -3.67 22.47
C ILE C 70 26.33 -5.04 23.14
N THR C 71 27.27 -5.91 22.79
CA THR C 71 27.35 -7.21 23.46
C THR C 71 27.95 -7.05 24.85
N GLY C 72 29.13 -6.45 24.94
CA GLY C 72 29.68 -6.12 26.24
C GLY C 72 31.07 -6.66 26.52
N GLU C 73 31.74 -7.16 25.50
CA GLU C 73 33.07 -7.72 25.66
C GLU C 73 34.09 -6.87 24.91
N LYS C 74 35.34 -7.35 24.88
CA LYS C 74 36.44 -6.64 24.26
C LYS C 74 37.05 -7.39 23.09
N ASP C 75 36.33 -8.37 22.53
CA ASP C 75 36.82 -9.09 21.36
C ASP C 75 35.61 -9.60 20.58
N ILE C 76 35.27 -8.90 19.50
CA ILE C 76 34.16 -9.27 18.62
C ILE C 76 34.65 -9.20 17.19
N ARG C 77 34.10 -10.07 16.33
CA ARG C 77 34.60 -10.20 14.97
C ARG C 77 33.50 -10.75 14.07
N ALA C 78 33.86 -11.01 12.81
CA ALA C 78 32.94 -11.55 11.82
C ALA C 78 33.70 -12.47 10.88
N GLN C 79 32.97 -13.41 10.27
CA GLN C 79 33.53 -14.32 9.29
C GLN C 79 32.52 -14.53 8.17
N VAL C 80 33.05 -14.76 6.98
CA VAL C 80 32.26 -14.99 5.79
C VAL C 80 33.04 -16.03 5.01
N LYS C 81 32.47 -17.22 4.84
CA LYS C 81 33.17 -18.28 4.12
C LYS C 81 32.49 -18.75 2.84
N LEU C 82 31.18 -18.51 2.68
CA LEU C 82 30.49 -18.51 1.38
C LEU C 82 30.66 -19.82 0.61
N ALA C 83 30.01 -20.86 1.14
CA ALA C 83 29.91 -22.14 0.42
C ALA C 83 28.93 -22.00 -0.73
N PHE C 84 29.44 -21.73 -1.93
CA PHE C 84 28.61 -21.48 -3.10
C PHE C 84 29.16 -22.22 -4.32
N THR C 85 28.44 -22.11 -5.45
CA THR C 85 28.72 -22.89 -6.66
C THR C 85 29.76 -22.17 -7.52
N SER C 86 29.93 -22.62 -8.77
CA SER C 86 30.80 -21.95 -9.73
C SER C 86 30.41 -22.38 -11.14
N ALA C 87 31.25 -21.99 -12.11
CA ALA C 87 30.88 -22.08 -13.52
C ALA C 87 30.64 -23.52 -13.96
N ASN C 88 31.62 -24.40 -13.72
CA ASN C 88 31.48 -25.81 -14.05
C ASN C 88 31.12 -26.65 -12.84
N GLY C 89 30.41 -26.06 -11.87
CA GLY C 89 30.09 -26.74 -10.64
C GLY C 89 31.27 -26.96 -9.72
N LEU C 90 32.30 -26.14 -9.84
CA LEU C 90 33.49 -26.25 -8.99
C LEU C 90 33.26 -25.35 -7.77
N ASN C 91 32.43 -25.82 -6.86
CA ASN C 91 32.07 -25.05 -5.68
C ASN C 91 33.30 -24.73 -4.84
N MET C 92 33.23 -23.63 -4.10
CA MET C 92 34.38 -23.08 -3.39
C MET C 92 33.94 -22.50 -2.04
N ILE C 93 34.91 -22.38 -1.14
CA ILE C 93 34.71 -21.75 0.17
C ILE C 93 35.91 -20.87 0.44
N VAL C 94 35.67 -19.63 0.87
CA VAL C 94 36.73 -18.68 1.15
C VAL C 94 36.26 -17.75 2.26
N THR C 95 36.99 -17.74 3.38
CA THR C 95 36.59 -16.93 4.53
C THR C 95 37.41 -15.66 4.61
N ARG C 96 36.74 -14.58 5.03
CA ARG C 96 37.37 -13.28 5.23
C ARG C 96 37.52 -13.07 6.73
N ASN C 97 38.75 -13.16 7.22
CA ASN C 97 39.04 -13.07 8.64
C ASN C 97 39.21 -11.60 8.98
N ILE C 98 38.09 -10.93 9.21
CA ILE C 98 38.10 -9.52 9.57
C ILE C 98 37.60 -9.39 11.00
N GLN C 99 38.24 -8.49 11.75
CA GLN C 99 38.05 -8.42 13.19
C GLN C 99 37.83 -6.99 13.62
N LEU C 100 37.07 -6.82 14.70
CA LEU C 100 36.87 -5.54 15.36
C LEU C 100 37.68 -5.43 16.66
N LEU C 101 38.79 -6.17 16.75
CA LEU C 101 39.55 -6.23 18.00
C LEU C 101 40.10 -4.85 18.36
N MET C 102 40.20 -4.58 19.66
CA MET C 102 40.54 -3.27 20.16
C MET C 102 41.84 -3.31 20.95
N LYS C 103 42.61 -2.23 20.81
CA LYS C 103 43.80 -1.99 21.64
C LYS C 103 43.38 -1.32 22.94
N LYS C 104 44.34 -0.73 23.65
CA LYS C 104 44.12 -0.08 24.93
C LYS C 104 42.85 0.76 24.96
N THR C 105 42.70 1.68 24.00
CA THR C 105 41.44 2.39 23.83
C THR C 105 41.09 2.59 22.36
N THR C 106 41.80 1.93 21.44
CA THR C 106 41.61 2.15 20.02
C THR C 106 40.66 1.11 19.45
N THR C 107 40.50 1.14 18.12
CA THR C 107 39.68 0.20 17.37
C THR C 107 40.42 -0.27 16.12
N THR C 108 41.66 -0.72 16.32
CA THR C 108 42.54 -1.08 15.21
C THR C 108 41.93 -2.15 14.32
N PHE C 109 42.10 -1.99 13.02
CA PHE C 109 41.42 -2.79 12.00
C PHE C 109 42.45 -3.44 11.09
N LYS C 110 42.30 -4.73 10.86
CA LYS C 110 43.22 -5.49 10.01
C LYS C 110 42.52 -6.76 9.53
N THR C 111 43.31 -7.69 9.00
CA THR C 111 42.79 -8.93 8.44
C THR C 111 43.72 -10.09 8.77
N LEU C 112 43.32 -11.27 8.32
CA LEU C 112 44.14 -12.48 8.40
C LEU C 112 44.02 -13.24 7.09
N GLU C 113 44.64 -14.41 7.05
CA GLU C 113 44.63 -15.23 5.85
C GLU C 113 43.30 -15.95 5.68
N GLY C 114 42.88 -16.12 4.43
CA GLY C 114 41.68 -16.83 4.09
C GLY C 114 41.95 -18.21 3.55
N GLN C 115 41.12 -18.62 2.59
CA GLN C 115 41.29 -19.93 1.97
C GLN C 115 40.80 -19.87 0.53
N LEU C 116 41.25 -20.83 -0.28
CA LEU C 116 40.85 -20.93 -1.68
C LEU C 116 40.55 -22.39 -2.03
N VAL C 117 39.76 -23.06 -1.18
CA VAL C 117 39.40 -24.45 -1.45
C VAL C 117 38.53 -24.54 -2.70
N ALA C 118 38.56 -25.72 -3.34
CA ALA C 118 37.75 -26.02 -4.52
C ALA C 118 37.00 -27.32 -4.23
N ILE C 119 35.69 -27.19 -3.92
CA ILE C 119 34.94 -28.31 -3.38
C ILE C 119 34.76 -29.39 -4.43
N ASN C 120 35.06 -30.63 -4.06
CA ASN C 120 34.86 -31.79 -4.92
C ASN C 120 33.40 -32.23 -4.87
N ASN C 121 32.96 -32.86 -5.96
CA ASN C 121 31.61 -33.41 -5.99
C ASN C 121 31.47 -34.61 -5.07
N SER C 122 32.58 -35.24 -4.68
CA SER C 122 32.57 -36.32 -3.70
C SER C 122 33.05 -35.87 -2.33
N GLY C 123 33.99 -34.93 -2.25
CA GLY C 123 34.39 -34.38 -0.98
C GLY C 123 35.87 -34.04 -0.83
N ASP C 124 36.71 -34.54 -1.72
CA ASP C 124 38.15 -34.31 -1.63
C ASP C 124 38.46 -32.93 -2.21
N ARG C 125 38.37 -31.91 -1.36
CA ARG C 125 38.55 -30.52 -1.79
C ARG C 125 40.03 -30.24 -2.01
N SER C 126 40.34 -29.01 -2.45
CA SER C 126 41.73 -28.62 -2.72
C SER C 126 41.88 -27.11 -2.64
N THR C 127 42.80 -26.64 -1.81
CA THR C 127 43.07 -25.21 -1.69
C THR C 127 44.13 -24.78 -2.71
N LEU C 128 44.15 -23.48 -3.02
CA LEU C 128 45.09 -22.92 -3.98
C LEU C 128 46.11 -21.98 -3.34
N SER C 129 45.65 -20.90 -2.72
CA SER C 129 46.52 -19.86 -2.20
C SER C 129 45.68 -18.85 -1.42
N THR C 130 46.28 -18.26 -0.38
CA THR C 130 45.50 -17.67 0.70
C THR C 130 45.42 -16.14 0.66
N ARG C 131 46.15 -15.47 -0.23
CA ARG C 131 46.29 -14.03 -0.14
C ARG C 131 44.98 -13.31 -0.47
N SER C 132 44.67 -12.27 0.32
CA SER C 132 43.42 -11.54 0.14
C SER C 132 43.43 -10.70 -1.14
N LEU C 133 44.59 -10.16 -1.52
CA LEU C 133 44.68 -9.50 -2.82
C LEU C 133 44.42 -10.51 -3.94
N GLU C 134 45.09 -11.66 -3.89
CA GLU C 134 44.79 -12.73 -4.82
C GLU C 134 43.37 -13.26 -4.63
N LEU C 135 42.82 -13.17 -3.42
CA LEU C 135 41.42 -13.53 -3.21
C LEU C 135 40.50 -12.67 -4.06
N ASP C 136 40.67 -11.34 -3.99
CA ASP C 136 39.86 -10.45 -4.79
C ASP C 136 40.22 -10.52 -6.27
N ALA C 137 41.40 -11.03 -6.61
CA ALA C 137 41.73 -11.24 -8.01
C ALA C 137 41.08 -12.50 -8.57
N GLN C 138 40.94 -13.54 -7.75
CA GLN C 138 40.52 -14.86 -8.23
C GLN C 138 39.03 -15.10 -8.07
N VAL C 139 38.44 -14.70 -6.94
CA VAL C 139 37.01 -14.95 -6.72
C VAL C 139 36.15 -14.31 -7.79
N PRO C 140 36.39 -13.07 -8.25
CA PRO C 140 35.73 -12.63 -9.49
C PRO C 140 36.10 -13.44 -10.72
N LEU C 141 37.33 -13.96 -10.80
CA LEU C 141 37.74 -14.68 -12.00
C LEU C 141 36.90 -15.92 -12.24
N TYR C 142 36.74 -16.74 -11.21
CA TYR C 142 35.85 -17.90 -11.28
C TYR C 142 34.42 -17.56 -10.89
N LEU C 143 34.17 -16.31 -10.48
CA LEU C 143 32.83 -15.86 -10.17
C LEU C 143 32.13 -15.34 -11.41
N GLY C 144 32.91 -14.77 -12.34
CA GLY C 144 32.32 -14.28 -13.57
C GLY C 144 32.21 -12.78 -13.65
N VAL C 145 31.00 -12.30 -13.35
CA VAL C 145 30.53 -10.93 -13.52
C VAL C 145 31.62 -9.90 -13.21
N PRO C 146 31.73 -8.82 -14.00
CA PRO C 146 32.89 -7.93 -13.90
C PRO C 146 33.02 -7.26 -12.54
N LYS C 147 34.26 -6.91 -12.19
CA LYS C 147 34.59 -6.41 -10.86
C LYS C 147 33.99 -5.05 -10.55
N ALA C 148 33.19 -4.47 -11.44
CA ALA C 148 32.51 -3.21 -11.17
C ALA C 148 31.00 -3.30 -11.37
N ILE C 149 30.47 -4.52 -11.49
CA ILE C 149 29.05 -4.71 -11.76
C ILE C 149 28.32 -5.34 -10.59
N LEU C 150 28.97 -6.23 -9.82
CA LEU C 150 28.25 -6.88 -8.73
C LEU C 150 27.99 -5.90 -7.60
N GLU C 151 28.86 -4.90 -7.44
CA GLU C 151 28.65 -3.91 -6.40
C GLU C 151 27.56 -2.92 -6.74
N TYR C 152 27.40 -2.56 -8.02
CA TYR C 152 26.47 -1.53 -8.43
C TYR C 152 25.26 -2.04 -9.19
N VAL C 153 25.38 -3.17 -9.88
CA VAL C 153 24.32 -3.61 -10.78
C VAL C 153 23.56 -4.78 -10.19
N ILE C 154 24.27 -5.88 -9.90
CA ILE C 154 23.59 -7.04 -9.35
C ILE C 154 23.27 -6.78 -7.89
N PHE C 155 24.30 -6.67 -7.06
CA PHE C 155 24.11 -6.42 -5.63
C PHE C 155 24.42 -4.95 -5.34
N CYS C 156 23.48 -4.08 -5.70
CA CYS C 156 23.58 -2.69 -5.35
C CYS C 156 23.12 -2.47 -3.92
N HIS C 157 23.32 -1.26 -3.42
CA HIS C 157 22.86 -0.93 -2.09
C HIS C 157 21.37 -0.64 -2.12
N GLN C 158 20.81 -0.35 -0.95
CA GLN C 158 19.41 0.06 -0.89
C GLN C 158 19.23 1.54 -1.17
N GLU C 159 20.31 2.33 -1.17
CA GLU C 159 20.22 3.72 -1.59
C GLU C 159 21.38 4.17 -2.48
N ASP C 160 22.27 3.28 -2.90
CA ASP C 160 23.09 3.52 -4.07
C ASP C 160 22.39 3.14 -5.35
N SER C 161 21.14 2.66 -5.25
CA SER C 161 20.39 2.20 -6.42
C SER C 161 20.18 3.33 -7.42
N LEU C 162 19.81 4.51 -6.95
CA LEU C 162 19.56 5.64 -7.84
C LEU C 162 20.86 6.30 -8.22
N TRP C 163 21.81 5.51 -8.73
CA TRP C 163 23.14 6.00 -9.09
C TRP C 163 23.25 6.72 -10.43
N PRO C 164 22.55 6.32 -11.51
CA PRO C 164 22.89 6.91 -12.82
C PRO C 164 22.46 8.36 -12.97
N LEU C 165 21.65 8.88 -12.07
CA LEU C 165 21.14 10.25 -12.18
C LEU C 165 21.86 11.20 -11.21
N SER C 166 23.17 11.33 -11.40
CA SER C 166 23.95 12.29 -10.62
C SER C 166 24.67 13.33 -11.49
N GLU C 167 25.58 12.89 -12.39
CA GLU C 167 26.46 13.80 -13.12
C GLU C 167 27.27 13.07 -14.18
N PRO C 168 27.75 13.78 -15.20
CA PRO C 168 28.47 13.10 -16.30
C PRO C 168 29.78 12.42 -15.95
N SER C 169 30.65 13.09 -15.17
CA SER C 169 32.03 12.65 -15.02
C SER C 169 32.14 11.31 -14.29
N ASN C 170 31.46 11.17 -13.16
CA ASN C 170 31.57 9.93 -12.38
C ASN C 170 31.14 8.73 -13.19
N LEU C 171 29.98 8.82 -13.85
CA LEU C 171 29.48 7.75 -14.68
C LEU C 171 30.39 7.51 -15.88
N LYS C 172 30.90 8.58 -16.48
CA LYS C 172 31.71 8.46 -17.69
C LYS C 172 33.02 7.74 -17.40
N LYS C 173 33.64 8.03 -16.26
CA LYS C 173 34.82 7.28 -15.86
C LYS C 173 34.48 5.94 -15.23
N LYS C 174 33.24 5.76 -14.77
CA LYS C 174 32.83 4.47 -14.20
C LYS C 174 32.61 3.43 -15.29
N PHE C 175 32.11 3.84 -16.45
CA PHE C 175 31.83 2.89 -17.51
C PHE C 175 33.09 2.30 -18.13
N ASP C 176 34.27 2.86 -17.86
CA ASP C 176 35.50 2.29 -18.37
C ASP C 176 35.77 0.91 -17.80
N GLU C 177 35.46 0.72 -16.51
CA GLU C 177 35.77 -0.56 -15.85
C GLU C 177 34.96 -1.70 -16.43
N ILE C 178 33.70 -1.45 -16.80
CA ILE C 178 32.92 -2.47 -17.50
C ILE C 178 33.55 -2.78 -18.85
N PHE C 179 34.14 -1.79 -19.49
CA PHE C 179 34.89 -1.94 -20.73
C PHE C 179 36.33 -2.39 -20.50
N GLN C 180 36.79 -2.37 -19.25
CA GLN C 180 38.09 -2.94 -18.83
C GLN C 180 39.29 -2.30 -19.56
N ALA C 181 39.06 -1.19 -20.25
CA ALA C 181 40.15 -0.48 -20.93
C ALA C 181 41.10 0.15 -19.93
N LEU C 1144 32.51 2.63 -28.78
CA LEU C 1144 32.10 2.09 -30.08
C LEU C 1144 31.45 0.72 -29.91
N LYS C 1145 31.54 0.17 -28.70
CA LYS C 1145 30.88 -1.08 -28.35
C LYS C 1145 29.52 -0.86 -27.72
N MET C 1146 29.12 0.38 -27.49
CA MET C 1146 27.83 0.68 -26.88
C MET C 1146 26.80 0.87 -27.99
N GLN C 1147 26.09 -0.20 -28.31
CA GLN C 1147 24.99 -0.14 -29.28
C GLN C 1147 23.74 -0.87 -28.85
N ASP C 1148 23.82 -1.83 -27.92
CA ASP C 1148 22.68 -2.65 -27.56
C ASP C 1148 22.15 -2.38 -26.16
N ILE C 1149 22.90 -1.65 -25.33
CA ILE C 1149 22.44 -1.42 -23.97
C ILE C 1149 21.23 -0.49 -23.96
N ASN C 1150 21.25 0.54 -24.80
CA ASN C 1150 20.06 1.36 -24.97
C ASN C 1150 19.00 0.67 -25.81
N ARG C 1151 19.36 -0.39 -26.52
CA ARG C 1151 18.34 -1.16 -27.23
C ARG C 1151 17.37 -1.80 -26.25
N ILE C 1152 17.88 -2.35 -25.16
CA ILE C 1152 17.06 -3.03 -24.17
C ILE C 1152 16.62 -2.07 -23.06
N ILE C 1153 16.76 -0.77 -23.28
CA ILE C 1153 16.44 0.22 -22.25
C ILE C 1153 15.05 0.81 -22.40
N ASP C 1154 14.33 0.50 -23.49
CA ASP C 1154 13.06 1.15 -23.75
C ASP C 1154 11.86 0.23 -23.88
N GLU C 1155 12.05 -1.06 -24.21
CA GLU C 1155 10.88 -1.95 -24.30
C GLU C 1155 10.17 -2.07 -22.97
N LEU C 1156 10.93 -2.19 -21.88
CA LEU C 1156 10.33 -2.14 -20.55
C LEU C 1156 9.74 -0.77 -20.28
N TRP C 1157 10.40 0.28 -20.76
CA TRP C 1157 9.90 1.64 -20.66
C TRP C 1157 8.56 1.77 -21.35
N LYS C 1158 8.43 1.18 -22.55
CA LYS C 1158 7.12 1.13 -23.20
C LYS C 1158 6.14 0.29 -22.39
N ARG C 1159 6.62 -0.83 -21.84
CA ARG C 1159 5.73 -1.82 -21.24
C ARG C 1159 5.34 -1.42 -19.83
N THR C 1160 6.33 -1.19 -18.97
CA THR C 1160 6.07 -0.92 -17.56
C THR C 1160 5.70 0.54 -17.33
N TYR C 1161 6.56 1.44 -17.79
CA TYR C 1161 6.43 2.86 -17.46
C TYR C 1161 5.27 3.49 -18.21
N SER C 1162 4.10 3.55 -17.56
CA SER C 1162 2.89 4.10 -18.17
C SER C 1162 2.95 5.63 -18.12
N GLY C 1163 3.90 6.18 -18.88
CA GLY C 1163 4.08 7.62 -18.97
C GLY C 1163 3.78 8.17 -20.34
N THR C 1164 2.81 9.09 -20.41
CA THR C 1164 2.40 9.68 -21.68
C THR C 1164 3.13 10.99 -21.95
N ASP C 1165 4.45 10.97 -21.76
CA ASP C 1165 5.25 12.16 -22.01
C ASP C 1165 6.46 11.90 -22.89
N ILE C 1166 7.11 10.75 -22.70
CA ILE C 1166 8.43 10.53 -23.28
C ILE C 1166 8.47 9.15 -23.93
N ASP C 1167 9.20 9.05 -25.05
CA ASP C 1167 9.26 7.80 -25.80
C ASP C 1167 10.31 6.85 -25.24
N THR C 1168 11.58 7.24 -25.30
CA THR C 1168 12.67 6.31 -25.02
C THR C 1168 13.91 7.05 -24.52
N ILE C 1169 14.46 6.57 -23.41
CA ILE C 1169 15.70 7.12 -22.86
C ILE C 1169 16.89 6.53 -23.62
N LYS C 1170 18.02 7.21 -23.56
CA LYS C 1170 19.28 6.69 -24.07
C LYS C 1170 20.38 7.03 -23.06
N ILE C 1171 21.62 6.72 -23.42
CA ILE C 1171 22.78 7.01 -22.57
C ILE C 1171 23.84 7.74 -23.38
N ARG C 1172 23.40 8.57 -24.32
CA ARG C 1172 24.27 9.25 -25.28
C ARG C 1172 25.51 9.85 -24.64
N SER C 1173 26.63 9.73 -25.35
CA SER C 1173 27.87 10.36 -24.93
C SER C 1173 27.78 11.87 -24.97
N ASN C 1186 28.96 13.29 -22.29
CA ASN C 1186 28.23 13.33 -21.03
C ASN C 1186 27.24 12.18 -20.90
N TYR C 1187 27.65 11.09 -20.26
CA TYR C 1187 26.73 9.99 -20.03
C TYR C 1187 25.64 10.44 -19.08
N ARG C 1188 24.40 10.45 -19.55
CA ARG C 1188 23.30 11.05 -18.80
C ARG C 1188 22.02 10.30 -19.12
N VAL C 1189 20.89 10.92 -18.82
CA VAL C 1189 19.59 10.28 -18.72
C VAL C 1189 18.61 10.86 -19.73
N VAL C 1190 19.10 11.15 -20.94
CA VAL C 1190 18.37 11.89 -21.97
C VAL C 1190 16.98 11.33 -22.23
N MET C 1191 15.95 12.13 -21.93
CA MET C 1191 14.62 11.80 -22.40
C MET C 1191 14.53 12.05 -23.90
N TYR C 1192 13.49 11.50 -24.52
CA TYR C 1192 13.14 11.77 -25.92
C TYR C 1192 11.75 12.40 -25.93
N LYS C 1193 11.71 13.72 -26.03
CA LYS C 1193 10.46 14.46 -26.10
C LYS C 1193 10.21 14.87 -27.55
N GLN C 1194 9.42 14.06 -28.26
CA GLN C 1194 9.09 14.28 -29.67
C GLN C 1194 10.34 14.37 -30.53
N ASP C 1195 11.23 13.38 -30.38
CA ASP C 1195 12.45 13.22 -31.16
C ASP C 1195 13.46 14.33 -30.93
N VAL C 1196 13.32 15.11 -29.86
CA VAL C 1196 14.37 16.02 -29.40
C VAL C 1196 14.66 15.68 -27.95
N GLU C 1197 15.91 15.86 -27.54
CA GLU C 1197 16.41 15.33 -26.27
C GLU C 1197 16.17 16.33 -25.15
N LEU C 1198 15.07 16.15 -24.45
CA LEU C 1198 14.76 16.94 -23.26
C LEU C 1198 15.45 16.28 -22.07
N ASP C 1199 16.68 16.71 -21.80
CA ASP C 1199 17.49 16.06 -20.77
C ASP C 1199 16.87 16.17 -19.39
N MET C 1200 16.79 15.03 -18.70
CA MET C 1200 16.27 14.98 -17.35
C MET C 1200 17.37 14.92 -16.30
N ARG C 1201 18.62 15.18 -16.69
CA ARG C 1201 19.66 15.41 -15.71
C ARG C 1201 19.42 16.79 -15.10
N GLY C 1202 18.65 16.85 -14.01
CA GLY C 1202 18.26 18.08 -13.38
C GLY C 1202 16.84 18.51 -13.67
N ARG C 1203 16.24 17.95 -14.71
CA ARG C 1203 14.83 18.14 -15.04
C ARG C 1203 14.16 16.77 -15.20
N CYS C 1204 14.33 15.93 -14.18
CA CYS C 1204 13.60 14.68 -14.03
C CYS C 1204 12.64 14.78 -12.85
N GLY C 1207 10.22 9.59 -9.32
CA GLY C 1207 9.74 8.29 -9.77
C GLY C 1207 10.30 7.90 -11.11
N GLN C 1208 10.35 8.84 -12.04
CA GLN C 1208 11.03 8.58 -13.30
C GLN C 1208 12.51 8.29 -13.09
N LYS C 1209 13.13 8.94 -12.10
CA LYS C 1209 14.54 8.69 -11.79
C LYS C 1209 14.77 7.25 -11.37
N VAL C 1210 13.98 6.77 -10.39
CA VAL C 1210 14.18 5.43 -9.87
C VAL C 1210 13.81 4.39 -10.93
N LEU C 1211 12.76 4.65 -11.71
CA LEU C 1211 12.34 3.70 -12.74
C LEU C 1211 13.39 3.59 -13.84
N ALA C 1212 13.92 4.73 -14.30
CA ALA C 1212 15.00 4.69 -15.28
C ALA C 1212 16.22 4.00 -14.72
N SER C 1213 16.47 4.17 -13.42
CA SER C 1213 17.58 3.47 -12.76
C SER C 1213 17.37 1.95 -12.80
N ILE C 1214 16.14 1.51 -12.49
CA ILE C 1214 15.84 0.09 -12.54
C ILE C 1214 16.11 -0.46 -13.92
N ILE C 1215 15.66 0.25 -14.95
CA ILE C 1215 15.82 -0.23 -16.31
C ILE C 1215 17.29 -0.22 -16.73
N ILE C 1216 18.05 0.79 -16.28
CA ILE C 1216 19.46 0.84 -16.59
C ILE C 1216 20.20 -0.33 -15.97
N ARG C 1217 19.79 -0.73 -14.76
CA ARG C 1217 20.36 -1.95 -14.17
C ARG C 1217 19.91 -3.19 -14.93
N LEU C 1218 18.64 -3.24 -15.35
CA LEU C 1218 18.05 -4.41 -15.99
C LEU C 1218 18.31 -4.40 -17.49
N ALA C 1219 19.28 -3.63 -17.90
CA ALA C 1219 19.94 -3.85 -19.18
C ALA C 1219 21.41 -4.24 -19.03
N LEU C 1220 22.12 -3.58 -18.11
CA LEU C 1220 23.53 -3.89 -17.88
C LEU C 1220 23.70 -5.28 -17.28
N SER C 1221 22.77 -5.71 -16.44
CA SER C 1221 22.82 -7.09 -15.96
C SER C 1221 22.56 -8.09 -17.08
N GLU C 1222 21.88 -7.67 -18.15
CA GLU C 1222 21.51 -8.58 -19.22
C GLU C 1222 22.56 -8.68 -20.31
N THR C 1223 23.38 -7.65 -20.51
CA THR C 1223 24.26 -7.65 -21.67
C THR C 1223 25.64 -8.21 -21.38
N PHE C 1224 26.40 -7.62 -20.45
CA PHE C 1224 27.84 -7.83 -20.43
C PHE C 1224 28.22 -9.13 -19.74
N GLY C 1225 27.97 -9.25 -18.44
CA GLY C 1225 28.51 -10.37 -17.68
C GLY C 1225 27.48 -11.32 -17.14
N ALA C 1226 27.75 -12.63 -17.20
CA ALA C 1226 26.78 -13.61 -16.72
C ALA C 1226 27.49 -14.85 -16.18
N ASN C 1227 27.84 -14.83 -14.88
CA ASN C 1227 28.21 -16.07 -14.21
C ASN C 1227 27.85 -16.11 -12.73
N CYS C 1228 27.22 -15.09 -12.15
CA CYS C 1228 26.90 -15.11 -10.73
C CYS C 1228 25.64 -14.31 -10.46
N GLY C 1229 24.72 -14.92 -9.71
CA GLY C 1229 23.39 -14.37 -9.53
C GLY C 1229 22.76 -14.08 -10.86
N VAL C 1230 21.74 -13.23 -10.90
CA VAL C 1230 21.41 -12.52 -12.13
C VAL C 1230 21.21 -11.04 -11.81
N ILE C 1231 20.37 -10.76 -10.81
CA ILE C 1231 19.83 -9.44 -10.50
C ILE C 1231 19.39 -9.45 -9.05
N ALA C 1232 19.71 -8.41 -8.29
CA ALA C 1232 19.24 -8.28 -6.92
C ALA C 1232 18.67 -6.88 -6.69
N LEU C 1233 17.37 -6.74 -6.86
CA LEU C 1233 16.69 -5.45 -6.75
C LEU C 1233 16.36 -5.20 -5.29
N ASP C 1234 17.20 -4.44 -4.60
CA ASP C 1234 16.95 -4.06 -3.22
C ASP C 1234 15.93 -2.94 -3.21
N GLN C 1235 14.67 -3.32 -3.02
CA GLN C 1235 13.52 -2.42 -3.06
C GLN C 1235 13.51 -1.59 -4.33
N PRO C 1236 13.22 -2.20 -5.48
CA PRO C 1236 13.06 -1.42 -6.70
C PRO C 1236 11.87 -0.47 -6.66
N THR C 1237 10.80 -0.86 -5.97
CA THR C 1237 9.50 -0.16 -6.01
C THR C 1237 9.50 1.00 -5.03
N THR C 1238 10.28 2.02 -5.35
CA THR C 1238 10.33 3.25 -4.56
C THR C 1238 9.67 4.39 -5.34
N ASN C 1239 8.70 5.04 -4.71
CA ASN C 1239 8.01 6.24 -5.20
C ASN C 1239 7.17 6.00 -6.44
N LEU C 1240 6.65 4.80 -6.66
CA LEU C 1240 5.83 4.51 -7.83
C LEU C 1240 4.41 4.14 -7.40
N ASP C 1241 3.42 4.62 -8.15
CA ASP C 1241 2.01 4.58 -7.76
C ASP C 1241 1.29 3.40 -8.42
N GLU C 1242 -0.03 3.32 -8.22
CA GLU C 1242 -0.80 2.13 -8.56
C GLU C 1242 -0.71 1.77 -10.03
N GLU C 1243 -1.00 2.73 -10.91
CA GLU C 1243 -0.91 2.46 -12.35
C GLU C 1243 0.52 2.19 -12.78
N ASN C 1244 1.49 2.48 -11.93
CA ASN C 1244 2.86 2.04 -12.15
C ASN C 1244 3.21 0.80 -11.34
N ILE C 1245 2.67 0.68 -10.13
CA ILE C 1245 3.08 -0.42 -9.27
C ILE C 1245 2.54 -1.75 -9.78
N GLU C 1246 1.33 -1.75 -10.37
CA GLU C 1246 0.79 -2.99 -10.91
C GLU C 1246 1.47 -3.38 -12.20
N SER C 1247 1.89 -2.39 -13.00
CA SER C 1247 2.60 -2.62 -14.24
C SER C 1247 4.10 -2.79 -14.05
N LEU C 1248 4.60 -2.66 -12.82
CA LEU C 1248 6.04 -2.71 -12.58
C LEU C 1248 6.65 -4.05 -12.94
N ALA C 1249 6.06 -5.14 -12.47
CA ALA C 1249 6.68 -6.45 -12.54
C ALA C 1249 6.31 -7.23 -13.80
N LYS C 1250 5.55 -6.63 -14.71
CA LYS C 1250 5.28 -7.29 -15.98
C LYS C 1250 6.57 -7.53 -16.75
N SER C 1251 7.46 -6.53 -16.79
CA SER C 1251 8.74 -6.72 -17.46
C SER C 1251 9.62 -7.70 -16.70
N LEU C 1252 9.48 -7.76 -15.38
CA LEU C 1252 10.21 -8.77 -14.62
C LEU C 1252 9.75 -10.18 -15.00
N HIS C 1253 8.43 -10.39 -15.09
CA HIS C 1253 7.90 -11.69 -15.48
C HIS C 1253 8.31 -12.04 -16.91
N ASN C 1254 8.26 -11.07 -17.82
CA ASN C 1254 8.67 -11.35 -19.20
C ASN C 1254 10.15 -11.64 -19.28
N ILE C 1255 10.96 -10.97 -18.46
CA ILE C 1255 12.38 -11.26 -18.40
C ILE C 1255 12.62 -12.66 -17.86
N ILE C 1256 11.86 -13.06 -16.84
CA ILE C 1256 11.97 -14.41 -16.30
C ILE C 1256 11.64 -15.42 -17.38
N ASN C 1257 10.50 -15.24 -18.04
CA ASN C 1257 10.02 -16.24 -19.00
C ASN C 1257 10.91 -16.33 -20.23
N MET C 1258 11.35 -15.19 -20.77
CA MET C 1258 12.25 -15.22 -21.91
C MET C 1258 13.61 -15.76 -21.52
N ARG C 1259 14.11 -15.38 -20.33
CA ARG C 1259 15.42 -15.78 -19.85
C ARG C 1259 15.41 -17.09 -19.08
N ARG C 1260 14.24 -17.72 -18.91
CA ARG C 1260 14.21 -19.07 -18.36
C ARG C 1260 14.69 -20.09 -19.36
N HIS C 1261 14.73 -19.75 -20.66
CA HIS C 1261 15.46 -20.56 -21.61
C HIS C 1261 16.94 -20.64 -21.27
N GLN C 1262 17.52 -19.52 -20.82
CA GLN C 1262 18.86 -19.52 -20.27
C GLN C 1262 18.92 -20.41 -19.04
N LYS C 1263 20.03 -21.15 -18.91
CA LYS C 1263 20.13 -22.22 -17.93
C LYS C 1263 20.10 -21.74 -16.49
N ASN C 1264 20.27 -20.44 -16.24
CA ASN C 1264 20.31 -19.96 -14.86
C ASN C 1264 19.62 -18.60 -14.75
N PHE C 1265 18.86 -18.44 -13.67
CA PHE C 1265 18.24 -17.17 -13.31
C PHE C 1265 17.69 -17.28 -11.89
N GLN C 1266 17.94 -16.26 -11.06
CA GLN C 1266 17.40 -16.21 -9.72
C GLN C 1266 17.21 -14.74 -9.35
N LEU C 1267 15.99 -14.25 -9.56
CA LEU C 1267 15.70 -12.83 -9.34
C LEU C 1267 15.57 -12.57 -7.86
N ILE C 1268 16.56 -11.90 -7.28
CA ILE C 1268 16.57 -11.60 -5.86
C ILE C 1268 15.89 -10.26 -5.64
N VAL C 1269 14.71 -10.28 -5.05
CA VAL C 1269 13.96 -9.07 -4.77
C VAL C 1269 13.82 -8.94 -3.26
N ILE C 1270 14.08 -7.75 -2.73
CA ILE C 1270 13.86 -7.45 -1.32
C ILE C 1270 12.77 -6.41 -1.26
N THR C 1271 11.61 -6.77 -0.72
CA THR C 1271 10.42 -5.94 -0.89
C THR C 1271 9.41 -6.27 0.21
N HIS C 1272 8.72 -5.22 0.67
CA HIS C 1272 7.57 -5.38 1.55
C HIS C 1272 6.33 -4.69 0.99
N ASP C 1273 6.26 -4.54 -0.34
CA ASP C 1273 5.12 -3.90 -1.00
C ASP C 1273 4.10 -4.98 -1.34
N GLU C 1274 2.92 -4.92 -0.71
CA GLU C 1274 1.90 -5.93 -0.97
C GLU C 1274 1.32 -5.80 -2.37
N LYS C 1275 1.04 -4.57 -2.81
CA LYS C 1275 0.49 -4.41 -4.15
C LYS C 1275 1.53 -4.65 -5.24
N PHE C 1276 2.79 -4.84 -4.88
CA PHE C 1276 3.79 -5.28 -5.84
C PHE C 1276 3.94 -6.80 -5.83
N LEU C 1277 3.87 -7.41 -4.65
CA LEU C 1277 3.99 -8.86 -4.56
C LEU C 1277 2.77 -9.56 -5.13
N GLY C 1278 1.58 -9.03 -4.85
CA GLY C 1278 0.32 -9.62 -5.27
C GLY C 1278 -0.01 -9.46 -6.73
N HIS C 1279 0.85 -8.81 -7.51
CA HIS C 1279 0.69 -8.71 -8.95
C HIS C 1279 1.48 -9.77 -9.70
N MET C 1280 2.72 -10.01 -9.30
CA MET C 1280 3.60 -10.91 -10.04
C MET C 1280 3.36 -12.38 -9.70
N ASN C 1281 2.28 -12.71 -9.01
CA ASN C 1281 1.89 -14.10 -8.73
C ASN C 1281 3.01 -14.84 -8.01
N ALA C 1282 3.30 -14.40 -6.78
CA ALA C 1282 4.35 -15.02 -5.98
C ALA C 1282 4.08 -16.51 -5.76
N ALA C 1283 2.81 -16.90 -5.68
CA ALA C 1283 2.43 -18.30 -5.52
C ALA C 1283 2.52 -19.09 -6.83
N ALA C 1284 3.20 -18.57 -7.85
CA ALA C 1284 3.30 -19.24 -9.13
C ALA C 1284 4.73 -19.52 -9.56
N PHE C 1285 5.73 -19.15 -8.76
CA PHE C 1285 7.12 -19.42 -9.10
C PHE C 1285 7.96 -20.00 -7.98
N THR C 1286 7.55 -19.87 -6.71
CA THR C 1286 8.34 -20.36 -5.60
C THR C 1286 7.42 -20.91 -4.52
N ASP C 1287 8.01 -21.73 -3.65
CA ASP C 1287 7.31 -22.30 -2.51
C ASP C 1287 7.73 -21.66 -1.18
N HIS C 1288 8.50 -20.58 -1.23
CA HIS C 1288 9.06 -19.99 -0.02
C HIS C 1288 9.56 -18.58 -0.32
N PHE C 1289 9.43 -17.71 0.68
CA PHE C 1289 10.11 -16.41 0.69
C PHE C 1289 10.96 -16.33 1.93
N PHE C 1290 12.26 -16.07 1.75
CA PHE C 1290 13.21 -16.13 2.85
C PHE C 1290 13.03 -14.92 3.75
N LYS C 1291 12.28 -15.09 4.84
CA LYS C 1291 11.85 -14.01 5.71
C LYS C 1291 12.91 -13.72 6.77
N VAL C 1292 13.02 -12.45 7.15
CA VAL C 1292 14.02 -11.99 8.11
C VAL C 1292 13.31 -11.24 9.23
N LYS C 1293 13.60 -11.62 10.47
CA LYS C 1293 12.99 -11.01 11.64
C LYS C 1293 14.09 -10.79 12.68
N ARG C 1294 13.71 -10.36 13.89
CA ARG C 1294 14.67 -10.06 14.95
C ARG C 1294 14.19 -10.64 16.26
N ASP C 1295 15.12 -11.20 17.05
CA ASP C 1295 14.80 -11.84 18.31
C ASP C 1295 14.87 -10.86 19.47
N ASP C 1296 14.90 -11.40 20.69
CA ASP C 1296 14.90 -10.57 21.89
C ASP C 1296 16.21 -9.79 22.04
N ARG C 1297 17.35 -10.43 21.77
CA ARG C 1297 18.65 -9.84 22.06
C ARG C 1297 19.19 -9.00 20.90
N GLN C 1298 18.29 -8.39 20.12
CA GLN C 1298 18.64 -7.53 18.99
C GLN C 1298 19.52 -8.26 17.98
N LYS C 1299 19.21 -9.55 17.78
CA LYS C 1299 19.86 -10.34 16.75
C LYS C 1299 18.80 -10.78 15.74
N SER C 1300 19.10 -10.61 14.47
CA SER C 1300 18.17 -10.99 13.43
C SER C 1300 18.29 -12.48 13.12
N GLN C 1301 17.14 -13.17 13.08
CA GLN C 1301 17.11 -14.62 12.87
C GLN C 1301 16.18 -14.94 11.70
N ILE C 1302 16.76 -15.45 10.61
CA ILE C 1302 15.99 -15.76 9.40
C ILE C 1302 15.23 -17.06 9.61
N GLU C 1303 13.94 -17.06 9.29
CA GLU C 1303 13.09 -18.23 9.41
C GLU C 1303 12.72 -18.76 8.02
N TRP C 1304 11.85 -19.77 7.99
CA TRP C 1304 11.45 -20.45 6.76
C TRP C 1304 9.93 -20.58 6.75
N VAL C 1305 9.29 -19.71 5.98
CA VAL C 1305 7.83 -19.67 5.87
C VAL C 1305 7.45 -19.87 4.42
N ASP C 1306 6.45 -20.72 4.17
CA ASP C 1306 6.10 -21.13 2.83
C ASP C 1306 5.39 -20.00 2.08
N ILE C 1307 5.17 -20.22 0.79
CA ILE C 1307 4.81 -19.12 -0.12
C ILE C 1307 3.41 -18.59 0.21
N ASN C 1308 2.48 -19.48 0.53
CA ASN C 1308 1.09 -19.07 0.72
C ASN C 1308 0.91 -18.14 1.92
N ARG C 1309 1.72 -18.29 2.96
CA ARG C 1309 1.44 -17.66 4.24
C ARG C 1309 1.60 -16.13 4.23
N VAL C 1310 2.00 -15.53 3.12
CA VAL C 1310 2.05 -14.08 3.02
C VAL C 1310 0.66 -13.54 2.69
N THR C 1311 0.28 -12.47 3.37
CA THR C 1311 -1.01 -11.83 3.12
C THR C 1311 -0.82 -10.55 2.29
N MET D 1 -35.39 -23.02 -25.36
CA MET D 1 -35.91 -24.36 -25.57
C MET D 1 -36.97 -24.68 -24.53
N ASP D 2 -37.65 -25.80 -24.71
CA ASP D 2 -38.65 -26.25 -23.77
C ASP D 2 -38.00 -26.97 -22.59
N TYR D 3 -38.81 -27.48 -21.69
CA TYR D 3 -38.27 -28.31 -20.62
C TYR D 3 -37.69 -29.59 -21.21
N PRO D 4 -36.57 -30.07 -20.69
CA PRO D 4 -36.00 -31.32 -21.20
C PRO D 4 -36.91 -32.50 -20.88
N ASP D 5 -36.76 -33.55 -21.68
CA ASP D 5 -37.53 -34.77 -21.50
C ASP D 5 -37.25 -35.36 -20.13
N PRO D 6 -38.29 -35.82 -19.41
CA PRO D 6 -38.14 -36.14 -17.97
C PRO D 6 -36.99 -37.07 -17.59
N ASP D 7 -36.36 -37.77 -18.53
CA ASP D 7 -35.13 -38.49 -18.23
C ASP D 7 -33.95 -37.93 -19.01
N THR D 8 -33.99 -36.63 -19.32
CA THR D 8 -32.87 -35.92 -19.91
C THR D 8 -32.35 -34.90 -18.89
N ILE D 9 -31.07 -34.98 -18.57
CA ILE D 9 -30.42 -34.04 -17.68
C ILE D 9 -29.64 -33.04 -18.53
N ARG D 10 -29.90 -31.76 -18.33
CA ARG D 10 -29.31 -30.70 -19.14
C ARG D 10 -28.33 -29.91 -18.28
N ILE D 11 -27.09 -29.79 -18.76
CA ILE D 11 -26.05 -29.06 -18.05
C ILE D 11 -25.47 -28.00 -18.97
N LEU D 12 -24.94 -26.94 -18.37
CA LEU D 12 -24.37 -25.80 -19.07
C LEU D 12 -22.92 -25.65 -18.68
N ILE D 13 -22.05 -25.42 -19.67
CA ILE D 13 -20.62 -25.36 -19.44
C ILE D 13 -20.14 -23.93 -19.65
N THR D 14 -19.74 -23.28 -18.57
CA THR D 14 -19.07 -21.99 -18.59
C THR D 14 -17.66 -22.18 -18.05
N THR D 15 -16.84 -21.13 -18.13
CA THR D 15 -15.48 -21.19 -17.63
C THR D 15 -14.86 -19.80 -17.67
N ASP D 16 -13.86 -19.59 -16.81
CA ASP D 16 -12.93 -18.46 -16.89
C ASP D 16 -13.65 -17.12 -17.04
N ASN D 17 -14.67 -16.91 -16.22
CA ASN D 17 -15.45 -15.68 -16.33
C ASN D 17 -14.60 -14.46 -16.04
N HIS D 18 -13.68 -14.55 -15.08
CA HIS D 18 -12.68 -13.52 -14.82
C HIS D 18 -13.31 -12.16 -14.55
N VAL D 19 -14.29 -12.13 -13.65
CA VAL D 19 -15.05 -10.90 -13.43
C VAL D 19 -14.12 -9.87 -12.79
N GLY D 20 -14.18 -8.63 -13.27
CA GLY D 20 -13.37 -7.58 -12.71
C GLY D 20 -12.06 -7.34 -13.43
N TYR D 21 -11.88 -7.96 -14.60
CA TYR D 21 -10.68 -7.69 -15.39
C TYR D 21 -10.76 -6.28 -15.97
N ASN D 22 -9.68 -5.52 -15.80
CA ASN D 22 -9.60 -4.12 -16.20
C ASN D 22 -10.75 -3.32 -15.59
N GLU D 23 -10.80 -3.31 -14.27
CA GLU D 23 -11.84 -2.62 -13.54
C GLU D 23 -11.63 -1.11 -13.51
N ASN D 24 -10.51 -0.61 -14.01
CA ASN D 24 -10.21 0.82 -13.99
C ASN D 24 -10.33 1.49 -15.35
N ASP D 25 -10.46 0.74 -16.43
CA ASP D 25 -10.75 1.32 -17.72
C ASP D 25 -12.14 1.96 -17.69
N PRO D 26 -12.29 3.22 -18.10
CA PRO D 26 -13.63 3.83 -18.08
C PRO D 26 -14.63 3.13 -18.98
N ILE D 27 -14.20 2.61 -20.13
CA ILE D 27 -15.12 1.96 -21.06
C ILE D 27 -15.14 0.45 -20.83
N THR D 28 -13.97 -0.20 -20.91
CA THR D 28 -13.86 -1.65 -20.76
C THR D 28 -13.68 -1.96 -19.28
N GLY D 29 -14.64 -1.51 -18.47
CA GLY D 29 -14.57 -1.73 -17.05
C GLY D 29 -15.85 -2.39 -16.58
N ASP D 30 -16.70 -2.72 -17.54
CA ASP D 30 -17.94 -3.43 -17.27
C ASP D 30 -18.18 -4.54 -18.28
N ASP D 31 -17.13 -4.93 -19.02
CA ASP D 31 -17.25 -6.07 -19.92
C ASP D 31 -17.54 -7.36 -19.15
N SER D 32 -16.74 -7.61 -18.11
CA SER D 32 -16.72 -8.92 -17.47
C SER D 32 -18.03 -9.22 -16.75
N TRP D 33 -18.51 -8.28 -15.94
CA TRP D 33 -19.71 -8.55 -15.17
C TRP D 33 -20.95 -8.55 -16.07
N LYS D 34 -20.95 -7.75 -17.14
CA LYS D 34 -22.06 -7.81 -18.09
C LYS D 34 -22.09 -9.15 -18.81
N THR D 35 -20.92 -9.65 -19.23
CA THR D 35 -20.86 -10.95 -19.89
C THR D 35 -21.30 -12.06 -18.95
N PHE D 36 -20.89 -11.98 -17.69
CA PHE D 36 -21.31 -12.99 -16.71
C PHE D 36 -22.82 -12.96 -16.48
N HIS D 37 -23.41 -11.76 -16.37
CA HIS D 37 -24.85 -11.70 -16.23
C HIS D 37 -25.54 -12.24 -17.47
N GLU D 38 -24.93 -12.04 -18.64
CA GLU D 38 -25.52 -12.59 -19.86
C GLU D 38 -25.47 -14.10 -19.86
N VAL D 39 -24.38 -14.69 -19.36
CA VAL D 39 -24.29 -16.15 -19.28
C VAL D 39 -25.36 -16.69 -18.33
N MET D 40 -25.54 -16.06 -17.18
CA MET D 40 -26.57 -16.52 -16.25
C MET D 40 -27.97 -16.35 -16.83
N MET D 41 -28.21 -15.25 -17.54
CA MET D 41 -29.51 -15.07 -18.19
C MET D 41 -29.73 -16.09 -19.30
N LEU D 42 -28.65 -16.48 -20.01
CA LEU D 42 -28.74 -17.57 -20.97
C LEU D 42 -28.90 -18.92 -20.29
N ALA D 43 -28.65 -18.99 -18.99
CA ALA D 43 -28.90 -20.22 -18.25
C ALA D 43 -30.35 -20.32 -17.78
N LYS D 44 -30.91 -19.22 -17.29
CA LYS D 44 -32.21 -19.27 -16.65
C LYS D 44 -33.31 -19.66 -17.64
N ASN D 45 -33.37 -18.98 -18.79
CA ASN D 45 -34.44 -19.20 -19.74
C ASN D 45 -34.21 -20.40 -20.64
N ASN D 46 -33.04 -21.03 -20.55
CA ASN D 46 -32.69 -22.19 -21.36
C ASN D 46 -33.12 -23.51 -20.72
N ASN D 47 -33.66 -23.46 -19.51
CA ASN D 47 -34.19 -24.63 -18.80
C ASN D 47 -33.12 -25.70 -18.61
N VAL D 48 -32.03 -25.28 -17.96
CA VAL D 48 -30.88 -26.15 -17.72
C VAL D 48 -30.94 -26.62 -16.28
N ASP D 49 -30.57 -27.87 -16.05
CA ASP D 49 -30.74 -28.48 -14.74
C ASP D 49 -29.57 -28.23 -13.80
N MET D 50 -28.38 -27.99 -14.33
CA MET D 50 -27.23 -27.67 -13.49
C MET D 50 -26.17 -26.98 -14.34
N VAL D 51 -25.28 -26.25 -13.67
CA VAL D 51 -24.22 -25.50 -14.33
C VAL D 51 -22.88 -25.94 -13.76
N VAL D 52 -21.92 -26.26 -14.63
CA VAL D 52 -20.57 -26.56 -14.21
C VAL D 52 -19.65 -25.49 -14.81
N GLN D 53 -18.48 -25.33 -14.18
CA GLN D 53 -17.50 -24.39 -14.67
C GLN D 53 -16.11 -24.82 -14.21
N SER D 54 -15.12 -24.62 -15.07
CA SER D 54 -13.74 -25.01 -14.79
C SER D 54 -12.92 -23.83 -14.28
N GLY D 55 -13.44 -23.16 -13.25
CA GLY D 55 -12.65 -22.24 -12.45
C GLY D 55 -12.38 -20.85 -13.04
N ASP D 56 -11.46 -20.16 -12.36
CA ASP D 56 -11.01 -18.81 -12.71
C ASP D 56 -12.16 -17.81 -12.77
N LEU D 57 -13.08 -17.90 -11.80
CA LEU D 57 -14.23 -17.00 -11.80
C LEU D 57 -13.81 -15.56 -11.61
N PHE D 58 -12.89 -15.30 -10.68
CA PHE D 58 -12.39 -13.96 -10.40
C PHE D 58 -10.96 -13.81 -10.88
N HIS D 59 -10.61 -12.60 -11.30
CA HIS D 59 -9.34 -12.42 -12.01
C HIS D 59 -8.14 -12.64 -11.10
N VAL D 60 -8.15 -12.07 -9.91
CA VAL D 60 -7.04 -12.21 -8.99
C VAL D 60 -7.54 -12.85 -7.70
N ASN D 61 -6.61 -13.46 -6.97
CA ASN D 61 -6.95 -14.21 -5.76
C ASN D 61 -7.63 -13.33 -4.72
N LYS D 62 -7.43 -12.01 -4.79
CA LYS D 62 -8.19 -11.06 -3.99
C LYS D 62 -9.01 -10.22 -4.95
N PRO D 63 -10.22 -10.64 -5.28
CA PRO D 63 -11.05 -9.86 -6.19
C PRO D 63 -11.53 -8.58 -5.54
N SER D 64 -11.85 -7.60 -6.37
CA SER D 64 -12.18 -6.27 -5.89
C SER D 64 -13.60 -6.28 -5.32
N LYS D 65 -14.07 -5.11 -4.91
CA LYS D 65 -15.40 -4.99 -4.33
C LYS D 65 -16.48 -5.07 -5.41
N LYS D 66 -16.23 -4.45 -6.56
CA LYS D 66 -17.21 -4.49 -7.65
C LYS D 66 -17.37 -5.89 -8.20
N SER D 67 -16.29 -6.67 -8.25
CA SER D 67 -16.38 -8.04 -8.74
C SER D 67 -17.32 -8.88 -7.88
N LEU D 68 -17.13 -8.85 -6.56
CA LEU D 68 -18.00 -9.60 -5.68
C LEU D 68 -19.44 -9.12 -5.76
N TYR D 69 -19.64 -7.80 -5.82
CA TYR D 69 -21.00 -7.28 -5.96
C TYR D 69 -21.65 -7.81 -7.24
N GLN D 70 -20.88 -7.83 -8.33
CA GLN D 70 -21.40 -8.29 -9.61
C GLN D 70 -21.79 -9.76 -9.55
N VAL D 71 -20.89 -10.60 -9.04
CA VAL D 71 -21.16 -12.03 -9.05
C VAL D 71 -22.34 -12.39 -8.15
N LEU D 72 -22.37 -11.83 -6.94
CA LEU D 72 -23.50 -12.09 -6.06
C LEU D 72 -24.80 -11.58 -6.67
N LYS D 73 -24.76 -10.41 -7.31
CA LYS D 73 -25.94 -9.84 -7.93
C LYS D 73 -26.45 -10.70 -9.07
N THR D 74 -25.54 -11.23 -9.88
CA THR D 74 -25.95 -12.08 -10.99
C THR D 74 -26.51 -13.41 -10.50
N LEU D 75 -25.82 -14.07 -9.56
CA LEU D 75 -26.27 -15.37 -9.08
C LEU D 75 -27.54 -15.30 -8.25
N ARG D 76 -27.82 -14.17 -7.59
CA ARG D 76 -28.83 -14.19 -6.55
C ARG D 76 -30.24 -14.31 -7.13
N LEU D 77 -30.64 -13.37 -7.98
CA LEU D 77 -32.03 -13.31 -8.38
C LEU D 77 -32.33 -14.05 -9.69
N CYS D 78 -31.33 -14.68 -10.29
CA CYS D 78 -31.52 -15.39 -11.55
C CYS D 78 -31.35 -16.90 -11.44
N CYS D 79 -30.98 -17.43 -10.27
CA CYS D 79 -30.79 -18.86 -10.09
C CYS D 79 -31.88 -19.49 -9.24
N MET D 80 -32.67 -18.70 -8.53
CA MET D 80 -33.47 -19.17 -7.42
C MET D 80 -34.95 -18.99 -7.71
N GLY D 81 -35.60 -20.06 -8.18
CA GLY D 81 -37.04 -20.07 -8.36
C GLY D 81 -37.67 -21.20 -7.58
N ASP D 82 -38.99 -21.21 -7.58
CA ASP D 82 -39.75 -22.23 -6.85
C ASP D 82 -39.74 -23.58 -7.55
N LYS D 83 -39.19 -23.66 -8.75
CA LYS D 83 -39.10 -24.93 -9.45
C LYS D 83 -38.10 -25.84 -8.74
N PRO D 84 -38.44 -27.09 -8.48
CA PRO D 84 -37.47 -28.01 -7.89
C PRO D 84 -36.44 -28.44 -8.92
N CYS D 85 -35.22 -28.69 -8.44
CA CYS D 85 -34.19 -29.30 -9.27
C CYS D 85 -34.37 -30.81 -9.20
N GLU D 86 -34.77 -31.42 -10.32
CA GLU D 86 -35.17 -32.82 -10.31
C GLU D 86 -34.00 -33.79 -10.18
N LEU D 87 -32.78 -33.29 -10.04
CA LEU D 87 -31.65 -34.17 -9.76
C LEU D 87 -31.68 -34.58 -8.30
N GLU D 88 -32.13 -35.81 -8.03
CA GLU D 88 -32.18 -36.32 -6.68
C GLU D 88 -30.77 -36.67 -6.23
N LEU D 89 -30.42 -36.26 -5.02
CA LEU D 89 -29.11 -36.55 -4.44
C LEU D 89 -29.25 -37.78 -3.54
N LEU D 90 -28.56 -38.86 -3.90
CA LEU D 90 -28.64 -40.10 -3.15
C LEU D 90 -27.39 -40.41 -2.34
N SER D 91 -26.26 -39.77 -2.66
CA SER D 91 -25.04 -40.02 -1.91
C SER D 91 -25.08 -39.29 -0.57
N ASP D 92 -24.05 -39.53 0.23
CA ASP D 92 -23.83 -38.74 1.44
C ASP D 92 -22.82 -37.66 1.10
N PRO D 93 -23.26 -36.43 0.82
CA PRO D 93 -22.34 -35.38 0.38
C PRO D 93 -21.53 -34.75 1.50
N SER D 94 -21.55 -35.33 2.71
CA SER D 94 -20.79 -34.78 3.83
C SER D 94 -19.29 -34.82 3.58
N GLN D 95 -18.83 -35.68 2.68
CA GLN D 95 -17.39 -35.75 2.40
C GLN D 95 -16.95 -34.65 1.44
N VAL D 96 -17.70 -34.44 0.37
CA VAL D 96 -17.26 -33.50 -0.66
C VAL D 96 -17.33 -32.06 -0.16
N PHE D 97 -18.36 -31.73 0.62
CA PHE D 97 -18.43 -30.43 1.29
C PHE D 97 -18.06 -30.60 2.76
N HIS D 98 -16.76 -30.76 3.01
CA HIS D 98 -16.25 -31.10 4.33
C HIS D 98 -15.64 -29.92 5.07
N TYR D 99 -15.62 -28.72 4.47
CA TYR D 99 -14.92 -27.62 5.08
C TYR D 99 -15.66 -26.99 6.25
N ASP D 100 -16.95 -27.25 6.40
CA ASP D 100 -17.69 -26.76 7.56
C ASP D 100 -18.94 -27.61 7.73
N GLU D 101 -19.87 -27.15 8.57
CA GLU D 101 -21.13 -27.86 8.78
C GLU D 101 -21.97 -27.90 7.50
N PHE D 102 -21.67 -27.02 6.54
CA PHE D 102 -22.28 -27.14 5.22
C PHE D 102 -21.77 -28.39 4.54
N THR D 103 -22.51 -29.49 4.71
CA THR D 103 -22.08 -30.80 4.25
C THR D 103 -23.06 -31.37 3.22
N ASN D 104 -23.72 -30.49 2.47
CA ASN D 104 -24.71 -30.91 1.48
C ASN D 104 -24.78 -29.86 0.39
N VAL D 105 -25.33 -30.27 -0.75
CA VAL D 105 -25.44 -29.40 -1.92
C VAL D 105 -26.42 -28.27 -1.62
N ASN D 106 -26.37 -27.23 -2.45
CA ASN D 106 -27.16 -26.02 -2.18
C ASN D 106 -28.65 -26.29 -2.27
N TYR D 107 -29.11 -26.98 -3.31
CA TYR D 107 -30.54 -27.18 -3.48
C TYR D 107 -31.13 -28.15 -2.47
N GLU D 108 -30.30 -28.92 -1.76
CA GLU D 108 -30.80 -29.80 -0.71
C GLU D 108 -30.87 -29.13 0.65
N ASP D 109 -30.40 -27.90 0.78
CA ASP D 109 -30.55 -27.19 2.03
C ASP D 109 -32.01 -26.83 2.25
N PRO D 110 -32.53 -26.94 3.48
CA PRO D 110 -33.88 -26.46 3.77
C PRO D 110 -34.02 -24.94 3.76
N ASN D 111 -32.92 -24.23 3.49
CA ASN D 111 -32.91 -22.78 3.55
C ASN D 111 -32.64 -22.12 2.20
N PHE D 112 -32.59 -22.88 1.12
CA PHE D 112 -32.36 -22.36 -0.22
C PHE D 112 -33.46 -22.84 -1.16
N ASN D 113 -34.12 -21.89 -1.83
CA ASN D 113 -35.00 -22.23 -2.95
C ASN D 113 -34.24 -22.05 -4.26
N ILE D 114 -33.10 -22.74 -4.36
CA ILE D 114 -32.28 -22.66 -5.56
C ILE D 114 -32.84 -23.59 -6.62
N SER D 115 -33.21 -23.03 -7.77
CA SER D 115 -33.84 -23.79 -8.84
C SER D 115 -32.86 -24.26 -9.90
N ILE D 116 -31.60 -23.86 -9.82
CA ILE D 116 -30.58 -24.35 -10.73
C ILE D 116 -29.21 -24.24 -10.06
N PRO D 117 -28.53 -25.37 -9.88
CA PRO D 117 -27.19 -25.41 -9.27
C PRO D 117 -26.07 -24.96 -10.21
N VAL D 118 -24.85 -24.86 -9.68
CA VAL D 118 -23.67 -24.46 -10.45
C VAL D 118 -22.42 -24.88 -9.72
N PHE D 119 -21.88 -26.03 -10.07
CA PHE D 119 -20.68 -26.52 -9.41
C PHE D 119 -19.41 -25.95 -10.02
N GLY D 120 -18.55 -25.39 -9.19
CA GLY D 120 -17.32 -24.80 -9.70
C GLY D 120 -16.10 -25.19 -8.90
N ILE D 121 -14.96 -25.24 -9.60
CA ILE D 121 -13.69 -25.61 -9.00
C ILE D 121 -12.81 -24.38 -8.78
N SER D 122 -11.74 -24.51 -7.99
CA SER D 122 -10.89 -23.35 -7.78
C SER D 122 -9.99 -23.14 -8.99
N GLY D 123 -9.50 -21.91 -9.13
CA GLY D 123 -8.65 -21.55 -10.24
C GLY D 123 -7.32 -21.01 -9.75
N ASN D 124 -6.29 -21.18 -10.57
CA ASN D 124 -4.97 -20.64 -10.26
C ASN D 124 -4.97 -19.13 -10.19
N HIS D 125 -5.98 -18.48 -10.77
CA HIS D 125 -6.08 -17.02 -10.65
C HIS D 125 -6.74 -16.59 -9.35
N ASP D 126 -7.65 -17.41 -8.81
CA ASP D 126 -8.26 -17.12 -7.53
C ASP D 126 -7.99 -18.27 -6.55
N ASP D 127 -6.74 -18.73 -6.52
CA ASP D 127 -6.34 -19.79 -5.61
C ASP D 127 -6.43 -19.32 -4.16
N ALA D 128 -6.17 -20.26 -3.25
CA ALA D 128 -6.12 -19.92 -1.83
C ALA D 128 -4.86 -19.12 -1.54
N SER D 129 -5.02 -17.98 -0.90
CA SER D 129 -3.89 -17.09 -0.60
C SER D 129 -4.24 -16.25 0.61
N GLY D 130 -3.22 -15.92 1.39
CA GLY D 130 -3.41 -15.14 2.60
C GLY D 130 -2.83 -15.82 3.81
N ASP D 131 -3.57 -15.84 4.91
CA ASP D 131 -3.13 -16.50 6.12
C ASP D 131 -3.92 -17.76 6.46
N SER D 132 -5.19 -17.84 6.04
CA SER D 132 -6.07 -18.94 6.41
C SER D 132 -6.24 -19.97 5.31
N LEU D 133 -5.45 -19.88 4.24
CA LEU D 133 -5.49 -20.81 3.10
C LEU D 133 -6.88 -20.83 2.48
N LEU D 134 -7.27 -19.67 1.95
CA LEU D 134 -8.65 -19.38 1.61
C LEU D 134 -8.76 -18.85 0.19
N CYS D 135 -9.75 -19.39 -0.55
CA CYS D 135 -10.19 -19.11 -1.91
C CYS D 135 -11.44 -18.24 -1.91
N PRO D 136 -11.56 -17.36 -2.92
CA PRO D 136 -12.83 -16.62 -3.08
C PRO D 136 -14.02 -17.52 -3.29
N MET D 137 -13.82 -18.68 -3.93
CA MET D 137 -14.92 -19.63 -4.07
C MET D 137 -15.33 -20.21 -2.73
N ASP D 138 -14.41 -20.31 -1.78
CA ASP D 138 -14.78 -20.68 -0.42
C ASP D 138 -15.61 -19.60 0.23
N ILE D 139 -15.40 -18.35 -0.18
CA ILE D 139 -16.25 -17.26 0.30
C ILE D 139 -17.63 -17.37 -0.33
N LEU D 140 -17.69 -17.70 -1.62
CA LEU D 140 -18.98 -17.79 -2.30
C LEU D 140 -19.79 -18.97 -1.79
N HIS D 141 -19.14 -20.09 -1.53
CA HIS D 141 -19.84 -21.22 -0.94
C HIS D 141 -20.40 -20.86 0.44
N ALA D 142 -19.68 -20.03 1.19
CA ALA D 142 -20.21 -19.56 2.47
C ALA D 142 -21.50 -18.78 2.30
N THR D 143 -21.71 -18.17 1.14
CA THR D 143 -23.01 -17.59 0.80
C THR D 143 -23.99 -18.63 0.28
N GLY D 144 -23.47 -19.72 -0.28
CA GLY D 144 -24.28 -20.83 -0.73
C GLY D 144 -24.84 -20.69 -2.13
N LEU D 145 -24.58 -19.58 -2.82
CA LEU D 145 -25.05 -19.45 -4.18
C LEU D 145 -24.22 -20.25 -5.17
N ILE D 146 -23.01 -20.63 -4.78
CA ILE D 146 -22.20 -21.56 -5.56
C ILE D 146 -22.05 -22.83 -4.73
N ASN D 147 -21.62 -23.90 -5.39
CA ASN D 147 -21.17 -25.10 -4.72
C ASN D 147 -19.71 -25.32 -5.09
N HIS D 148 -18.90 -25.72 -4.12
CA HIS D 148 -17.47 -25.85 -4.31
C HIS D 148 -17.05 -27.30 -4.15
N PHE D 149 -16.36 -27.83 -5.15
CA PHE D 149 -15.75 -29.14 -5.06
C PHE D 149 -14.34 -29.06 -5.63
N GLY D 150 -13.62 -30.15 -5.55
CA GLY D 150 -12.29 -30.23 -6.12
C GLY D 150 -11.18 -29.69 -5.26
N LYS D 151 -11.49 -29.06 -4.14
CA LYS D 151 -10.47 -28.43 -3.30
C LYS D 151 -9.47 -29.47 -2.81
N VAL D 152 -8.19 -29.11 -2.90
CA VAL D 152 -7.11 -29.98 -2.45
C VAL D 152 -6.72 -29.56 -1.04
N ILE D 153 -6.36 -30.54 -0.21
CA ILE D 153 -5.84 -30.30 1.12
C ILE D 153 -4.35 -30.63 1.20
N GLU D 154 -3.98 -31.81 0.74
CA GLU D 154 -2.59 -32.16 0.54
C GLU D 154 -2.29 -32.19 -0.95
N SER D 155 -1.21 -31.51 -1.35
CA SER D 155 -0.81 -31.55 -2.75
C SER D 155 -0.38 -32.95 -3.18
N ASP D 156 0.33 -33.65 -2.30
CA ASP D 156 0.81 -35.00 -2.64
C ASP D 156 -0.29 -36.05 -2.50
N LYS D 157 -1.17 -35.90 -1.50
CA LYS D 157 -2.25 -36.85 -1.26
C LYS D 157 -3.52 -36.29 -1.88
N ILE D 158 -3.96 -36.91 -2.97
CA ILE D 158 -5.10 -36.44 -3.75
C ILE D 158 -6.15 -37.55 -3.78
N LYS D 159 -7.38 -37.20 -3.39
CA LYS D 159 -8.50 -38.13 -3.35
C LYS D 159 -9.70 -37.44 -3.98
N VAL D 160 -9.93 -37.67 -5.27
CA VAL D 160 -11.07 -37.06 -5.96
C VAL D 160 -12.30 -37.92 -5.71
N VAL D 161 -13.42 -37.26 -5.42
CA VAL D 161 -14.63 -37.94 -4.99
C VAL D 161 -15.80 -37.45 -5.84
N PRO D 162 -16.48 -38.33 -6.57
CA PRO D 162 -17.60 -37.88 -7.39
C PRO D 162 -18.80 -37.50 -6.54
N LEU D 163 -19.71 -36.78 -7.16
CA LEU D 163 -21.04 -36.56 -6.61
C LEU D 163 -22.04 -37.28 -7.51
N LEU D 164 -23.12 -37.77 -6.92
CA LEU D 164 -24.06 -38.63 -7.62
C LEU D 164 -25.47 -38.05 -7.56
N PHE D 165 -26.05 -37.79 -8.73
CA PHE D 165 -27.38 -37.21 -8.84
C PHE D 165 -28.31 -38.17 -9.58
N GLN D 166 -29.60 -38.06 -9.30
CA GLN D 166 -30.58 -38.99 -9.84
C GLN D 166 -31.78 -38.26 -10.43
N LYS D 167 -32.16 -38.66 -11.64
CA LYS D 167 -33.42 -38.25 -12.25
C LYS D 167 -33.80 -39.30 -13.29
N GLY D 168 -35.01 -39.83 -13.20
CA GLY D 168 -35.46 -40.85 -14.12
C GLY D 168 -34.63 -42.11 -14.03
N SER D 169 -33.91 -42.42 -15.11
CA SER D 169 -32.98 -43.55 -15.15
C SER D 169 -31.64 -43.08 -15.72
N THR D 170 -31.18 -41.94 -15.23
CA THR D 170 -29.93 -41.33 -15.68
C THR D 170 -29.02 -41.10 -14.48
N LYS D 171 -27.84 -41.70 -14.52
CA LYS D 171 -26.89 -41.66 -13.42
C LYS D 171 -25.75 -40.72 -13.78
N LEU D 172 -25.54 -39.71 -12.96
CA LEU D 172 -24.55 -38.67 -13.23
C LEU D 172 -23.45 -38.73 -12.19
N ALA D 173 -22.23 -39.00 -12.64
CA ALA D 173 -21.05 -39.02 -11.79
C ALA D 173 -20.16 -37.84 -12.14
N LEU D 174 -19.78 -37.07 -11.12
CA LEU D 174 -19.16 -35.76 -11.33
C LEU D 174 -17.84 -35.68 -10.58
N TYR D 175 -16.74 -35.89 -11.30
CA TYR D 175 -15.39 -35.87 -10.73
C TYR D 175 -14.78 -34.51 -10.97
N GLY D 176 -14.23 -33.90 -9.93
CA GLY D 176 -13.66 -32.58 -10.05
C GLY D 176 -12.36 -32.38 -9.29
N LEU D 177 -11.35 -31.85 -9.98
CA LEU D 177 -10.06 -31.57 -9.39
C LEU D 177 -9.73 -30.11 -9.63
N ALA D 178 -9.45 -29.37 -8.55
CA ALA D 178 -9.26 -27.93 -8.66
C ALA D 178 -7.90 -27.64 -9.27
N ALA D 179 -7.51 -26.38 -9.27
CA ALA D 179 -6.29 -25.93 -9.94
C ALA D 179 -5.15 -25.88 -8.93
N VAL D 180 -4.13 -26.69 -9.17
CA VAL D 180 -2.88 -26.60 -8.44
C VAL D 180 -1.78 -26.56 -9.49
N ARG D 181 -0.61 -26.09 -9.07
CA ARG D 181 0.47 -25.86 -10.01
C ARG D 181 0.89 -27.16 -10.67
N ASP D 182 1.15 -27.09 -11.98
CA ASP D 182 1.21 -28.28 -12.82
C ASP D 182 2.34 -29.21 -12.43
N GLU D 183 3.44 -28.68 -11.89
CA GLU D 183 4.55 -29.56 -11.54
C GLU D 183 4.18 -30.49 -10.40
N ARG D 184 3.38 -30.01 -9.43
CA ARG D 184 2.96 -30.88 -8.33
C ARG D 184 1.99 -31.95 -8.81
N LEU D 185 1.12 -31.60 -9.77
CA LEU D 185 0.23 -32.60 -10.35
C LEU D 185 1.00 -33.67 -11.10
N PHE D 186 2.06 -33.27 -11.82
CA PHE D 186 2.85 -34.26 -12.54
C PHE D 186 3.59 -35.18 -11.57
N ARG D 187 4.07 -34.63 -10.45
CA ARG D 187 4.67 -35.48 -9.43
C ARG D 187 3.65 -36.44 -8.85
N THR D 188 2.46 -35.94 -8.53
CA THR D 188 1.42 -36.78 -7.95
C THR D 188 0.92 -37.82 -8.95
N PHE D 189 1.11 -37.58 -10.24
CA PHE D 189 0.75 -38.54 -11.26
C PHE D 189 1.89 -39.49 -11.60
N LYS D 190 3.13 -39.13 -11.26
CA LYS D 190 4.25 -40.03 -11.51
C LYS D 190 4.18 -41.27 -10.62
N ASP D 191 3.94 -41.07 -9.33
CA ASP D 191 3.88 -42.16 -8.38
C ASP D 191 2.47 -42.70 -8.18
N GLY D 192 1.48 -42.16 -8.89
CA GLY D 192 0.11 -42.58 -8.69
C GLY D 192 -0.39 -42.24 -7.31
N GLY D 193 -0.13 -41.01 -6.87
CA GLY D 193 -0.58 -40.55 -5.57
C GLY D 193 -2.02 -40.14 -5.50
N VAL D 194 -2.78 -40.40 -6.57
CA VAL D 194 -4.17 -39.99 -6.67
C VAL D 194 -5.07 -41.20 -6.45
N THR D 195 -6.30 -40.94 -6.02
CA THR D 195 -7.33 -41.97 -5.93
C THR D 195 -8.56 -41.49 -6.69
N PHE D 196 -9.10 -42.37 -7.53
CA PHE D 196 -10.32 -42.09 -8.30
C PHE D 196 -11.36 -43.09 -7.82
N GLU D 197 -12.07 -42.74 -6.75
CA GLU D 197 -13.02 -43.68 -6.19
C GLU D 197 -14.23 -43.80 -7.12
N VAL D 198 -14.62 -45.03 -7.41
CA VAL D 198 -15.66 -45.32 -8.38
C VAL D 198 -16.85 -45.93 -7.63
N PRO D 199 -18.08 -45.52 -7.93
CA PRO D 199 -19.23 -46.15 -7.27
C PRO D 199 -19.32 -47.63 -7.58
N THR D 200 -19.81 -48.39 -6.61
CA THR D 200 -19.80 -49.85 -6.69
C THR D 200 -21.14 -50.43 -7.12
N MET D 201 -22.09 -49.60 -7.51
CA MET D 201 -23.44 -50.05 -7.82
C MET D 201 -23.78 -49.75 -9.27
N ARG D 202 -24.32 -50.76 -9.97
CA ARG D 202 -24.89 -50.64 -11.31
C ARG D 202 -23.92 -49.99 -12.29
N GLU D 203 -22.81 -50.70 -12.53
CA GLU D 203 -21.82 -50.24 -13.48
C GLU D 203 -22.37 -50.30 -14.89
N GLY D 204 -21.75 -49.53 -15.79
CA GLY D 204 -22.23 -49.42 -17.16
C GLY D 204 -23.42 -48.52 -17.34
N GLU D 205 -23.79 -47.75 -16.32
CA GLU D 205 -24.98 -46.91 -16.35
C GLU D 205 -24.69 -45.44 -16.07
N TRP D 206 -23.56 -45.12 -15.47
CA TRP D 206 -23.27 -43.78 -14.99
C TRP D 206 -22.54 -42.96 -16.06
N PHE D 207 -22.79 -41.66 -16.04
CA PHE D 207 -22.10 -40.71 -16.91
C PHE D 207 -20.95 -40.11 -16.11
N ASN D 208 -19.72 -40.46 -16.50
CA ASN D 208 -18.53 -40.13 -15.72
C ASN D 208 -17.91 -38.84 -16.26
N LEU D 209 -17.92 -37.79 -15.43
CA LEU D 209 -17.64 -36.43 -15.88
C LEU D 209 -16.48 -35.83 -15.09
N MET D 210 -15.61 -35.09 -15.76
CA MET D 210 -14.39 -34.55 -15.17
C MET D 210 -14.24 -33.07 -15.53
N CYS D 211 -13.64 -32.29 -14.61
CA CYS D 211 -13.47 -30.85 -14.78
C CYS D 211 -12.05 -30.47 -14.34
N VAL D 212 -11.12 -30.49 -15.28
CA VAL D 212 -9.73 -30.15 -14.99
C VAL D 212 -9.50 -28.67 -15.30
N HIS D 213 -8.47 -28.09 -14.72
CA HIS D 213 -8.18 -26.66 -14.87
C HIS D 213 -6.70 -26.42 -15.13
N GLN D 214 -6.12 -27.18 -16.05
CA GLN D 214 -4.68 -27.14 -16.23
C GLN D 214 -4.32 -26.81 -17.67
N ASN D 215 -3.05 -26.47 -17.86
CA ASN D 215 -2.54 -26.09 -19.17
C ASN D 215 -2.64 -27.23 -20.17
N HIS D 216 -2.76 -26.88 -21.45
CA HIS D 216 -2.87 -27.88 -22.49
C HIS D 216 -1.53 -28.18 -23.15
N THR D 217 -0.82 -27.14 -23.61
CA THR D 217 0.47 -27.31 -24.28
C THR D 217 1.50 -26.41 -23.63
N GLY D 218 2.54 -27.00 -23.06
CA GLY D 218 3.58 -26.25 -22.37
C GLY D 218 4.78 -26.04 -23.27
N HIS D 219 5.17 -24.77 -23.40
CA HIS D 219 6.40 -24.43 -24.13
C HIS D 219 7.65 -24.95 -23.42
N THR D 220 7.55 -25.21 -22.12
CA THR D 220 8.65 -25.76 -21.34
C THR D 220 8.73 -27.27 -21.57
N ASN D 221 9.48 -27.98 -20.71
CA ASN D 221 9.68 -29.41 -20.94
C ASN D 221 8.52 -30.25 -20.43
N THR D 222 8.26 -30.25 -19.12
CA THR D 222 7.27 -31.13 -18.51
C THR D 222 6.39 -30.39 -17.50
N ALA D 223 5.79 -29.28 -17.91
CA ALA D 223 5.00 -28.46 -17.01
C ALA D 223 3.54 -28.31 -17.47
N PHE D 224 2.90 -29.43 -17.84
CA PHE D 224 1.49 -29.40 -18.17
C PHE D 224 0.89 -30.77 -17.91
N LEU D 225 -0.44 -30.81 -17.84
CA LEU D 225 -1.15 -32.06 -17.63
C LEU D 225 -1.40 -32.75 -18.98
N PRO D 226 -0.81 -33.91 -19.22
CA PRO D 226 -1.02 -34.58 -20.51
C PRO D 226 -2.35 -35.32 -20.55
N GLU D 227 -2.82 -35.57 -21.77
CA GLU D 227 -4.14 -36.15 -21.93
C GLU D 227 -4.16 -37.62 -21.57
N GLN D 228 -3.08 -38.36 -21.85
CA GLN D 228 -3.08 -39.81 -21.66
C GLN D 228 -3.02 -40.23 -20.20
N PHE D 229 -3.06 -39.29 -19.27
CA PHE D 229 -2.94 -39.61 -17.85
C PHE D 229 -4.29 -39.66 -17.12
N LEU D 230 -5.35 -39.33 -17.77
CA LEU D 230 -6.58 -39.48 -17.01
C LEU D 230 -7.10 -40.91 -17.15
N PRO D 231 -7.89 -41.38 -16.18
CA PRO D 231 -8.29 -42.80 -16.19
C PRO D 231 -9.18 -43.16 -17.37
N ASP D 232 -9.37 -44.46 -17.54
CA ASP D 232 -10.08 -44.97 -18.70
C ASP D 232 -11.59 -44.76 -18.60
N PHE D 233 -12.15 -44.82 -17.40
CA PHE D 233 -13.61 -44.86 -17.24
C PHE D 233 -14.28 -43.51 -17.40
N LEU D 234 -13.54 -42.46 -17.76
CA LEU D 234 -14.13 -41.15 -17.93
C LEU D 234 -15.03 -41.11 -19.17
N ASP D 235 -15.89 -40.10 -19.23
CA ASP D 235 -16.76 -39.96 -20.39
C ASP D 235 -16.70 -38.55 -21.00
N MET D 236 -16.41 -37.53 -20.19
CA MET D 236 -16.16 -36.21 -20.75
C MET D 236 -15.35 -35.37 -19.77
N VAL D 237 -14.56 -34.46 -20.32
CA VAL D 237 -13.68 -33.57 -19.55
C VAL D 237 -13.89 -32.13 -19.99
N ILE D 238 -13.71 -31.21 -19.05
CA ILE D 238 -13.85 -29.77 -19.28
C ILE D 238 -12.51 -29.14 -18.92
N TRP D 239 -11.83 -28.59 -19.92
CA TRP D 239 -10.42 -28.22 -19.78
C TRP D 239 -10.27 -26.71 -19.61
N GLY D 240 -10.18 -26.26 -18.36
CA GLY D 240 -10.00 -24.84 -18.07
C GLY D 240 -8.58 -24.37 -18.32
N HIS D 241 -8.34 -23.11 -17.95
CA HIS D 241 -7.02 -22.46 -17.96
C HIS D 241 -6.50 -22.26 -19.38
N GLU D 242 -7.24 -22.72 -20.37
CA GLU D 242 -7.00 -22.38 -21.76
C GLU D 242 -8.15 -21.49 -22.21
N HIS D 243 -7.85 -20.23 -22.50
CA HIS D 243 -8.91 -19.27 -22.75
C HIS D 243 -9.51 -19.38 -24.15
N GLU D 244 -8.79 -19.98 -25.10
CA GLU D 244 -9.33 -20.14 -26.45
C GLU D 244 -10.57 -21.02 -26.41
N CYS D 245 -11.62 -20.58 -27.10
CA CYS D 245 -12.91 -21.24 -27.08
C CYS D 245 -13.13 -21.97 -28.40
N ILE D 246 -13.47 -23.25 -28.32
CA ILE D 246 -13.67 -24.09 -29.50
C ILE D 246 -15.00 -24.82 -29.32
N PRO D 247 -15.83 -24.93 -30.35
CA PRO D 247 -17.19 -25.48 -30.13
C PRO D 247 -17.28 -27.00 -30.18
N ASN D 248 -16.41 -27.66 -30.92
CA ASN D 248 -16.53 -29.10 -31.09
C ASN D 248 -15.83 -29.82 -29.93
N LEU D 249 -15.84 -31.16 -29.99
CA LEU D 249 -15.18 -31.99 -28.99
C LEU D 249 -14.18 -32.90 -29.69
N VAL D 250 -12.94 -32.90 -29.21
CA VAL D 250 -11.88 -33.73 -29.77
C VAL D 250 -12.01 -35.13 -29.17
N HIS D 251 -11.97 -36.15 -30.03
CA HIS D 251 -12.24 -37.52 -29.62
C HIS D 251 -10.93 -38.26 -29.35
N ASN D 252 -10.89 -38.99 -28.24
CA ASN D 252 -9.76 -39.85 -27.93
C ASN D 252 -10.02 -41.23 -28.48
N PRO D 253 -9.09 -41.83 -29.23
CA PRO D 253 -9.31 -43.18 -29.74
C PRO D 253 -8.99 -44.27 -28.73
N ILE D 254 -8.48 -43.93 -27.55
CA ILE D 254 -8.08 -44.96 -26.58
C ILE D 254 -8.73 -44.72 -25.22
N LYS D 255 -9.11 -43.48 -24.92
CA LYS D 255 -9.39 -43.09 -23.55
C LYS D 255 -10.85 -43.21 -23.16
N ASN D 256 -11.74 -43.59 -24.08
CA ASN D 256 -13.17 -43.77 -23.80
C ASN D 256 -13.85 -42.45 -23.42
N PHE D 257 -13.32 -41.34 -23.94
CA PHE D 257 -14.01 -40.07 -23.78
C PHE D 257 -13.49 -39.06 -24.79
N ASP D 258 -14.21 -37.93 -24.87
CA ASP D 258 -13.83 -36.80 -25.69
C ASP D 258 -13.48 -35.61 -24.80
N VAL D 259 -12.78 -34.66 -25.38
CA VAL D 259 -12.31 -33.49 -24.64
C VAL D 259 -13.19 -32.31 -25.01
N LEU D 260 -13.29 -31.35 -24.10
CA LEU D 260 -14.04 -30.13 -24.34
C LEU D 260 -13.23 -28.97 -23.80
N GLN D 261 -13.22 -27.86 -24.54
CA GLN D 261 -12.45 -26.67 -24.16
C GLN D 261 -13.39 -25.47 -24.23
N PRO D 262 -14.14 -25.19 -23.17
CA PRO D 262 -15.15 -24.14 -23.24
C PRO D 262 -14.58 -22.73 -23.41
N GLY D 263 -13.29 -22.52 -23.15
CA GLY D 263 -12.66 -21.26 -23.48
C GLY D 263 -12.60 -20.25 -22.36
N SER D 264 -13.33 -19.17 -22.52
CA SER D 264 -13.42 -18.12 -21.52
C SER D 264 -14.64 -17.27 -21.82
N SER D 265 -14.79 -16.15 -21.12
CA SER D 265 -15.83 -15.19 -21.44
C SER D 265 -15.26 -13.83 -21.84
N VAL D 266 -14.40 -13.24 -21.02
CA VAL D 266 -13.85 -11.92 -21.30
C VAL D 266 -12.52 -12.05 -22.04
N ALA D 267 -12.04 -10.94 -22.59
CA ALA D 267 -10.77 -10.89 -23.30
C ALA D 267 -9.73 -10.25 -22.38
N THR D 268 -9.03 -11.09 -21.61
CA THR D 268 -8.00 -10.57 -20.72
C THR D 268 -6.78 -10.11 -21.50
N SER D 269 -6.12 -11.04 -22.19
CA SER D 269 -4.97 -10.70 -23.02
C SER D 269 -5.45 -10.54 -24.46
N LEU D 270 -5.24 -9.36 -25.02
CA LEU D 270 -5.63 -9.08 -26.40
C LEU D 270 -4.61 -9.77 -27.31
N CYS D 271 -4.81 -11.07 -27.48
CA CYS D 271 -3.89 -11.92 -28.22
C CYS D 271 -4.60 -12.54 -29.42
N GLU D 272 -3.84 -13.28 -30.23
CA GLU D 272 -4.39 -13.90 -31.43
C GLU D 272 -5.37 -15.01 -31.08
N ALA D 273 -5.11 -15.76 -30.03
CA ALA D 273 -6.02 -16.81 -29.58
C ALA D 273 -7.21 -16.27 -28.82
N GLU D 274 -7.32 -14.95 -28.67
CA GLU D 274 -8.45 -14.33 -28.01
C GLU D 274 -9.53 -13.87 -28.99
N ALA D 275 -9.26 -13.95 -30.29
CA ALA D 275 -10.15 -13.41 -31.30
C ALA D 275 -11.24 -14.38 -31.72
N GLN D 276 -11.39 -15.52 -31.03
CA GLN D 276 -12.38 -16.50 -31.45
C GLN D 276 -13.64 -16.38 -30.61
N PRO D 277 -14.81 -16.51 -31.23
CA PRO D 277 -16.06 -16.11 -30.56
C PRO D 277 -16.32 -16.91 -29.29
N LYS D 278 -16.91 -16.24 -28.32
CA LYS D 278 -17.22 -16.84 -27.04
C LYS D 278 -18.53 -17.61 -27.12
N TYR D 279 -18.54 -18.81 -26.54
CA TYR D 279 -19.73 -19.63 -26.46
C TYR D 279 -19.91 -20.11 -25.03
N VAL D 280 -21.16 -20.32 -24.65
CA VAL D 280 -21.51 -21.15 -23.51
C VAL D 280 -22.28 -22.35 -24.04
N PHE D 281 -21.91 -23.53 -23.58
CA PHE D 281 -22.40 -24.76 -24.19
C PHE D 281 -23.56 -25.33 -23.41
N ILE D 282 -24.26 -26.27 -24.04
CA ILE D 282 -25.39 -26.96 -23.44
C ILE D 282 -25.22 -28.45 -23.71
N LEU D 283 -25.30 -29.27 -22.67
CA LEU D 283 -25.18 -30.71 -22.82
C LEU D 283 -26.48 -31.36 -22.38
N ASP D 284 -27.14 -32.03 -23.32
CA ASP D 284 -28.39 -32.76 -23.07
C ASP D 284 -28.02 -34.23 -22.96
N ILE D 285 -28.03 -34.76 -21.75
CA ILE D 285 -27.58 -36.12 -21.48
C ILE D 285 -28.78 -36.97 -21.09
N LYS D 286 -28.78 -38.22 -21.53
CA LYS D 286 -29.92 -39.10 -21.35
C LYS D 286 -29.50 -40.54 -21.64
N TYR D 287 -29.85 -41.45 -20.73
CA TYR D 287 -29.48 -42.85 -20.88
C TYR D 287 -30.13 -43.44 -22.12
N GLY D 288 -29.39 -44.29 -22.83
CA GLY D 288 -29.87 -44.95 -24.01
C GLY D 288 -29.33 -44.42 -25.31
N GLU D 289 -28.64 -43.28 -25.32
CA GLU D 289 -28.08 -42.73 -26.54
C GLU D 289 -26.99 -41.74 -26.18
N ALA D 290 -26.19 -41.38 -27.17
CA ALA D 290 -25.13 -40.41 -26.96
C ALA D 290 -25.73 -39.04 -26.64
N PRO D 291 -25.31 -38.40 -25.55
CA PRO D 291 -25.79 -37.04 -25.27
C PRO D 291 -25.39 -36.07 -26.37
N LYS D 292 -26.25 -35.08 -26.58
CA LYS D 292 -26.06 -34.10 -27.63
C LYS D 292 -25.58 -32.77 -27.04
N MET D 293 -25.07 -31.91 -27.92
CA MET D 293 -24.61 -30.58 -27.52
C MET D 293 -25.26 -29.52 -28.40
N THR D 294 -25.63 -28.40 -27.78
CA THR D 294 -26.21 -27.24 -28.47
C THR D 294 -25.44 -26.00 -28.06
N PRO D 295 -24.28 -25.73 -28.66
CA PRO D 295 -23.54 -24.52 -28.29
C PRO D 295 -24.30 -23.27 -28.69
N ILE D 296 -24.51 -22.38 -27.73
CA ILE D 296 -25.23 -21.13 -27.97
C ILE D 296 -24.26 -19.96 -27.81
N PRO D 297 -24.38 -18.92 -28.63
CA PRO D 297 -23.40 -17.83 -28.59
C PRO D 297 -23.78 -16.76 -27.58
N LEU D 298 -22.87 -15.81 -27.42
CA LEU D 298 -23.04 -14.69 -26.50
C LEU D 298 -23.16 -13.37 -27.28
N GLU D 299 -24.14 -12.56 -26.89
CA GLU D 299 -24.40 -11.28 -27.52
C GLU D 299 -23.91 -10.11 -26.67
N THR D 300 -23.17 -10.39 -25.61
CA THR D 300 -22.67 -9.35 -24.72
C THR D 300 -21.17 -9.50 -24.51
N ILE D 301 -20.46 -9.67 -25.61
CA ILE D 301 -19.01 -9.51 -25.66
C ILE D 301 -18.72 -8.37 -26.60
N ARG D 302 -17.92 -7.41 -26.13
CA ARG D 302 -17.55 -6.29 -26.98
C ARG D 302 -16.76 -6.79 -28.19
N THR D 303 -17.00 -6.17 -29.34
CA THR D 303 -16.33 -6.58 -30.56
C THR D 303 -14.82 -6.46 -30.39
N PHE D 304 -14.10 -7.43 -30.94
CA PHE D 304 -12.65 -7.45 -30.86
C PHE D 304 -12.10 -7.71 -32.25
N LYS D 305 -10.94 -7.13 -32.52
CA LYS D 305 -10.17 -7.43 -33.72
C LYS D 305 -8.70 -7.49 -33.34
N MET D 306 -7.90 -8.13 -34.19
CA MET D 306 -6.48 -8.29 -33.88
C MET D 306 -5.71 -8.37 -35.18
N LYS D 307 -4.47 -7.87 -35.15
CA LYS D 307 -3.58 -7.97 -36.29
C LYS D 307 -2.15 -7.81 -35.78
N SER D 308 -1.43 -8.92 -35.67
CA SER D 308 -0.01 -8.88 -35.32
C SER D 308 0.77 -8.72 -36.61
N ILE D 309 1.07 -7.47 -36.96
CA ILE D 309 1.73 -7.15 -38.22
C ILE D 309 3.06 -6.49 -37.91
N SER D 310 4.13 -7.10 -38.40
CA SER D 310 5.45 -6.47 -38.34
C SER D 310 5.56 -5.39 -39.41
N LEU D 311 6.51 -4.49 -39.20
CA LEU D 311 6.78 -3.46 -40.20
C LEU D 311 7.55 -3.99 -41.39
N GLN D 312 8.03 -5.23 -41.33
CA GLN D 312 8.71 -5.85 -42.46
C GLN D 312 7.74 -6.37 -43.51
N ASP D 313 6.45 -6.49 -43.18
CA ASP D 313 5.49 -7.04 -44.12
C ASP D 313 5.25 -6.09 -45.28
N VAL D 314 4.74 -4.90 -44.99
CA VAL D 314 4.44 -3.92 -46.04
C VAL D 314 5.75 -3.33 -46.56
N PRO D 315 5.88 -3.10 -47.87
CA PRO D 315 7.06 -2.40 -48.38
C PRO D 315 7.03 -0.90 -48.09
N HIS D 316 7.97 -0.16 -48.69
CA HIS D 316 8.02 1.30 -48.69
C HIS D 316 8.16 1.88 -47.27
N LEU D 317 8.86 1.16 -46.40
CA LEU D 317 9.12 1.62 -45.04
C LEU D 317 10.62 1.76 -44.84
N ARG D 318 11.12 3.00 -44.88
CA ARG D 318 12.53 3.24 -44.58
C ARG D 318 12.79 3.06 -43.09
N PRO D 319 14.01 2.67 -42.71
CA PRO D 319 14.31 2.55 -41.28
C PRO D 319 14.16 3.84 -40.50
N HIS D 320 14.51 4.99 -41.10
CA HIS D 320 14.48 6.24 -40.35
C HIS D 320 13.08 6.82 -40.21
N ASP D 321 12.08 6.24 -40.89
CA ASP D 321 10.75 6.83 -40.93
C ASP D 321 10.13 6.85 -39.55
N LYS D 322 9.53 7.98 -39.20
CA LYS D 322 8.75 8.12 -37.98
C LYS D 322 7.31 8.55 -38.26
N ASP D 323 7.11 9.50 -39.15
CA ASP D 323 5.75 9.88 -39.55
C ASP D 323 5.15 8.87 -40.51
N ALA D 324 5.97 8.26 -41.37
CA ALA D 324 5.45 7.34 -42.37
C ALA D 324 4.94 6.06 -41.73
N THR D 325 5.71 5.48 -40.80
CA THR D 325 5.24 4.28 -40.10
C THR D 325 4.00 4.56 -39.29
N SER D 326 3.98 5.70 -38.60
CA SER D 326 2.80 6.07 -37.82
C SER D 326 1.59 6.28 -38.72
N LYS D 327 1.80 6.89 -39.89
CA LYS D 327 0.68 7.10 -40.81
C LYS D 327 0.15 5.78 -41.37
N TYR D 328 1.05 4.85 -41.72
CA TYR D 328 0.62 3.55 -42.23
C TYR D 328 -0.15 2.77 -41.18
N LEU D 329 0.37 2.74 -39.96
CA LEU D 329 -0.37 2.07 -38.89
C LEU D 329 -1.68 2.79 -38.59
N ILE D 330 -1.71 4.12 -38.72
CA ILE D 330 -2.94 4.86 -38.51
C ILE D 330 -3.99 4.43 -39.50
N GLU D 331 -3.64 4.32 -40.78
CA GLU D 331 -4.65 3.92 -41.76
C GLU D 331 -5.02 2.45 -41.61
N GLN D 332 -4.08 1.60 -41.16
CA GLN D 332 -4.42 0.21 -40.89
C GLN D 332 -5.43 0.09 -39.75
N VAL D 333 -5.21 0.85 -38.67
CA VAL D 333 -6.19 0.88 -37.59
C VAL D 333 -7.49 1.49 -38.08
N GLU D 334 -7.43 2.46 -39.00
CA GLU D 334 -8.64 3.02 -39.58
C GLU D 334 -9.46 1.94 -40.27
N GLU D 335 -8.80 1.12 -41.07
CA GLU D 335 -9.48 0.03 -41.76
C GLU D 335 -10.06 -0.97 -40.78
N MET D 336 -9.29 -1.33 -39.75
CA MET D 336 -9.79 -2.31 -38.79
C MET D 336 -10.95 -1.74 -37.98
N ILE D 337 -10.91 -0.45 -37.66
CA ILE D 337 -11.99 0.20 -36.94
C ILE D 337 -13.25 0.23 -37.80
N ARG D 338 -13.09 0.51 -39.09
CA ARG D 338 -14.23 0.46 -40.00
C ARG D 338 -14.85 -0.93 -40.03
N ASP D 339 -14.02 -1.95 -40.19
CA ASP D 339 -14.53 -3.33 -40.27
C ASP D 339 -15.24 -3.72 -38.99
N ALA D 340 -14.62 -3.45 -37.85
CA ALA D 340 -15.22 -3.79 -36.57
C ALA D 340 -16.53 -3.04 -36.36
N ASN D 341 -16.57 -1.75 -36.73
CA ASN D 341 -17.79 -0.98 -36.51
C ASN D 341 -18.92 -1.43 -37.42
N GLU D 342 -18.62 -1.80 -38.66
CA GLU D 342 -19.69 -2.25 -39.54
C GLU D 342 -20.20 -3.63 -39.13
N GLU D 343 -19.31 -4.51 -38.68
CA GLU D 343 -19.79 -5.80 -38.18
C GLU D 343 -20.53 -5.64 -36.87
N THR D 344 -20.16 -4.66 -36.04
CA THR D 344 -20.92 -4.37 -34.84
C THR D 344 -22.30 -3.82 -35.19
N LYS D 345 -22.36 -2.96 -36.21
CA LYS D 345 -23.64 -2.42 -36.65
C LYS D 345 -24.56 -3.53 -37.13
N GLN D 346 -24.03 -4.49 -37.90
CA GLN D 346 -24.87 -5.60 -38.34
C GLN D 346 -25.26 -6.48 -37.16
N LYS D 347 -24.35 -6.66 -36.18
CA LYS D 347 -24.65 -7.50 -35.03
C LYS D 347 -25.78 -6.90 -34.21
N LEU D 348 -25.77 -5.59 -34.00
CA LEU D 348 -26.86 -4.94 -33.28
C LEU D 348 -28.12 -4.85 -34.14
N ALA D 349 -27.97 -4.74 -35.47
CA ALA D 349 -29.12 -4.65 -36.34
C ALA D 349 -29.88 -5.97 -36.43
N ASP D 350 -29.20 -7.10 -36.24
CA ASP D 350 -29.84 -8.41 -36.31
C ASP D 350 -30.26 -8.93 -34.94
N ASP D 351 -30.66 -8.02 -34.04
CA ASP D 351 -31.23 -8.38 -32.75
C ASP D 351 -32.73 -8.19 -32.70
N GLY D 352 -33.30 -7.39 -33.59
CA GLY D 352 -34.71 -7.07 -33.55
C GLY D 352 -34.95 -5.60 -33.77
N GLU D 353 -33.93 -4.79 -33.55
CA GLU D 353 -33.98 -3.35 -33.76
C GLU D 353 -32.97 -2.97 -34.85
N GLY D 354 -33.40 -2.08 -35.75
CA GLY D 354 -32.52 -1.60 -36.80
C GLY D 354 -32.69 -0.12 -37.06
N ASP D 355 -33.64 0.50 -36.38
CA ASP D 355 -34.00 1.89 -36.63
C ASP D 355 -33.47 2.86 -35.56
N MET D 356 -33.15 2.36 -34.37
CA MET D 356 -32.66 3.23 -33.30
C MET D 356 -31.19 3.54 -33.55
N VAL D 357 -30.92 4.73 -34.08
CA VAL D 357 -29.54 5.19 -34.25
C VAL D 357 -29.17 5.89 -32.94
N ALA D 358 -28.80 5.10 -31.95
CA ALA D 358 -28.49 5.60 -30.62
C ALA D 358 -26.99 5.67 -30.37
N GLU D 359 -26.32 4.52 -30.45
CA GLU D 359 -24.89 4.46 -30.21
C GLU D 359 -24.34 3.20 -30.85
N LEU D 360 -23.05 3.01 -30.71
CA LEU D 360 -22.36 1.84 -31.24
C LEU D 360 -21.15 1.61 -30.34
N PRO D 361 -21.19 0.54 -29.53
CA PRO D 361 -20.10 0.31 -28.56
C PRO D 361 -18.75 0.18 -29.25
N LYS D 362 -17.73 0.73 -28.60
CA LYS D 362 -16.43 0.83 -29.23
C LYS D 362 -15.78 -0.55 -29.36
N PRO D 363 -15.07 -0.81 -30.44
CA PRO D 363 -14.41 -2.10 -30.60
C PRO D 363 -13.02 -2.15 -30.00
N LEU D 364 -12.77 -3.11 -29.12
CA LEU D 364 -11.40 -3.34 -28.65
C LEU D 364 -10.52 -3.67 -29.84
N ILE D 365 -9.37 -3.01 -29.92
CA ILE D 365 -8.45 -3.16 -31.03
C ILE D 365 -7.07 -3.44 -30.47
N ARG D 366 -6.36 -4.39 -31.06
CA ARG D 366 -5.00 -4.68 -30.66
C ARG D 366 -4.11 -4.73 -31.89
N LEU D 367 -2.97 -4.05 -31.81
CA LEU D 367 -1.93 -4.11 -32.82
C LEU D 367 -0.63 -4.56 -32.17
N ARG D 368 0.06 -5.48 -32.84
CA ARG D 368 1.32 -6.00 -32.36
C ARG D 368 2.36 -5.73 -33.43
N VAL D 369 3.30 -4.84 -33.14
CA VAL D 369 4.28 -4.41 -34.13
C VAL D 369 5.63 -4.98 -33.73
N ASP D 370 6.14 -5.89 -34.54
CA ASP D 370 7.51 -6.38 -34.42
C ASP D 370 8.37 -5.47 -35.28
N TYR D 371 8.96 -4.45 -34.65
CA TYR D 371 9.80 -3.51 -35.38
C TYR D 371 11.23 -4.02 -35.31
N SER D 372 11.60 -4.88 -36.25
CA SER D 372 12.94 -5.42 -36.36
C SER D 372 13.40 -5.26 -37.80
N ALA D 373 14.60 -4.73 -37.99
CA ALA D 373 15.17 -4.65 -39.33
C ALA D 373 15.43 -6.06 -39.84
N PRO D 374 15.34 -6.29 -41.15
CA PRO D 374 15.72 -7.61 -41.69
C PRO D 374 17.19 -7.91 -41.39
N SER D 375 17.46 -9.17 -41.05
CA SER D 375 18.79 -9.55 -40.60
C SER D 375 19.84 -9.50 -41.70
N ASN D 376 19.42 -9.48 -42.97
CA ASN D 376 20.38 -9.42 -44.06
C ASN D 376 21.13 -8.10 -44.08
N THR D 377 20.44 -6.98 -43.87
CA THR D 377 21.12 -5.71 -43.84
C THR D 377 21.88 -5.54 -42.52
N GLN D 378 22.94 -4.72 -42.57
CA GLN D 378 23.77 -4.47 -41.40
C GLN D 378 23.59 -3.07 -40.84
N SER D 379 22.44 -2.45 -41.09
CA SER D 379 22.18 -1.12 -40.53
C SER D 379 21.85 -1.24 -39.04
N PRO D 380 22.56 -0.55 -38.15
CA PRO D 380 22.31 -0.73 -36.71
C PRO D 380 20.91 -0.32 -36.28
N ILE D 381 20.33 0.71 -36.91
CA ILE D 381 19.06 1.24 -36.44
C ILE D 381 17.92 0.29 -36.76
N ASP D 382 16.84 0.40 -36.00
CA ASP D 382 15.63 -0.39 -36.17
C ASP D 382 14.59 0.39 -36.95
N TYR D 383 13.36 -0.14 -37.00
CA TYR D 383 12.21 0.60 -37.52
C TYR D 383 11.60 1.36 -36.35
N GLN D 384 11.79 2.68 -36.34
CA GLN D 384 11.36 3.48 -35.20
C GLN D 384 9.85 3.62 -35.18
N VAL D 385 9.29 3.65 -33.96
CA VAL D 385 7.86 3.76 -33.74
C VAL D 385 7.61 4.93 -32.78
N GLU D 386 6.36 5.15 -32.45
CA GLU D 386 5.97 6.20 -31.53
C GLU D 386 5.83 5.63 -30.12
N ASN D 387 5.44 6.48 -29.18
CA ASN D 387 5.11 6.03 -27.85
C ASN D 387 3.81 5.23 -27.90
N PRO D 388 3.79 3.99 -27.43
CA PRO D 388 2.60 3.14 -27.64
C PRO D 388 1.34 3.68 -27.02
N ARG D 389 1.46 4.34 -25.87
CA ARG D 389 0.27 4.93 -25.27
C ARG D 389 -0.19 6.17 -26.03
N ARG D 390 0.75 7.01 -26.44
CA ARG D 390 0.39 8.23 -27.15
C ARG D 390 0.33 8.05 -28.66
N PHE D 391 0.85 6.94 -29.20
CA PHE D 391 0.49 6.56 -30.56
C PHE D 391 -0.99 6.32 -30.67
N SER D 392 -1.62 5.88 -29.58
CA SER D 392 -3.01 5.47 -29.58
C SER D 392 -3.82 6.37 -28.67
N ASN D 393 -3.24 7.46 -28.19
CA ASN D 393 -4.01 8.46 -27.47
C ASN D 393 -4.83 9.33 -28.41
N ARG D 394 -4.62 9.23 -29.72
CA ARG D 394 -5.43 9.93 -30.70
C ARG D 394 -6.64 9.12 -31.13
N PHE D 395 -6.81 7.91 -30.61
CA PHE D 395 -7.99 7.10 -30.90
C PHE D 395 -9.05 7.19 -29.82
N VAL D 396 -8.81 7.97 -28.77
CA VAL D 396 -9.77 8.08 -27.68
C VAL D 396 -11.06 8.68 -28.22
N GLY D 397 -12.19 8.13 -27.78
CA GLY D 397 -13.48 8.47 -28.33
C GLY D 397 -13.89 7.65 -29.52
N ARG D 398 -13.03 6.75 -29.99
CA ARG D 398 -13.39 5.81 -31.04
C ARG D 398 -13.11 4.35 -30.68
N VAL D 399 -12.33 4.08 -29.64
CA VAL D 399 -11.84 2.75 -29.32
C VAL D 399 -12.04 2.48 -27.84
N ALA D 400 -12.45 1.26 -27.51
CA ALA D 400 -12.79 0.93 -26.13
C ALA D 400 -11.58 1.02 -25.21
N ASN D 401 -10.43 0.47 -25.64
CA ASN D 401 -9.18 0.55 -24.87
C ASN D 401 -8.43 1.78 -25.37
N GLY D 402 -8.53 2.88 -24.62
CA GLY D 402 -7.97 4.14 -25.09
C GLY D 402 -6.46 4.12 -25.24
N ASN D 403 -5.77 3.52 -24.26
CA ASN D 403 -4.32 3.63 -24.17
C ASN D 403 -3.58 2.48 -24.85
N ASN D 404 -3.90 1.24 -24.49
CA ASN D 404 -3.12 0.08 -24.94
C ASN D 404 -3.70 -0.54 -26.21
N VAL D 405 -3.87 0.29 -27.24
CA VAL D 405 -4.27 -0.24 -28.55
C VAL D 405 -3.12 -1.01 -29.16
N VAL D 406 -1.90 -0.53 -29.01
CA VAL D 406 -0.75 -1.17 -29.63
C VAL D 406 0.20 -1.67 -28.55
N GLN D 407 0.98 -2.67 -28.91
CA GLN D 407 2.16 -3.05 -28.13
C GLN D 407 3.28 -3.31 -29.10
N PHE D 408 4.44 -2.68 -28.85
CA PHE D 408 5.55 -2.68 -29.79
C PHE D 408 6.57 -3.72 -29.34
N TYR D 409 6.30 -4.98 -29.68
CA TYR D 409 7.16 -6.07 -29.26
C TYR D 409 8.27 -6.31 -30.27
N LYS D 410 9.11 -7.31 -29.98
CA LYS D 410 10.18 -7.75 -30.85
C LYS D 410 10.09 -9.27 -31.01
N LYS D 411 10.41 -9.75 -32.21
CA LYS D 411 10.51 -11.18 -32.47
C LYS D 411 11.42 -11.41 -33.66
N ARG D 412 12.43 -12.27 -33.46
CA ARG D 412 13.40 -12.58 -34.50
C ARG D 412 12.78 -13.41 -35.61
#